data_6UPL
#
_entry.id   6UPL
#
loop_
_entity.id
_entity.type
_entity.pdbx_description
1 polymer 'Histone H3.1'
2 polymer 'Histone H4'
3 polymer 'Histone H2A'
4 polymer 'Histone H2B'
5 polymer 'FACT complex subunit SPT16'
6 polymer 'FACT complex subunit SSRP1'
7 polymer 'DNA (79-mer)'
8 polymer 'DNA (79-mer)'
#
loop_
_entity_poly.entity_id
_entity_poly.type
_entity_poly.pdbx_seq_one_letter_code
_entity_poly.pdbx_strand_id
1 'polypeptide(L)'
;MARTKQTARKSTGGKAPRKQLATKAARKSAPATGGVKKPHRYRPGTVALREIRRYQKSTELLIRKLPFQRLVREIAQDFK
TDLRFQSSAVMALQEACEAYLVGLFEDTNLCAIHAKRVTIMPKDIQLARRIRGERA
;
A,E
2 'polypeptide(L)'
;MSGRGKGGKGLGKGGAKRHRKVLRDNIQGITKPAIRRLARRGGVKRISGLIYEETRGVLKVFLENVIRDAVTYTEHAKRK
TVTAMDVVYALKRQGRTLYGFGG
;
B,F
3 'polypeptide(L)'
;MSGRGKQGGKARAKAKSRSSRAGLQFPVGRVHRLLRKGNYAERVGAGAPVYLAAVLEYLTAEILELAGNAARDNKKTRII
PRHLQLAIRNDEELNKLLGRVTIAQGGVLPNIQAVLLPKKTESHHKAKGK
;
C,K
4 'polypeptide(L)'
;MPEPAKSAPAPKKGSKKAVTKAQKKDGKKRKRSRKESYSVYVYKVLKQVHPDTGISSKAMGIMNSFVNDIFERIAGEASR
LAHYNKRSTITSREIQTAVRLLLPGELAKHAVSEGTKAVTKYTSSK
;
D,L
5 'polypeptide(L)'
;MHHHHHHAVTLDKDAYYRRVKRLYSNWRKGEDEYANVDAIVVSVGVDEEIVYAKSTALQTWLFGYELTDTIMVFCDDKII
FMASKKKVEFLKQIANTKGNENANGAPAITLLIREKNESNKSSFDKMIEAIKESKNGKKIGVFSKDKFPGEFMKSWNDCL
NKEGFDKIDISAVVAYTIAVKEDGELNLMKKAASITSEVFNKFFKERVMEIVDADEKVRHSKLAESVEKAIEEKKYLAGA
DPSTVEMCYPPIIQSGGNYNLKFSVVSDKNHMHFGAITCAMGIRFKSYCSNLVRTLMVDPSQEVQENYNFLLQLQEELLK
ELRHGVKICDVYNAVMDVVKKQKPELLNKITKNLGFGMGIEFREGSLVINSKNQYKLKKGMVFSINLGFSDLTNKEGKKP
EEKTYALFIGDTVLVDEDGPATVLTSVKKKVKNVGIFLKNEDEEEEEEEKDEAEDLLGRGSRAALLTERTRNEMTAEEKR
RAHQKELAAQLNEEAKRRLTEQKGEQQIQKARKSNVSYKNPSLMPKEPHIREMKIYIDKKYETVIMPVFGIATPFHIATI
KNISMSVEGDYTYLRINFYCPGSALGRNEGNIFPNPEATFVKEITYRASNIKAPGEQTVPALNLQNAFRIIKEVQKRYK
(UNK)(UNK)(UNK)(UNK)(UNK)(UNK)(UNK)(UNK)(UNK)(UNK)(UNK)(UNK)VKQDSLVINLNRSNPKLKDL
YIRPNIAQKRMQGSLEAHVNGFRFTSVRGDKVDILYNNIKHALFQPCDGEMIIVLHFHLKNAIMFGKKRHTDVQFYTEVG
EITTDLGKHQHMHDRDDLYAEQMEREMRHKLKTAFKNFIEKVEALTKEELEFEVPFRDLGFNGAPYRSTCLLQPTSSALV
NATEWPPFVVTLDEVELIHFERVQFHLKNFDMVIVYKDYSKKVTMINAIPVASLDPIKEWLNSCDLKYTEGVQSLNWTKI
MKTIVDDPEGFFEQGGWSFL(UNK)(UNK)(UNK)(UNK)(UNK)(UNK)(UNK)(UNK)(UNK)(UNK)(UNK)(UNK)
(UNK)(UNK)(UNK)(UNK)(UNK)(UNK)(UNK)(UNK)(UNK)(UNK)(UNK)(UNK)(UNK)(UNK)(UNK)(UNK)
(UNK)(UNK)(UNK)(UNK)(UNK)(UNK)(UNK)
;
G
6 'polypeptide(L)'
;MAETLEFNDVYQEVKGSMNDGRLRLSRQGIIFKNSKTGKVDNIQAGELTEGIWRRVALGHGLKLLTKNGHVYKYDGFRES
EFEKLSDFFKTHYRLELMEKDLCVKGWNWGTVKFGGQLLSFDIGDQPVFEIPLSNVSQCTTGKNEVTLEFHQNDDAEVSL
MEVRFYVPPTQ(UNK)(UNK)(UNK)(UNK)(UNK)(UNK)(UNK)(UNK)(UNK)(UNK)(UNK)(UNK)(UNK)
(UNK)(UNK)(UNK)(UNK)(UNK)(UNK)(UNK)(UNK)(UNK)(UNK)(UNK)(UNK)DAICIFRELQCLTPRGRYDI
RIYPTFLHLHGKTFDYKIPYTTVLRLFLLPHKDQRQMFFVISLDPPIKQGQTRYHFLILLFSKDEDISLTLNMNEEEVEK
RFEGRLTKNMSGSLYEMVSRVMKALVNRKITVPGNFQGHSGAQCITCSYKASSGLLYPLERGFIYVHKPPVHIRFDEISF
VNFARGTTTTRSFDFEIETKQGTQYTFSSIEREEYGKLFDFVNAKKLNIKNRGLKEGMNPSYDEYADSDEDQHDAYLERM
KEEGKIREENANDSSDDSGEETDESFNPGEEEEDVAEEFDSNASASSSSNEGDSDRDEKKRKQLKKAKMAKDRKSRKKPV
EVKKGKDPNAPKRPMSAYMLWLNASREKIKSDHPGISITDLSKKAGEIWKGMSKEKKEEWDRKAEDARRDYEKAMKEYEG
GRGESSKRDKSKKKKKVKVKMEKK
;
H
7 'polydeoxyribonucleotide'
;(DT)(DC)(DG)(DT)(DA)(DG)(DA)(DC)(DA)(DG)(DC)(DT)(DC)(DT)(DA)(DG)(DC)(DA)(DC)(DC)
(DG)(DC)(DT)(DT)(DA)(DA)(DA)(DC)(DG)(DC)(DA)(DC)(DG)(DT)(DA)(DC)(DG)(DC)(DG)(DC)
(DT)(DG)(DT)(DC)(DC)(DC)(DC)(DC)(DG)(DC)(DG)(DT)(DT)(DT)(DT)(DA)(DA)(DC)(DC)(DG)
(DC)(DC)(DA)(DA)(DG)(DG)(DG)(DG)(DA)(DT)(DT)(DA)(DC)(DT)(DC)(DC)(DC)(DT)(DA)
;
I
8 'polydeoxyribonucleotide'
;(DT)(DA)(DG)(DG)(DG)(DA)(DG)(DT)(DA)(DA)(DT)(DC)(DC)(DC)(DC)(DT)(DT)(DG)(DG)(DC)
(DG)(DG)(DT)(DT)(DA)(DA)(DA)(DA)(DC)(DG)(DC)(DG)(DG)(DG)(DG)(DG)(DA)(DC)(DA)(DG)
(DC)(DG)(DC)(DG)(DT)(DA)(DC)(DG)(DT)(DG)(DC)(DG)(DT)(DT)(DT)(DA)(DA)(DG)(DC)(DG)
(DG)(DT)(DG)(DC)(DT)(DA)(DG)(DA)(DG)(DC)(DT)(DG)(DT)(DC)(DT)(DA)(DC)(DG)(DA)
;
J
#
# COMPACT_ATOMS: atom_id res chain seq x y z
N PRO A 39 32.56 -9.87 -15.62
CA PRO A 39 31.40 -9.05 -15.97
C PRO A 39 30.43 -8.88 -14.80
N HIS A 40 30.33 -7.66 -14.29
CA HIS A 40 29.48 -7.39 -13.14
C HIS A 40 28.15 -6.78 -13.59
N ARG A 41 27.08 -7.20 -12.95
CA ARG A 41 25.76 -6.63 -13.14
C ARG A 41 25.25 -6.27 -11.76
N TYR A 42 25.05 -4.97 -11.51
CA TYR A 42 24.85 -4.47 -10.15
C TYR A 42 23.51 -4.92 -9.58
N ARG A 43 23.57 -5.45 -8.37
CA ARG A 43 22.39 -5.97 -7.71
C ARG A 43 21.48 -4.84 -7.25
N PRO A 44 20.19 -4.92 -7.55
CA PRO A 44 19.30 -3.78 -7.32
C PRO A 44 18.97 -3.61 -5.84
N GLY A 45 18.60 -2.39 -5.48
CA GLY A 45 18.09 -2.09 -4.16
C GLY A 45 19.06 -1.23 -3.38
N THR A 46 20.33 -1.60 -3.43
CA THR A 46 21.36 -0.77 -2.81
C THR A 46 21.61 0.48 -3.66
N VAL A 47 21.53 0.32 -4.98
CA VAL A 47 21.48 1.46 -5.90
C VAL A 47 20.28 2.33 -5.58
N ALA A 48 19.14 1.70 -5.29
CA ALA A 48 17.94 2.46 -4.92
C ALA A 48 18.11 3.13 -3.56
N LEU A 49 18.87 2.51 -2.66
CA LEU A 49 19.20 3.16 -1.39
C LEU A 49 20.06 4.40 -1.61
N ARG A 50 21.03 4.31 -2.51
CA ARG A 50 21.87 5.45 -2.84
C ARG A 50 21.05 6.55 -3.51
N GLU A 51 20.06 6.15 -4.32
CA GLU A 51 19.22 7.14 -4.98
C GLU A 51 18.23 7.76 -4.01
N ILE A 52 17.82 7.02 -2.98
CA ILE A 52 17.06 7.62 -1.89
C ILE A 52 17.92 8.64 -1.14
N ARG A 53 19.16 8.27 -0.82
CA ARG A 53 20.04 9.18 -0.09
C ARG A 53 20.43 10.39 -0.92
N ARG A 54 20.46 10.26 -2.23
CA ARG A 54 20.86 11.37 -3.09
C ARG A 54 19.68 12.25 -3.47
N TYR A 55 18.64 11.65 -4.06
CA TYR A 55 17.67 12.45 -4.79
C TYR A 55 16.55 12.94 -3.88
N GLN A 56 16.24 12.20 -2.81
CA GLN A 56 15.31 12.72 -1.82
C GLN A 56 15.94 13.88 -1.06
N LYS A 57 17.25 13.84 -0.88
CA LYS A 57 18.02 14.97 -0.41
C LYS A 57 18.03 16.12 -1.41
N SER A 58 18.25 15.82 -2.69
CA SER A 58 18.39 16.87 -3.70
C SER A 58 17.05 17.47 -4.06
N THR A 59 17.10 18.60 -4.77
CA THR A 59 15.94 19.41 -5.09
C THR A 59 15.79 19.58 -6.59
N GLU A 60 16.55 18.83 -7.38
CA GLU A 60 16.69 19.09 -8.80
C GLU A 60 15.63 18.36 -9.62
N LEU A 61 15.48 18.80 -10.87
CA LEU A 61 14.40 18.33 -11.73
C LEU A 61 14.74 16.99 -12.36
N LEU A 62 13.76 16.10 -12.41
CA LEU A 62 14.00 14.78 -12.97
C LEU A 62 13.62 14.73 -14.45
N ILE A 63 12.36 15.05 -14.77
CA ILE A 63 12.01 15.30 -16.16
C ILE A 63 12.69 16.59 -16.62
N ARG A 64 13.08 16.62 -17.89
CA ARG A 64 13.81 17.78 -18.38
C ARG A 64 12.83 18.93 -18.64
N LYS A 65 13.39 20.13 -18.69
CA LYS A 65 12.65 21.39 -18.65
C LYS A 65 11.81 21.63 -19.89
N LEU A 66 12.35 21.33 -21.07
CA LEU A 66 11.69 21.75 -22.30
C LEU A 66 10.45 20.91 -22.65
N PRO A 67 10.44 19.56 -22.54
CA PRO A 67 9.14 18.86 -22.70
C PRO A 67 8.13 19.26 -21.65
N PHE A 68 8.60 19.57 -20.45
CA PHE A 68 7.74 20.09 -19.41
C PHE A 68 7.09 21.41 -19.82
N GLN A 69 7.89 22.38 -20.25
CA GLN A 69 7.38 23.70 -20.64
C GLN A 69 6.46 23.60 -21.86
N ARG A 70 6.80 22.74 -22.80
CA ARG A 70 5.95 22.46 -23.94
C ARG A 70 4.61 21.92 -23.47
N LEU A 71 4.62 21.03 -22.49
CA LEU A 71 3.38 20.51 -21.93
C LEU A 71 2.62 21.58 -21.15
N VAL A 72 3.35 22.50 -20.52
CA VAL A 72 2.74 23.60 -19.78
C VAL A 72 1.94 24.50 -20.70
N ARG A 73 2.56 24.95 -21.78
CA ARG A 73 1.85 25.78 -22.74
C ARG A 73 0.79 24.97 -23.50
N GLU A 74 1.02 23.66 -23.65
CA GLU A 74 0.06 22.77 -24.27
C GLU A 74 -1.24 22.71 -23.48
N ILE A 75 -1.15 22.60 -22.16
CA ILE A 75 -2.36 22.59 -21.36
C ILE A 75 -2.92 24.01 -21.21
N ALA A 76 -2.03 25.01 -21.27
CA ALA A 76 -2.45 26.41 -21.18
C ALA A 76 -3.30 26.84 -22.37
N GLN A 77 -3.07 26.26 -23.54
CA GLN A 77 -3.81 26.66 -24.73
C GLN A 77 -5.28 26.21 -24.68
N ASP A 78 -5.60 25.27 -23.77
CA ASP A 78 -6.91 24.62 -23.76
C ASP A 78 -8.08 25.55 -23.45
N PHE A 79 -7.83 26.79 -23.04
CA PHE A 79 -8.91 27.72 -22.78
C PHE A 79 -8.63 29.08 -23.43
N LYS A 80 -7.36 29.39 -23.66
CA LYS A 80 -6.98 30.74 -24.03
C LYS A 80 -5.65 30.76 -24.76
N THR A 81 -5.56 31.60 -25.79
CA THR A 81 -4.32 31.85 -26.49
C THR A 81 -3.50 32.91 -25.76
N ASP A 82 -2.28 33.13 -26.27
CA ASP A 82 -1.39 34.24 -25.95
C ASP A 82 -1.08 34.31 -24.45
N LEU A 83 -0.42 33.29 -23.93
CA LEU A 83 -0.15 33.19 -22.51
C LEU A 83 1.35 33.17 -22.32
N ARG A 84 1.96 34.36 -22.28
CA ARG A 84 3.38 34.45 -22.05
C ARG A 84 3.67 34.14 -20.59
N PHE A 85 4.74 33.39 -20.36
CA PHE A 85 4.99 32.80 -19.05
C PHE A 85 6.33 33.28 -18.52
N GLN A 86 6.28 34.00 -17.40
CA GLN A 86 7.46 34.18 -16.59
C GLN A 86 7.83 32.82 -16.00
N SER A 87 8.94 32.29 -16.50
CA SER A 87 9.23 30.86 -16.35
C SER A 87 9.60 30.51 -14.92
N SER A 88 9.93 31.51 -14.11
CA SER A 88 10.13 31.30 -12.68
C SER A 88 8.86 30.76 -12.03
N ALA A 89 7.70 31.29 -12.41
CA ALA A 89 6.43 30.76 -11.96
C ALA A 89 6.24 29.33 -12.41
N VAL A 90 6.71 29.02 -13.62
CA VAL A 90 6.57 27.69 -14.18
C VAL A 90 7.42 26.70 -13.40
N MET A 91 8.62 27.12 -13.01
CA MET A 91 9.48 26.27 -12.20
C MET A 91 8.93 26.14 -10.79
N ALA A 92 8.28 27.19 -10.30
CA ALA A 92 7.68 27.16 -8.98
C ALA A 92 6.55 26.15 -8.91
N LEU A 93 5.65 26.19 -9.89
CA LEU A 93 4.58 25.21 -9.94
C LEU A 93 5.10 23.83 -10.27
N GLN A 94 6.22 23.74 -11.00
CA GLN A 94 6.87 22.47 -11.24
C GLN A 94 7.32 21.84 -9.94
N GLU A 95 8.06 22.60 -9.13
CA GLU A 95 8.52 22.12 -7.84
C GLU A 95 7.34 21.78 -6.92
N ALA A 96 6.27 22.59 -6.97
CA ALA A 96 5.12 22.35 -6.13
C ALA A 96 4.41 21.05 -6.49
N CYS A 97 4.17 20.84 -7.78
CA CYS A 97 3.46 19.63 -8.19
C CYS A 97 4.32 18.40 -8.01
N GLU A 98 5.62 18.51 -8.28
CA GLU A 98 6.53 17.38 -8.07
C GLU A 98 6.63 17.02 -6.60
N ALA A 99 6.63 18.02 -5.72
CA ALA A 99 6.65 17.73 -4.29
C ALA A 99 5.34 17.12 -3.84
N TYR A 100 4.23 17.53 -4.45
CA TYR A 100 2.96 16.88 -4.21
C TYR A 100 3.00 15.42 -4.62
N LEU A 101 3.60 15.15 -5.78
CA LEU A 101 3.83 13.79 -6.23
C LEU A 101 4.66 13.01 -5.24
N VAL A 102 5.68 13.65 -4.67
CA VAL A 102 6.57 12.97 -3.73
C VAL A 102 5.83 12.60 -2.45
N GLY A 103 5.00 13.51 -1.94
CA GLY A 103 4.16 13.17 -0.80
C GLY A 103 3.16 12.07 -1.13
N LEU A 104 2.67 12.07 -2.37
CA LEU A 104 1.81 10.99 -2.83
C LEU A 104 2.58 9.68 -2.91
N PHE A 105 3.86 9.74 -3.27
CA PHE A 105 4.69 8.54 -3.34
C PHE A 105 4.92 7.97 -1.95
N GLU A 106 5.14 8.87 -0.98
CA GLU A 106 5.23 8.50 0.43
C GLU A 106 3.99 7.77 0.88
N ASP A 107 2.82 8.34 0.59
CA ASP A 107 1.57 7.74 1.03
C ASP A 107 1.30 6.43 0.29
N THR A 108 1.73 6.34 -0.96
CA THR A 108 1.58 5.12 -1.72
C THR A 108 2.48 4.03 -1.17
N ASN A 109 3.66 4.41 -0.71
CA ASN A 109 4.56 3.44 -0.10
C ASN A 109 4.03 3.02 1.25
N LEU A 110 3.32 3.93 1.94
CA LEU A 110 2.59 3.57 3.15
C LEU A 110 1.53 2.52 2.87
N CYS A 111 0.83 2.69 1.75
CA CYS A 111 -0.13 1.67 1.32
C CYS A 111 0.55 0.35 1.01
N ALA A 112 1.74 0.41 0.40
CA ALA A 112 2.47 -0.79 0.04
C ALA A 112 2.93 -1.56 1.27
N ILE A 113 3.43 -0.84 2.28
CA ILE A 113 3.87 -1.52 3.48
C ILE A 113 2.70 -1.95 4.33
N HIS A 114 1.56 -1.28 4.20
CA HIS A 114 0.35 -1.79 4.83
C HIS A 114 -0.07 -3.11 4.21
N ALA A 115 0.11 -3.26 2.90
CA ALA A 115 -0.07 -4.52 2.24
C ALA A 115 1.03 -5.52 2.59
N LYS A 116 2.13 -5.03 3.17
CA LYS A 116 3.36 -5.78 3.44
C LYS A 116 3.92 -6.32 2.12
N ARG A 117 3.79 -5.51 1.07
CA ARG A 117 4.15 -5.93 -0.27
C ARG A 117 5.06 -4.89 -0.90
N VAL A 118 5.45 -5.17 -2.14
CA VAL A 118 6.37 -4.29 -2.86
C VAL A 118 5.85 -3.92 -4.25
N THR A 119 4.88 -4.64 -4.79
CA THR A 119 4.34 -4.33 -6.11
C THR A 119 3.16 -3.37 -5.97
N ILE A 120 3.17 -2.30 -6.75
CA ILE A 120 2.33 -1.14 -6.50
C ILE A 120 1.09 -1.21 -7.38
N MET A 121 -0.06 -0.81 -6.84
CA MET A 121 -1.33 -0.83 -7.52
C MET A 121 -1.97 0.56 -7.52
N PRO A 122 -2.65 0.93 -8.60
CA PRO A 122 -3.32 2.24 -8.63
C PRO A 122 -4.54 2.29 -7.73
N LYS A 123 -5.10 1.12 -7.39
CA LYS A 123 -6.00 0.98 -6.25
C LYS A 123 -5.46 1.65 -5.01
N ASP A 124 -4.21 1.36 -4.68
CA ASP A 124 -3.56 1.94 -3.51
C ASP A 124 -3.40 3.44 -3.66
N ILE A 125 -3.23 3.90 -4.90
CA ILE A 125 -3.04 5.31 -5.16
C ILE A 125 -4.35 6.07 -4.93
N GLN A 126 -5.46 5.50 -5.38
CA GLN A 126 -6.74 6.13 -5.16
C GLN A 126 -7.17 6.02 -3.70
N LEU A 127 -6.76 4.94 -3.05
CA LEU A 127 -6.87 4.82 -1.59
C LEU A 127 -6.17 5.96 -0.89
N ALA A 128 -4.96 6.28 -1.34
CA ALA A 128 -4.20 7.39 -0.76
C ALA A 128 -4.88 8.72 -1.06
N ARG A 129 -5.52 8.83 -2.22
CA ARG A 129 -6.31 10.01 -2.53
C ARG A 129 -7.45 10.19 -1.54
N ARG A 130 -8.28 9.16 -1.38
CA ARG A 130 -9.47 9.29 -0.58
C ARG A 130 -9.19 9.38 0.92
N ILE A 131 -8.13 8.72 1.40
CA ILE A 131 -7.74 8.90 2.78
C ILE A 131 -7.01 10.23 2.97
N ARG A 132 -6.35 10.73 1.93
CA ARG A 132 -5.83 12.10 1.94
C ARG A 132 -6.97 13.11 2.00
N GLY A 133 -8.13 12.74 1.48
CA GLY A 133 -9.30 13.58 1.65
C GLY A 133 -9.75 14.16 0.32
N GLU A 134 -9.29 13.54 -0.77
CA GLU A 134 -9.74 13.92 -2.10
C GLU A 134 -11.05 13.26 -2.47
N ARG A 135 -11.54 12.32 -1.66
CA ARG A 135 -12.67 11.50 -2.01
C ARG A 135 -13.22 10.82 -0.76
N ASN B 26 0.13 15.78 -25.13
CA ASN B 26 1.37 15.05 -24.97
C ASN B 26 1.62 14.72 -23.51
N ILE B 27 0.78 13.85 -22.97
CA ILE B 27 0.91 13.41 -21.59
C ILE B 27 2.12 12.50 -21.43
N GLN B 28 2.61 11.93 -22.52
CA GLN B 28 3.80 11.09 -22.50
C GLN B 28 5.07 11.89 -22.63
N GLY B 29 4.99 13.22 -22.52
CA GLY B 29 6.19 14.03 -22.42
C GLY B 29 6.95 13.79 -21.12
N ILE B 30 6.27 13.27 -20.11
CA ILE B 30 6.95 12.76 -18.94
C ILE B 30 7.48 11.37 -19.25
N THR B 31 8.79 11.22 -19.18
CA THR B 31 9.39 9.93 -19.49
C THR B 31 9.24 9.01 -18.28
N LYS B 32 8.91 7.75 -18.54
CA LYS B 32 8.96 6.67 -17.58
C LYS B 32 10.26 6.60 -16.77
N PRO B 33 11.46 6.84 -17.34
CA PRO B 33 12.62 7.02 -16.45
C PRO B 33 12.57 8.23 -15.55
N ALA B 34 11.97 9.35 -15.98
CA ALA B 34 11.78 10.46 -15.04
C ALA B 34 10.83 10.06 -13.92
N ILE B 35 9.87 9.18 -14.24
CA ILE B 35 8.99 8.65 -13.22
C ILE B 35 9.75 7.72 -12.28
N ARG B 36 10.69 6.95 -12.81
CA ARG B 36 11.52 6.11 -11.95
C ARG B 36 12.44 6.94 -11.08
N ARG B 37 12.92 8.06 -11.63
CA ARG B 37 13.66 9.05 -10.85
C ARG B 37 12.80 9.61 -9.72
N LEU B 38 11.55 9.93 -10.02
CA LEU B 38 10.61 10.42 -9.02
C LEU B 38 10.28 9.35 -8.00
N ALA B 39 10.31 8.09 -8.41
CA ALA B 39 9.84 7.00 -7.55
C ALA B 39 10.93 6.49 -6.65
N ARG B 40 12.20 6.64 -7.06
CA ARG B 40 13.29 6.40 -6.14
C ARG B 40 13.59 7.65 -5.32
N ARG B 41 13.17 8.81 -5.83
CA ARG B 41 12.98 9.96 -4.97
C ARG B 41 11.69 9.81 -4.16
N GLY B 42 10.77 8.97 -4.65
CA GLY B 42 9.68 8.52 -3.82
C GLY B 42 10.13 7.45 -2.85
N GLY B 43 11.11 6.65 -3.25
CA GLY B 43 11.54 5.54 -2.43
C GLY B 43 10.59 4.36 -2.58
N VAL B 44 10.08 4.18 -3.79
CA VAL B 44 9.09 3.15 -4.10
C VAL B 44 9.68 2.21 -5.13
N LYS B 45 9.52 0.90 -4.93
CA LYS B 45 10.44 -0.05 -5.55
C LYS B 45 9.94 -0.76 -6.80
N ARG B 46 8.85 -1.50 -6.71
CA ARG B 46 8.45 -2.37 -7.81
C ARG B 46 7.15 -1.88 -8.42
N ILE B 47 7.23 -1.36 -9.65
CA ILE B 47 6.25 -0.42 -10.16
C ILE B 47 5.52 -1.01 -11.36
N SER B 48 4.22 -1.22 -11.21
CA SER B 48 3.37 -1.71 -12.29
C SER B 48 3.27 -0.69 -13.41
N GLY B 49 2.92 -1.18 -14.61
CA GLY B 49 2.81 -0.29 -15.76
C GLY B 49 1.62 0.64 -15.68
N LEU B 50 0.57 0.21 -14.97
CA LEU B 50 -0.60 1.04 -14.81
C LEU B 50 -0.45 2.09 -13.72
N ILE B 51 0.64 2.03 -12.95
CA ILE B 51 0.96 3.10 -12.03
C ILE B 51 1.21 4.39 -12.78
N TYR B 52 1.87 4.28 -13.94
CA TYR B 52 2.37 5.44 -14.66
C TYR B 52 1.24 6.33 -15.16
N GLU B 53 0.21 5.72 -15.72
CA GLU B 53 -0.85 6.53 -16.31
C GLU B 53 -1.84 7.00 -15.24
N GLU B 54 -1.98 6.22 -14.17
CA GLU B 54 -2.66 6.69 -12.96
C GLU B 54 -2.04 7.97 -12.43
N THR B 55 -0.71 7.96 -12.27
CA THR B 55 0.00 9.14 -11.80
C THR B 55 -0.09 10.28 -12.79
N ARG B 56 -0.08 9.97 -14.09
CA ARG B 56 -0.27 11.01 -15.10
C ARG B 56 -1.65 11.63 -15.00
N GLY B 57 -2.66 10.82 -14.71
CA GLY B 57 -4.01 11.35 -14.58
C GLY B 57 -4.16 12.26 -13.38
N VAL B 58 -3.65 11.84 -12.22
CA VAL B 58 -3.80 12.65 -11.02
C VAL B 58 -2.92 13.89 -11.10
N LEU B 59 -1.76 13.75 -11.73
CA LEU B 59 -0.95 14.87 -12.20
C LEU B 59 -1.77 15.88 -12.98
N LYS B 60 -2.49 15.41 -14.00
CA LYS B 60 -3.29 16.33 -14.81
C LYS B 60 -4.40 16.95 -13.99
N VAL B 61 -4.92 16.23 -13.00
CA VAL B 61 -5.99 16.76 -12.14
C VAL B 61 -5.49 17.95 -11.33
N PHE B 62 -4.44 17.72 -10.54
CA PHE B 62 -3.85 18.78 -9.72
C PHE B 62 -3.38 19.95 -10.57
N LEU B 63 -2.67 19.61 -11.65
CA LEU B 63 -2.28 20.52 -12.72
C LEU B 63 -3.43 21.38 -13.20
N GLU B 64 -4.52 20.77 -13.65
CA GLU B 64 -5.58 21.50 -14.34
C GLU B 64 -6.38 22.33 -13.36
N ASN B 65 -6.42 21.92 -12.09
CA ASN B 65 -7.12 22.73 -11.10
C ASN B 65 -6.37 24.02 -10.84
N VAL B 66 -5.07 23.91 -10.63
CA VAL B 66 -4.25 25.10 -10.40
C VAL B 66 -4.23 25.98 -11.65
N ILE B 67 -4.16 25.35 -12.82
CA ILE B 67 -4.16 26.07 -14.09
C ILE B 67 -5.48 26.81 -14.29
N ARG B 68 -6.59 26.12 -14.03
CA ARG B 68 -7.93 26.70 -14.17
C ARG B 68 -8.09 27.93 -13.31
N ASP B 69 -7.65 27.84 -12.06
CA ASP B 69 -7.86 28.94 -11.14
C ASP B 69 -6.93 30.12 -11.45
N ALA B 70 -5.67 29.81 -11.75
CA ALA B 70 -4.70 30.86 -12.05
C ALA B 70 -5.03 31.55 -13.36
N VAL B 71 -5.44 30.78 -14.38
CA VAL B 71 -5.89 31.35 -15.65
C VAL B 71 -7.14 32.18 -15.46
N THR B 72 -8.02 31.76 -14.54
CA THR B 72 -9.25 32.50 -14.30
C THR B 72 -8.97 33.87 -13.72
N TYR B 73 -8.09 33.94 -12.73
CA TYR B 73 -7.74 35.27 -12.24
C TYR B 73 -6.84 36.01 -13.23
N THR B 74 -6.05 35.29 -14.03
CA THR B 74 -5.18 35.93 -15.01
C THR B 74 -6.00 36.66 -16.07
N GLU B 75 -7.10 36.03 -16.49
CA GLU B 75 -8.11 36.72 -17.27
C GLU B 75 -8.72 37.87 -16.47
N HIS B 76 -8.96 37.65 -15.17
CA HIS B 76 -9.53 38.73 -14.38
C HIS B 76 -8.50 39.80 -14.06
N ALA B 77 -7.22 39.48 -14.12
CA ALA B 77 -6.18 40.48 -13.88
C ALA B 77 -5.88 41.34 -15.09
N LYS B 78 -6.62 41.15 -16.20
CA LYS B 78 -6.59 42.00 -17.39
C LYS B 78 -5.23 41.97 -18.09
N ARG B 79 -4.52 40.85 -17.94
CA ARG B 79 -3.18 40.71 -18.51
C ARG B 79 -3.08 39.40 -19.27
N LYS B 80 -2.01 39.28 -20.07
CA LYS B 80 -1.74 38.11 -20.91
C LYS B 80 -0.52 37.37 -20.38
N THR B 81 0.55 38.12 -20.14
CA THR B 81 1.79 37.56 -19.61
C THR B 81 1.58 37.14 -18.17
N VAL B 82 1.89 35.89 -17.87
CA VAL B 82 1.54 35.30 -16.59
C VAL B 82 2.72 35.43 -15.64
N THR B 83 2.47 36.02 -14.47
CA THR B 83 3.49 36.22 -13.45
C THR B 83 3.37 35.13 -12.38
N ALA B 84 4.12 35.28 -11.30
CA ALA B 84 4.07 34.30 -10.22
C ALA B 84 3.08 34.71 -9.16
N MET B 85 2.49 35.90 -9.26
CA MET B 85 1.47 36.29 -8.29
C MET B 85 0.20 35.50 -8.50
N ASP B 86 -0.07 35.09 -9.74
CA ASP B 86 -1.14 34.15 -10.00
C ASP B 86 -0.88 32.82 -9.32
N VAL B 87 0.39 32.39 -9.34
CA VAL B 87 0.78 31.18 -8.63
C VAL B 87 0.60 31.35 -7.14
N VAL B 88 0.97 32.53 -6.61
CA VAL B 88 0.78 32.86 -5.21
C VAL B 88 -0.69 32.77 -4.82
N TYR B 89 -1.56 33.37 -5.61
CA TYR B 89 -2.98 33.41 -5.27
C TYR B 89 -3.62 32.04 -5.43
N ALA B 90 -3.21 31.28 -6.45
CA ALA B 90 -3.76 29.96 -6.69
C ALA B 90 -3.37 28.98 -5.60
N LEU B 91 -2.07 28.87 -5.32
CA LEU B 91 -1.58 28.03 -4.23
C LEU B 91 -2.11 28.50 -2.88
N LYS B 92 -2.34 29.80 -2.74
CA LYS B 92 -2.97 30.36 -1.56
C LYS B 92 -4.36 29.80 -1.34
N ARG B 93 -5.22 29.90 -2.36
CA ARG B 93 -6.63 29.56 -2.21
C ARG B 93 -6.82 28.08 -1.90
N GLN B 94 -6.03 27.23 -2.55
CA GLN B 94 -6.07 25.81 -2.26
C GLN B 94 -5.19 25.43 -1.09
N GLY B 95 -4.45 26.38 -0.52
CA GLY B 95 -3.57 26.10 0.59
C GLY B 95 -2.32 25.35 0.20
N ARG B 96 -2.02 25.23 -1.08
CA ARG B 96 -0.78 24.57 -1.52
C ARG B 96 0.38 25.57 -1.63
N THR B 97 0.56 26.38 -0.60
CA THR B 97 1.26 27.63 -0.74
C THR B 97 2.78 27.44 -0.68
N LEU B 98 3.49 28.08 -1.60
CA LEU B 98 4.94 28.02 -1.67
C LEU B 98 5.54 29.18 -0.91
N TYR B 99 6.57 28.89 -0.13
CA TYR B 99 7.43 29.92 0.42
C TYR B 99 8.65 30.13 -0.48
N GLY B 100 9.20 31.34 -0.41
CA GLY B 100 10.37 31.68 -1.19
C GLY B 100 10.10 32.77 -2.19
N PHE B 101 8.87 32.84 -2.68
CA PHE B 101 8.48 33.79 -3.71
C PHE B 101 7.37 34.67 -3.16
N GLY B 102 7.76 35.73 -2.46
CA GLY B 102 6.82 36.75 -2.03
C GLY B 102 6.07 36.47 -0.74
N GLY B 103 5.22 35.45 -0.75
CA GLY B 103 4.35 35.18 0.38
C GLY B 103 4.39 33.74 0.88
N ARG C 12 -39.35 62.00 1.59
CA ARG C 12 -39.18 61.09 0.46
C ARG C 12 -40.41 60.22 0.27
N ALA C 13 -40.36 59.33 -0.72
CA ALA C 13 -41.49 58.47 -1.02
C ALA C 13 -41.52 57.26 -0.09
N LYS C 14 -42.41 56.33 -0.40
CA LYS C 14 -42.49 55.09 0.37
C LYS C 14 -41.27 54.22 0.09
N ALA C 15 -40.73 53.60 1.15
CA ALA C 15 -39.58 52.72 1.01
C ALA C 15 -40.04 51.42 0.37
N LYS C 16 -40.07 51.41 -0.96
CA LYS C 16 -40.51 50.25 -1.71
C LYS C 16 -39.45 49.15 -1.67
N SER C 17 -39.88 47.92 -1.89
CA SER C 17 -38.99 46.78 -1.80
C SER C 17 -38.06 46.74 -3.01
N ARG C 18 -36.77 46.97 -2.76
CA ARG C 18 -35.76 46.78 -3.79
C ARG C 18 -35.48 45.31 -4.06
N SER C 19 -35.94 44.42 -3.17
CA SER C 19 -36.02 42.99 -3.48
C SER C 19 -36.84 42.75 -4.74
N SER C 20 -38.00 43.39 -4.84
CA SER C 20 -38.79 43.39 -6.06
C SER C 20 -38.09 44.15 -7.19
N ARG C 21 -37.26 45.14 -6.87
CA ARG C 21 -36.43 45.76 -7.90
C ARG C 21 -35.30 44.85 -8.34
N ALA C 22 -35.06 43.75 -7.63
CA ALA C 22 -34.30 42.63 -8.16
C ALA C 22 -35.20 41.44 -8.43
N GLY C 23 -36.48 41.53 -8.12
CA GLY C 23 -37.40 40.42 -8.27
C GLY C 23 -37.15 39.33 -7.26
N LEU C 24 -36.79 39.68 -6.05
CA LEU C 24 -36.23 38.72 -5.10
C LEU C 24 -36.88 38.85 -3.73
N GLN C 25 -36.25 38.20 -2.76
CA GLN C 25 -36.67 38.23 -1.36
C GLN C 25 -35.75 39.12 -0.55
N PHE C 26 -34.54 39.34 -1.03
CA PHE C 26 -33.47 39.70 -0.12
C PHE C 26 -33.31 41.22 -0.02
N PRO C 27 -32.93 41.74 1.14
CA PRO C 27 -32.83 43.20 1.30
C PRO C 27 -31.49 43.75 0.84
N VAL C 28 -31.57 44.87 0.12
CA VAL C 28 -30.37 45.46 -0.48
C VAL C 28 -29.57 46.25 0.54
N GLY C 29 -30.22 47.20 1.22
CA GLY C 29 -29.50 48.07 2.15
C GLY C 29 -29.01 47.34 3.38
N ARG C 30 -29.66 46.24 3.72
CA ARG C 30 -29.21 45.43 4.86
C ARG C 30 -27.89 44.75 4.55
N VAL C 31 -27.79 44.11 3.38
CA VAL C 31 -26.54 43.48 2.95
C VAL C 31 -25.50 44.56 2.64
N HIS C 32 -25.94 45.75 2.26
CA HIS C 32 -25.01 46.85 2.05
C HIS C 32 -24.45 47.31 3.40
N ARG C 33 -25.27 47.31 4.43
CA ARG C 33 -24.78 47.52 5.79
C ARG C 33 -23.83 46.42 6.20
N LEU C 34 -24.10 45.18 5.77
CA LEU C 34 -23.23 44.07 6.10
C LEU C 34 -21.85 44.22 5.47
N LEU C 35 -21.81 44.70 4.23
CA LEU C 35 -20.51 44.91 3.60
C LEU C 35 -19.80 46.11 4.20
N ARG C 36 -20.56 47.11 4.67
CA ARG C 36 -19.92 48.20 5.39
C ARG C 36 -19.38 47.72 6.74
N LYS C 37 -20.04 46.72 7.34
CA LYS C 37 -19.59 46.22 8.63
C LYS C 37 -18.39 45.30 8.49
N GLY C 38 -18.31 44.52 7.41
CA GLY C 38 -17.28 43.50 7.33
C GLY C 38 -15.91 44.04 6.97
N ASN C 39 -15.83 45.32 6.59
CA ASN C 39 -14.58 46.03 6.27
C ASN C 39 -13.83 45.36 5.12
N TYR C 40 -14.57 44.85 4.14
CA TYR C 40 -13.94 44.08 3.08
C TYR C 40 -13.21 44.96 2.08
N ALA C 41 -13.64 46.20 1.91
CA ALA C 41 -12.94 47.14 1.05
C ALA C 41 -13.29 48.54 1.49
N GLU C 42 -12.79 49.52 0.76
CA GLU C 42 -13.24 50.89 0.96
C GLU C 42 -14.67 51.05 0.46
N ARG C 43 -15.01 50.39 -0.64
CA ARG C 43 -16.32 50.50 -1.24
C ARG C 43 -16.58 49.26 -2.09
N VAL C 44 -17.84 49.10 -2.51
CA VAL C 44 -18.31 47.96 -3.29
C VAL C 44 -19.32 48.48 -4.30
N GLY C 45 -19.15 48.09 -5.58
CA GLY C 45 -20.11 48.38 -6.63
C GLY C 45 -21.53 47.98 -6.25
N ALA C 46 -22.49 48.82 -6.68
CA ALA C 46 -23.81 48.82 -6.06
C ALA C 46 -24.61 47.55 -6.37
N GLY C 47 -24.51 47.05 -7.59
CA GLY C 47 -25.21 45.83 -7.90
C GLY C 47 -24.56 44.57 -7.39
N ALA C 48 -23.30 44.67 -6.97
CA ALA C 48 -22.51 43.54 -6.52
C ALA C 48 -23.04 42.83 -5.26
N PRO C 49 -23.49 43.50 -4.19
CA PRO C 49 -24.12 42.71 -3.11
C PRO C 49 -25.49 42.20 -3.51
N VAL C 50 -26.17 42.92 -4.40
CA VAL C 50 -27.41 42.43 -4.96
C VAL C 50 -27.14 41.21 -5.81
N TYR C 51 -26.05 41.25 -6.58
CA TYR C 51 -25.59 40.09 -7.34
C TYR C 51 -25.30 38.91 -6.42
N LEU C 52 -24.62 39.19 -5.31
CA LEU C 52 -24.34 38.19 -4.29
C LEU C 52 -25.61 37.56 -3.74
N ALA C 53 -26.57 38.40 -3.34
CA ALA C 53 -27.81 37.92 -2.77
C ALA C 53 -28.60 37.09 -3.76
N ALA C 54 -28.61 37.50 -5.03
CA ALA C 54 -29.29 36.74 -6.06
C ALA C 54 -28.62 35.39 -6.30
N VAL C 55 -27.29 35.38 -6.29
CA VAL C 55 -26.55 34.14 -6.48
C VAL C 55 -26.83 33.18 -5.33
N LEU C 56 -26.77 33.69 -4.10
CA LEU C 56 -27.03 32.87 -2.93
C LEU C 56 -28.47 32.40 -2.90
N GLU C 57 -29.38 33.23 -3.40
CA GLU C 57 -30.77 32.84 -3.50
C GLU C 57 -30.95 31.71 -4.49
N TYR C 58 -30.27 31.78 -5.63
CA TYR C 58 -30.33 30.70 -6.61
C TYR C 58 -29.73 29.41 -6.06
N LEU C 59 -28.58 29.54 -5.38
CA LEU C 59 -27.89 28.39 -4.81
C LEU C 59 -28.75 27.68 -3.78
N THR C 60 -29.21 28.43 -2.77
CA THR C 60 -30.11 27.90 -1.76
C THR C 60 -31.40 27.37 -2.37
N ALA C 61 -31.85 27.96 -3.48
CA ALA C 61 -33.03 27.46 -4.17
C ALA C 61 -32.80 26.07 -4.75
N GLU C 62 -31.66 25.88 -5.42
CA GLU C 62 -31.28 24.56 -5.92
C GLU C 62 -31.20 23.56 -4.78
N ILE C 63 -30.59 23.98 -3.68
CA ILE C 63 -30.45 23.16 -2.47
C ILE C 63 -31.81 22.73 -1.94
N LEU C 64 -32.69 23.70 -1.68
CA LEU C 64 -33.95 23.38 -1.04
C LEU C 64 -34.88 22.64 -1.99
N GLU C 65 -34.74 22.87 -3.30
CA GLU C 65 -35.48 22.11 -4.27
C GLU C 65 -35.11 20.64 -4.23
N LEU C 66 -33.80 20.35 -4.25
CA LEU C 66 -33.39 18.95 -4.23
C LEU C 66 -33.65 18.32 -2.86
N ALA C 67 -33.63 19.14 -1.81
CA ALA C 67 -33.96 18.66 -0.48
C ALA C 67 -35.44 18.30 -0.39
N GLY C 68 -36.31 19.12 -0.98
CA GLY C 68 -37.73 18.78 -1.01
C GLY C 68 -38.01 17.59 -1.90
N ASN C 69 -37.20 17.42 -2.95
CA ASN C 69 -37.30 16.23 -3.79
C ASN C 69 -36.97 14.98 -2.99
N ALA C 70 -35.87 15.00 -2.24
CA ALA C 70 -35.49 13.86 -1.41
C ALA C 70 -36.47 13.65 -0.26
N ALA C 71 -37.09 14.71 0.24
CA ALA C 71 -38.09 14.56 1.30
C ALA C 71 -39.35 13.93 0.75
N ARG C 72 -39.72 14.30 -0.49
CA ARG C 72 -40.81 13.63 -1.18
C ARG C 72 -40.47 12.17 -1.46
N ASP C 73 -39.19 11.88 -1.70
CA ASP C 73 -38.75 10.50 -1.80
C ASP C 73 -38.91 9.77 -0.48
N ASN C 74 -38.78 10.47 0.64
CA ASN C 74 -39.08 9.92 1.95
C ASN C 74 -40.55 10.05 2.30
N LYS C 75 -41.30 10.87 1.54
CA LYS C 75 -42.73 11.12 1.71
C LYS C 75 -43.02 11.76 3.06
N LYS C 76 -42.05 12.54 3.54
CA LYS C 76 -42.16 13.19 4.83
C LYS C 76 -42.13 14.68 4.62
N THR C 77 -43.23 15.35 4.98
CA THR C 77 -43.32 16.79 4.81
C THR C 77 -42.41 17.52 5.79
N ARG C 78 -42.53 17.21 7.08
CA ARG C 78 -41.68 17.82 8.09
C ARG C 78 -40.23 17.42 7.86
N ILE C 79 -39.35 18.42 7.75
CA ILE C 79 -37.98 18.20 7.32
C ILE C 79 -37.20 17.53 8.46
N ILE C 80 -36.51 16.45 8.13
CA ILE C 80 -35.57 15.84 9.06
C ILE C 80 -34.18 16.17 8.54
N PRO C 81 -33.14 16.10 9.37
CA PRO C 81 -31.79 16.31 8.84
C PRO C 81 -31.26 15.15 8.00
N ARG C 82 -31.99 14.04 7.90
CA ARG C 82 -31.54 12.97 7.02
C ARG C 82 -32.00 13.22 5.59
N HIS C 83 -33.13 13.93 5.43
CA HIS C 83 -33.44 14.60 4.17
C HIS C 83 -32.26 15.45 3.72
N LEU C 84 -31.78 16.31 4.62
CA LEU C 84 -30.66 17.19 4.34
C LEU C 84 -29.39 16.39 4.09
N GLN C 85 -29.25 15.27 4.79
CA GLN C 85 -28.03 14.48 4.71
C GLN C 85 -27.92 13.77 3.39
N LEU C 86 -29.00 13.11 2.97
CA LEU C 86 -28.95 12.45 1.68
C LEU C 86 -29.03 13.45 0.54
N ALA C 87 -29.56 14.65 0.83
CA ALA C 87 -29.49 15.74 -0.13
C ALA C 87 -28.04 16.16 -0.39
N ILE C 88 -27.28 16.43 0.66
CA ILE C 88 -25.88 16.83 0.46
C ILE C 88 -25.03 15.67 -0.05
N ARG C 89 -25.29 14.44 0.39
CA ARG C 89 -24.55 13.30 -0.11
C ARG C 89 -24.85 12.97 -1.55
N ASN C 90 -26.08 13.17 -2.01
CA ASN C 90 -26.49 12.77 -3.34
C ASN C 90 -26.44 13.98 -4.27
N ASP C 91 -25.22 14.40 -4.58
CA ASP C 91 -24.99 15.48 -5.54
C ASP C 91 -23.63 15.27 -6.16
N GLU C 92 -23.33 16.00 -7.24
CA GLU C 92 -21.95 16.12 -7.70
C GLU C 92 -21.28 17.37 -7.15
N GLU C 93 -21.79 18.55 -7.54
CA GLU C 93 -20.99 19.75 -7.50
C GLU C 93 -20.84 20.30 -6.08
N LEU C 94 -21.95 20.66 -5.45
CA LEU C 94 -21.90 21.13 -4.08
C LEU C 94 -21.56 20.03 -3.09
N ASN C 95 -21.83 18.77 -3.45
CA ASN C 95 -21.33 17.65 -2.67
C ASN C 95 -19.80 17.67 -2.60
N LYS C 96 -19.15 17.90 -3.75
CA LYS C 96 -17.71 18.11 -3.73
C LYS C 96 -17.33 19.40 -3.01
N LEU C 97 -18.12 20.45 -3.20
CA LEU C 97 -17.81 21.75 -2.61
C LEU C 97 -17.97 21.71 -1.10
N LEU C 98 -19.04 21.09 -0.63
CA LEU C 98 -19.33 21.04 0.81
C LEU C 98 -18.95 19.66 1.36
N GLY C 99 -17.66 19.46 1.56
CA GLY C 99 -17.16 18.21 2.09
C GLY C 99 -16.95 18.20 3.59
N ARG C 100 -16.33 19.26 4.10
CA ARG C 100 -15.90 19.35 5.50
C ARG C 100 -17.05 19.62 6.45
N VAL C 101 -18.27 19.76 5.96
CA VAL C 101 -19.40 20.13 6.79
C VAL C 101 -20.16 18.87 7.15
N THR C 102 -20.50 18.72 8.42
CA THR C 102 -21.45 17.72 8.86
C THR C 102 -22.73 18.38 9.33
N ILE C 103 -23.70 17.55 9.70
CA ILE C 103 -25.06 17.98 9.97
C ILE C 103 -25.44 17.51 11.37
N ALA C 104 -26.01 18.41 12.16
CA ALA C 104 -26.56 18.05 13.46
C ALA C 104 -27.72 17.08 13.26
N GLN C 105 -27.62 15.93 13.93
CA GLN C 105 -28.50 14.77 13.72
C GLN C 105 -28.53 14.35 12.26
N GLY C 106 -27.37 14.37 11.61
CA GLY C 106 -27.29 14.14 10.18
C GLY C 106 -27.49 12.71 9.74
N GLY C 107 -26.68 11.80 10.29
CA GLY C 107 -26.67 10.42 9.83
C GLY C 107 -25.49 10.14 8.92
N VAL C 108 -25.42 8.92 8.38
CA VAL C 108 -24.27 8.52 7.58
C VAL C 108 -24.73 8.12 6.18
N LEU C 109 -23.77 7.73 5.36
CA LEU C 109 -24.12 6.93 4.20
C LEU C 109 -24.16 5.47 4.60
N PRO C 110 -25.32 4.85 4.56
CA PRO C 110 -25.41 3.43 4.92
C PRO C 110 -24.81 2.55 3.83
N ASN C 111 -23.49 2.46 3.83
CA ASN C 111 -22.78 1.71 2.80
C ASN C 111 -22.88 0.22 3.10
N ILE C 112 -23.03 -0.57 2.05
CA ILE C 112 -23.22 -2.02 2.14
C ILE C 112 -22.18 -2.66 1.23
N GLN C 113 -21.49 -3.68 1.75
CA GLN C 113 -20.46 -4.37 0.99
C GLN C 113 -20.82 -5.84 0.81
N ALA C 114 -20.97 -6.25 -0.45
CA ALA C 114 -21.27 -7.64 -0.76
C ALA C 114 -20.05 -8.52 -0.60
N VAL C 115 -18.84 -7.95 -0.72
CA VAL C 115 -17.63 -8.69 -0.38
C VAL C 115 -17.57 -9.01 1.10
N LEU C 116 -18.18 -8.19 1.95
CA LEU C 116 -18.41 -8.54 3.34
C LEU C 116 -19.54 -9.55 3.51
N LEU C 117 -20.35 -9.74 2.49
CA LEU C 117 -21.42 -10.72 2.63
C LEU C 117 -20.92 -12.10 2.21
N PRO C 118 -21.24 -13.13 2.98
CA PRO C 118 -20.82 -14.49 2.62
C PRO C 118 -21.63 -15.02 1.45
N LYS C 119 -21.14 -16.10 0.87
CA LYS C 119 -21.82 -16.71 -0.28
C LYS C 119 -22.44 -18.04 0.10
N LYS D 31 -33.76 50.62 23.21
CA LYS D 31 -34.02 49.53 24.15
C LYS D 31 -34.65 48.33 23.44
N ARG D 32 -34.70 48.39 22.11
CA ARG D 32 -35.42 47.37 21.36
C ARG D 32 -34.61 46.09 21.23
N SER D 33 -33.45 46.17 20.55
CA SER D 33 -32.48 45.09 20.41
C SER D 33 -33.08 43.83 19.80
N ARG D 34 -33.57 43.91 18.57
CA ARG D 34 -34.26 42.79 17.95
C ARG D 34 -33.27 41.81 17.34
N LYS D 35 -33.49 40.52 17.61
CA LYS D 35 -32.72 39.46 16.98
C LYS D 35 -33.01 39.43 15.48
N GLU D 36 -32.01 39.00 14.71
CA GLU D 36 -32.03 39.18 13.26
C GLU D 36 -31.54 37.92 12.56
N SER D 37 -32.25 37.53 11.52
CA SER D 37 -31.86 36.39 10.69
C SER D 37 -32.45 36.56 9.31
N TYR D 38 -32.41 35.48 8.54
CA TYR D 38 -32.95 35.44 7.19
C TYR D 38 -33.68 34.12 7.04
N SER D 39 -34.96 34.10 7.38
CA SER D 39 -35.66 32.83 7.50
C SER D 39 -36.93 32.82 6.68
N VAL D 40 -37.65 33.94 6.69
CA VAL D 40 -38.96 34.01 6.07
C VAL D 40 -38.82 34.01 4.56
N TYR D 41 -37.68 34.50 4.06
CA TYR D 41 -37.38 34.53 2.64
C TYR D 41 -37.37 33.13 2.05
N VAL D 42 -36.46 32.30 2.55
CA VAL D 42 -36.30 30.93 2.08
C VAL D 42 -37.48 30.08 2.51
N TYR D 43 -38.11 30.44 3.63
CA TYR D 43 -39.39 29.85 4.02
C TYR D 43 -40.46 30.03 2.94
N LYS D 44 -40.57 31.26 2.42
CA LYS D 44 -41.54 31.52 1.36
C LYS D 44 -41.14 30.88 0.05
N VAL D 45 -39.84 30.81 -0.23
CA VAL D 45 -39.41 30.20 -1.49
C VAL D 45 -39.58 28.68 -1.44
N LEU D 46 -39.36 28.09 -0.26
CA LEU D 46 -39.78 26.72 0.04
C LEU D 46 -41.24 26.52 -0.27
N LYS D 47 -42.09 27.46 0.15
CA LYS D 47 -43.50 27.33 -0.22
C LYS D 47 -43.76 27.64 -1.69
N GLN D 48 -42.84 28.37 -2.34
CA GLN D 48 -42.99 28.63 -3.77
C GLN D 48 -42.81 27.36 -4.59
N VAL D 49 -41.87 26.50 -4.18
CA VAL D 49 -41.66 25.30 -4.98
C VAL D 49 -42.13 24.02 -4.29
N HIS D 50 -42.35 24.04 -2.98
CA HIS D 50 -42.93 22.89 -2.27
C HIS D 50 -43.89 23.41 -1.22
N PRO D 51 -45.13 23.69 -1.61
CA PRO D 51 -46.12 24.15 -0.62
C PRO D 51 -46.50 23.06 0.36
N ASP D 52 -46.63 21.83 -0.10
CA ASP D 52 -46.98 20.68 0.73
C ASP D 52 -45.93 20.32 1.76
N THR D 53 -44.66 20.58 1.48
CA THR D 53 -43.57 20.12 2.32
C THR D 53 -43.45 20.99 3.55
N GLY D 54 -43.47 20.36 4.73
CA GLY D 54 -43.28 21.05 5.99
C GLY D 54 -41.83 21.42 6.21
N ILE D 55 -41.50 21.69 7.48
CA ILE D 55 -40.22 22.31 7.80
C ILE D 55 -39.79 21.83 9.17
N SER D 56 -38.50 22.02 9.46
CA SER D 56 -37.98 22.03 10.82
C SER D 56 -37.18 23.31 11.00
N SER D 57 -37.16 23.81 12.23
CA SER D 57 -36.23 24.86 12.60
C SER D 57 -34.80 24.34 12.66
N LYS D 58 -34.64 23.02 12.78
CA LYS D 58 -33.35 22.36 12.56
C LYS D 58 -32.78 22.74 11.20
N ALA D 59 -33.58 22.57 10.15
CA ALA D 59 -33.16 22.95 8.81
C ALA D 59 -32.97 24.46 8.69
N MET D 60 -33.70 25.23 9.50
CA MET D 60 -33.53 26.67 9.49
C MET D 60 -32.16 27.05 10.03
N GLY D 61 -31.73 26.37 11.10
CA GLY D 61 -30.37 26.59 11.60
C GLY D 61 -29.32 26.13 10.62
N ILE D 62 -29.57 25.00 9.94
CA ILE D 62 -28.70 24.51 8.87
C ILE D 62 -28.49 25.58 7.81
N MET D 63 -29.58 26.15 7.31
CA MET D 63 -29.45 27.09 6.21
C MET D 63 -28.89 28.43 6.65
N ASN D 64 -29.23 28.90 7.85
CA ASN D 64 -28.66 30.16 8.31
C ASN D 64 -27.15 30.04 8.54
N SER D 65 -26.73 28.94 9.16
CA SER D 65 -25.30 28.67 9.33
C SER D 65 -24.61 28.56 7.97
N PHE D 66 -25.30 27.92 7.02
CA PHE D 66 -24.79 27.78 5.66
C PHE D 66 -24.60 29.12 4.98
N VAL D 67 -25.61 29.99 5.04
CA VAL D 67 -25.54 31.20 4.25
C VAL D 67 -24.60 32.20 4.88
N ASN D 68 -24.50 32.20 6.21
CA ASN D 68 -23.52 33.06 6.86
C ASN D 68 -22.11 32.59 6.53
N ASP D 69 -21.93 31.26 6.46
CA ASP D 69 -20.67 30.67 6.00
C ASP D 69 -20.30 31.14 4.60
N ILE D 70 -21.18 30.93 3.63
CA ILE D 70 -20.84 31.16 2.24
C ILE D 70 -20.70 32.66 1.96
N PHE D 71 -21.58 33.47 2.55
CA PHE D 71 -21.45 34.92 2.54
C PHE D 71 -20.09 35.36 3.04
N GLU D 72 -19.65 34.81 4.18
CA GLU D 72 -18.35 35.14 4.72
C GLU D 72 -17.22 34.72 3.79
N ARG D 73 -17.34 33.52 3.21
CA ARG D 73 -16.29 32.99 2.34
C ARG D 73 -16.10 33.87 1.11
N ILE D 74 -17.19 34.17 0.43
CA ILE D 74 -17.07 34.89 -0.82
C ILE D 74 -16.77 36.37 -0.55
N ALA D 75 -17.26 36.90 0.56
CA ALA D 75 -16.97 38.28 0.89
C ALA D 75 -15.51 38.45 1.29
N GLY D 76 -14.96 37.48 2.02
CA GLY D 76 -13.55 37.54 2.37
C GLY D 76 -12.65 37.34 1.16
N GLU D 77 -13.06 36.47 0.24
CA GLU D 77 -12.30 36.32 -1.00
C GLU D 77 -12.38 37.58 -1.85
N ALA D 78 -13.53 38.26 -1.82
CA ALA D 78 -13.65 39.54 -2.52
C ALA D 78 -12.74 40.59 -1.90
N SER D 79 -12.64 40.59 -0.57
CA SER D 79 -11.70 41.46 0.12
C SER D 79 -10.27 41.17 -0.28
N ARG D 80 -9.90 39.88 -0.28
CA ARG D 80 -8.58 39.42 -0.75
C ARG D 80 -8.27 39.94 -2.13
N LEU D 81 -9.17 39.70 -3.08
CA LEU D 81 -8.84 39.96 -4.47
C LEU D 81 -8.92 41.44 -4.79
N ALA D 82 -9.77 42.19 -4.07
CA ALA D 82 -9.76 43.63 -4.19
C ALA D 82 -8.44 44.20 -3.69
N HIS D 83 -7.88 43.59 -2.64
CA HIS D 83 -6.52 43.91 -2.29
C HIS D 83 -5.53 43.45 -3.36
N TYR D 84 -5.83 42.34 -4.03
CA TYR D 84 -4.89 41.78 -4.98
C TYR D 84 -4.91 42.55 -6.27
N ASN D 85 -6.08 43.01 -6.68
CA ASN D 85 -6.21 43.93 -7.80
C ASN D 85 -5.90 45.36 -7.41
N LYS D 86 -5.60 45.60 -6.12
CA LYS D 86 -5.26 46.91 -5.57
C LYS D 86 -6.39 47.90 -5.79
N ARG D 87 -7.61 47.43 -5.55
CA ARG D 87 -8.81 48.17 -5.90
C ARG D 87 -9.61 48.49 -4.65
N SER D 88 -9.89 49.77 -4.47
CA SER D 88 -10.73 50.25 -3.38
C SER D 88 -12.18 49.81 -3.52
N THR D 89 -12.61 49.48 -4.74
CA THR D 89 -13.98 49.09 -5.01
C THR D 89 -14.08 47.60 -5.27
N ILE D 90 -15.31 47.09 -5.22
CA ILE D 90 -15.62 45.70 -5.57
C ILE D 90 -16.84 45.74 -6.47
N THR D 91 -16.65 45.47 -7.76
CA THR D 91 -17.75 45.33 -8.67
C THR D 91 -18.28 43.89 -8.59
N SER D 92 -19.27 43.58 -9.42
CA SER D 92 -19.73 42.21 -9.46
C SER D 92 -18.96 41.41 -10.51
N ARG D 93 -18.06 42.07 -11.23
CA ARG D 93 -16.98 41.35 -11.90
C ARG D 93 -16.16 40.57 -10.89
N GLU D 94 -15.83 41.24 -9.79
CA GLU D 94 -15.07 40.64 -8.70
C GLU D 94 -15.84 39.49 -8.06
N ILE D 95 -17.13 39.71 -7.82
CA ILE D 95 -17.92 38.68 -7.17
C ILE D 95 -18.22 37.54 -8.12
N GLN D 96 -18.36 37.84 -9.42
CA GLN D 96 -18.57 36.80 -10.41
C GLN D 96 -17.37 35.89 -10.53
N THR D 97 -16.17 36.46 -10.58
CA THR D 97 -15.00 35.61 -10.62
C THR D 97 -14.76 34.95 -9.26
N ALA D 98 -15.22 35.55 -8.16
CA ALA D 98 -15.08 34.91 -6.86
C ALA D 98 -15.97 33.69 -6.77
N VAL D 99 -17.17 33.79 -7.35
CA VAL D 99 -18.04 32.64 -7.49
C VAL D 99 -17.37 31.57 -8.32
N ARG D 100 -16.95 31.93 -9.53
CA ARG D 100 -16.53 30.94 -10.52
C ARG D 100 -15.21 30.28 -10.14
N LEU D 101 -14.26 31.06 -9.61
CA LEU D 101 -13.11 30.51 -8.93
C LEU D 101 -13.50 29.65 -7.75
N LEU D 102 -14.28 30.19 -6.82
CA LEU D 102 -14.50 29.53 -5.54
C LEU D 102 -15.39 28.30 -5.70
N LEU D 103 -16.24 28.30 -6.72
CA LEU D 103 -17.06 27.14 -6.98
C LEU D 103 -17.39 27.03 -8.46
N PRO D 104 -17.14 25.90 -9.08
CA PRO D 104 -17.48 25.74 -10.51
C PRO D 104 -18.94 25.36 -10.70
N GLY D 105 -19.31 25.05 -11.92
CA GLY D 105 -20.61 24.45 -12.20
C GLY D 105 -21.42 25.28 -13.19
N GLU D 106 -22.17 24.55 -14.00
CA GLU D 106 -23.16 25.20 -14.84
C GLU D 106 -24.27 25.81 -14.01
N LEU D 107 -24.57 25.21 -12.86
CA LEU D 107 -25.49 25.84 -11.92
C LEU D 107 -24.90 27.14 -11.38
N ALA D 108 -23.57 27.18 -11.20
CA ALA D 108 -22.94 28.44 -10.84
C ALA D 108 -23.06 29.44 -11.97
N LYS D 109 -23.00 28.97 -13.22
CA LYS D 109 -23.20 29.86 -14.35
C LYS D 109 -24.65 30.32 -14.44
N HIS D 110 -25.57 29.49 -13.96
CA HIS D 110 -26.97 29.88 -13.91
C HIS D 110 -27.19 30.90 -12.80
N ALA D 111 -26.44 30.78 -11.72
CA ALA D 111 -26.45 31.82 -10.68
C ALA D 111 -25.90 33.13 -11.22
N VAL D 112 -24.86 33.05 -12.05
CA VAL D 112 -24.34 34.22 -12.76
C VAL D 112 -25.42 34.81 -13.65
N SER D 113 -26.19 33.94 -14.31
CA SER D 113 -27.26 34.39 -15.20
C SER D 113 -28.36 35.11 -14.43
N GLU D 114 -28.83 34.50 -13.35
CA GLU D 114 -29.88 35.08 -12.51
C GLU D 114 -29.42 36.39 -11.88
N GLY D 115 -28.17 36.42 -11.40
CA GLY D 115 -27.65 37.62 -10.80
C GLY D 115 -27.42 38.73 -11.81
N THR D 116 -26.96 38.37 -13.01
CA THR D 116 -26.78 39.33 -14.08
C THR D 116 -28.12 39.90 -14.52
N LYS D 117 -29.15 39.05 -14.52
CA LYS D 117 -30.52 39.47 -14.78
C LYS D 117 -31.00 40.49 -13.76
N ALA D 118 -30.83 40.18 -12.47
CA ALA D 118 -31.31 41.09 -11.43
C ALA D 118 -30.46 42.36 -11.36
N VAL D 119 -29.19 42.28 -11.75
CA VAL D 119 -28.34 43.47 -11.78
C VAL D 119 -28.75 44.38 -12.92
N THR D 120 -28.94 43.82 -14.12
CA THR D 120 -29.47 44.61 -15.22
C THR D 120 -30.89 45.12 -14.95
N LYS D 121 -31.62 44.41 -14.09
CA LYS D 121 -32.88 44.93 -13.59
C LYS D 121 -32.67 46.19 -12.74
N TYR D 122 -32.01 46.05 -11.58
CA TYR D 122 -31.99 47.16 -10.64
C TYR D 122 -31.09 48.31 -11.09
N THR D 123 -30.05 48.00 -11.87
CA THR D 123 -29.22 49.05 -12.44
C THR D 123 -29.91 49.79 -13.58
N SER D 124 -31.00 49.24 -14.11
CA SER D 124 -31.88 50.00 -15.00
C SER D 124 -32.94 50.76 -14.22
N SER D 125 -32.85 50.75 -12.89
CA SER D 125 -33.86 51.28 -11.97
C SER D 125 -35.22 50.64 -12.21
N LYS D 126 -35.20 49.36 -12.57
CA LYS D 126 -36.44 48.58 -12.71
C LYS D 126 -36.31 47.35 -11.84
N LYS E 38 -33.66 -22.72 20.83
CA LYS E 38 -32.49 -23.58 20.89
C LYS E 38 -31.49 -23.26 22.03
N PRO E 39 -31.11 -21.97 22.28
CA PRO E 39 -31.27 -20.63 21.68
C PRO E 39 -30.52 -20.53 20.37
N HIS E 40 -31.23 -20.22 19.29
CA HIS E 40 -30.65 -20.32 17.95
C HIS E 40 -29.58 -19.27 17.77
N ARG E 41 -28.33 -19.70 17.79
CA ARG E 41 -27.23 -18.86 17.38
C ARG E 41 -27.27 -18.72 15.87
N TYR E 42 -27.31 -17.48 15.40
CA TYR E 42 -27.27 -17.18 13.99
C TYR E 42 -25.82 -17.22 13.51
N ARG E 43 -25.60 -16.71 12.31
CA ARG E 43 -24.24 -16.34 11.97
C ARG E 43 -23.84 -15.17 12.86
N PRO E 44 -22.74 -15.28 13.60
CA PRO E 44 -22.37 -14.21 14.53
C PRO E 44 -21.90 -12.96 13.81
N GLY E 45 -22.87 -12.16 13.39
CA GLY E 45 -22.57 -10.95 12.67
C GLY E 45 -23.60 -10.63 11.63
N THR E 46 -24.33 -11.64 11.15
CA THR E 46 -25.41 -11.39 10.20
C THR E 46 -26.55 -10.62 10.86
N VAL E 47 -26.88 -10.99 12.10
CA VAL E 47 -27.76 -10.15 12.90
C VAL E 47 -27.10 -8.81 13.17
N ALA E 48 -25.79 -8.80 13.40
CA ALA E 48 -25.08 -7.54 13.56
C ALA E 48 -25.00 -6.78 12.25
N LEU E 49 -24.98 -7.49 11.11
CA LEU E 49 -25.12 -6.82 9.81
C LEU E 49 -26.47 -6.14 9.69
N ARG E 50 -27.53 -6.83 10.09
CA ARG E 50 -28.86 -6.24 10.13
C ARG E 50 -28.90 -5.03 11.04
N GLU E 51 -28.15 -5.08 12.14
CA GLU E 51 -28.06 -3.93 13.03
C GLU E 51 -27.28 -2.78 12.40
N ILE E 52 -26.22 -3.08 11.65
CA ILE E 52 -25.46 -2.05 10.94
C ILE E 52 -26.35 -1.34 9.93
N ARG E 53 -27.05 -2.12 9.11
CA ARG E 53 -28.01 -1.57 8.15
C ARG E 53 -29.12 -0.80 8.84
N ARG E 54 -29.55 -1.27 10.02
CA ARG E 54 -30.58 -0.60 10.78
C ARG E 54 -30.12 0.76 11.29
N TYR E 55 -28.98 0.79 11.98
CA TYR E 55 -28.56 2.02 12.63
C TYR E 55 -27.93 3.01 11.68
N GLN E 56 -27.36 2.57 10.56
CA GLN E 56 -26.85 3.51 9.59
C GLN E 56 -27.96 4.24 8.85
N LYS E 57 -29.17 3.69 8.84
CA LYS E 57 -30.35 4.44 8.46
C LYS E 57 -30.68 5.51 9.49
N SER E 58 -30.35 5.28 10.74
CA SER E 58 -30.74 6.19 11.81
C SER E 58 -29.66 7.22 12.02
N THR E 59 -30.04 8.34 12.66
CA THR E 59 -29.21 9.54 12.74
C THR E 59 -28.94 9.99 14.16
N GLU E 60 -29.46 9.28 15.16
CA GLU E 60 -29.45 9.80 16.52
C GLU E 60 -28.11 9.57 17.21
N LEU E 61 -28.03 10.05 18.44
CA LEU E 61 -26.84 9.93 19.26
C LEU E 61 -26.67 8.50 19.75
N LEU E 62 -25.47 8.22 20.27
CA LEU E 62 -25.19 6.97 20.95
C LEU E 62 -24.52 7.16 22.31
N ILE E 63 -24.03 8.35 22.61
CA ILE E 63 -23.42 8.63 23.89
C ILE E 63 -24.45 9.22 24.83
N ARG E 64 -24.62 8.61 26.00
CA ARG E 64 -25.58 9.11 26.96
C ARG E 64 -25.04 10.37 27.65
N LYS E 65 -25.99 11.22 28.06
CA LYS E 65 -25.70 12.62 28.35
C LYS E 65 -24.90 12.80 29.63
N LEU E 66 -25.17 11.98 30.64
CA LEU E 66 -24.60 12.22 31.96
C LEU E 66 -23.09 11.95 32.06
N PRO E 67 -22.54 10.80 31.64
CA PRO E 67 -21.07 10.67 31.72
C PRO E 67 -20.38 11.54 30.70
N PHE E 68 -21.05 11.85 29.59
CA PHE E 68 -20.53 12.80 28.63
C PHE E 68 -20.37 14.18 29.24
N GLN E 69 -21.41 14.68 29.90
CA GLN E 69 -21.34 15.98 30.54
C GLN E 69 -20.34 15.98 31.67
N ARG E 70 -20.24 14.85 32.37
CA ARG E 70 -19.22 14.72 33.40
C ARG E 70 -17.82 14.77 32.80
N LEU E 71 -17.64 14.17 31.63
CA LEU E 71 -16.38 14.29 30.88
C LEU E 71 -16.10 15.73 30.48
N VAL E 72 -17.14 16.44 30.04
CA VAL E 72 -17.01 17.83 29.62
C VAL E 72 -16.53 18.69 30.78
N ARG E 73 -17.23 18.59 31.91
CA ARG E 73 -16.83 19.31 33.13
C ARG E 73 -15.43 18.92 33.58
N GLU E 74 -15.14 17.60 33.54
CA GLU E 74 -13.83 17.04 33.88
C GLU E 74 -12.71 17.70 33.11
N ILE E 75 -12.77 17.60 31.80
CA ILE E 75 -11.63 17.99 30.96
C ILE E 75 -11.55 19.50 30.84
N ALA E 76 -12.71 20.18 30.86
CA ALA E 76 -12.72 21.63 30.85
C ALA E 76 -12.08 22.20 32.12
N GLN E 77 -12.41 21.62 33.28
CA GLN E 77 -11.79 22.09 34.52
C GLN E 77 -10.34 21.64 34.62
N ASP E 78 -10.00 20.54 33.95
CA ASP E 78 -8.60 20.13 33.80
C ASP E 78 -7.80 21.18 33.05
N PHE E 79 -8.40 21.83 32.06
CA PHE E 79 -7.78 23.03 31.54
C PHE E 79 -7.88 24.19 32.52
N LYS E 80 -9.10 24.56 32.89
CA LYS E 80 -9.31 25.80 33.62
C LYS E 80 -10.67 25.77 34.30
N THR E 81 -10.72 26.29 35.52
CA THR E 81 -11.92 26.25 36.35
C THR E 81 -12.93 27.30 35.90
N ASP E 82 -13.92 27.56 36.77
CA ASP E 82 -15.00 28.53 36.60
C ASP E 82 -15.88 28.21 35.38
N LEU E 83 -16.59 27.09 35.45
CA LEU E 83 -17.28 26.52 34.30
C LEU E 83 -18.78 26.68 34.42
N ARG E 84 -19.31 27.76 33.86
CA ARG E 84 -20.74 27.81 33.61
C ARG E 84 -20.94 27.38 32.17
N PHE E 85 -21.78 26.38 31.95
CA PHE E 85 -21.90 25.73 30.66
C PHE E 85 -23.24 25.99 30.00
N GLN E 86 -23.21 26.17 28.68
CA GLN E 86 -24.39 25.95 27.87
C GLN E 86 -24.56 24.47 27.59
N SER E 87 -25.78 23.99 27.81
CA SER E 87 -26.12 22.66 27.34
C SER E 87 -26.18 22.62 25.82
N SER E 88 -26.44 23.77 25.19
CA SER E 88 -26.30 23.88 23.74
C SER E 88 -24.87 23.64 23.31
N ALA E 89 -23.91 24.19 24.07
CA ALA E 89 -22.50 23.92 23.82
C ALA E 89 -22.19 22.43 24.01
N VAL E 90 -22.85 21.80 24.99
CA VAL E 90 -22.67 20.37 25.24
C VAL E 90 -23.17 19.54 24.07
N MET E 91 -24.33 19.89 23.53
CA MET E 91 -24.90 19.12 22.43
C MET E 91 -24.12 19.36 21.15
N ALA E 92 -23.67 20.59 20.93
CA ALA E 92 -22.82 20.89 19.78
C ALA E 92 -21.48 20.17 19.89
N LEU E 93 -20.98 20.03 21.11
CA LEU E 93 -19.77 19.27 21.33
C LEU E 93 -19.97 17.79 21.05
N GLN E 94 -21.11 17.24 21.45
CA GLN E 94 -21.39 15.84 21.18
C GLN E 94 -21.55 15.60 19.69
N GLU E 95 -22.16 16.56 18.99
CA GLU E 95 -22.22 16.51 17.53
C GLU E 95 -20.84 16.53 16.90
N ALA E 96 -19.98 17.45 17.36
CA ALA E 96 -18.65 17.59 16.78
C ALA E 96 -17.80 16.36 17.06
N CYS E 97 -17.89 15.81 18.28
CA CYS E 97 -17.04 14.70 18.64
C CYS E 97 -17.52 13.43 17.97
N GLU E 98 -18.83 13.25 17.82
CA GLU E 98 -19.30 12.07 17.12
C GLU E 98 -19.10 12.21 15.61
N ALA E 99 -19.03 13.45 15.10
CA ALA E 99 -18.64 13.63 13.71
C ALA E 99 -17.18 13.26 13.51
N TYR E 100 -16.35 13.60 14.49
CA TYR E 100 -14.96 13.19 14.44
C TYR E 100 -14.84 11.68 14.57
N LEU E 101 -15.72 11.08 15.38
CA LEU E 101 -15.85 9.63 15.42
C LEU E 101 -16.18 9.06 14.06
N VAL E 102 -17.09 9.70 13.33
CA VAL E 102 -17.49 9.23 12.00
C VAL E 102 -16.32 9.31 11.04
N GLY E 103 -15.52 10.38 11.14
CA GLY E 103 -14.27 10.46 10.39
C GLY E 103 -13.34 9.32 10.73
N LEU E 104 -13.25 8.98 12.02
CA LEU E 104 -12.44 7.83 12.43
C LEU E 104 -13.02 6.53 11.92
N PHE E 105 -14.35 6.45 11.82
CA PHE E 105 -15.01 5.21 11.39
C PHE E 105 -14.75 4.96 9.92
N GLU E 106 -14.88 6.01 9.11
CA GLU E 106 -14.62 5.85 7.69
C GLU E 106 -13.15 5.59 7.42
N ASP E 107 -12.26 6.23 8.19
CA ASP E 107 -10.84 5.94 8.05
C ASP E 107 -10.53 4.49 8.43
N THR E 108 -11.14 4.02 9.52
CA THR E 108 -10.97 2.66 9.99
C THR E 108 -11.48 1.65 8.97
N ASN E 109 -12.70 1.84 8.48
CA ASN E 109 -13.32 0.83 7.65
C ASN E 109 -12.75 0.86 6.24
N LEU E 110 -12.28 2.02 5.79
CA LEU E 110 -11.66 2.07 4.47
C LEU E 110 -10.23 1.59 4.50
N CYS E 111 -9.56 1.66 5.65
CA CYS E 111 -8.32 0.92 5.76
C CYS E 111 -8.60 -0.58 5.87
N ALA E 112 -9.71 -0.94 6.52
CA ALA E 112 -10.14 -2.32 6.62
C ALA E 112 -10.49 -2.91 5.27
N ILE E 113 -10.88 -2.07 4.31
CA ILE E 113 -10.91 -2.47 2.91
C ILE E 113 -9.55 -2.98 2.48
N HIS E 114 -8.50 -2.22 2.74
CA HIS E 114 -7.20 -2.66 2.27
C HIS E 114 -6.49 -3.52 3.32
N ALA E 115 -7.10 -3.69 4.50
CA ALA E 115 -6.55 -4.64 5.44
C ALA E 115 -6.77 -6.08 5.03
N LYS E 116 -7.88 -6.34 4.34
CA LYS E 116 -8.34 -7.70 3.99
C LYS E 116 -8.45 -8.58 5.23
N ARG E 117 -8.95 -7.97 6.31
CA ARG E 117 -9.01 -8.63 7.61
C ARG E 117 -10.34 -8.30 8.28
N VAL E 118 -10.62 -9.00 9.38
CA VAL E 118 -11.82 -8.74 10.14
C VAL E 118 -11.50 -8.07 11.48
N THR E 119 -10.52 -8.60 12.21
CA THR E 119 -10.12 -8.00 13.47
C THR E 119 -9.31 -6.74 13.21
N ILE E 120 -9.46 -5.73 14.08
CA ILE E 120 -8.98 -4.38 13.81
C ILE E 120 -7.61 -4.17 14.45
N MET E 121 -6.70 -3.50 13.71
CA MET E 121 -5.38 -3.12 14.18
C MET E 121 -5.29 -1.61 14.41
N PRO E 122 -4.52 -1.18 15.40
CA PRO E 122 -4.30 0.26 15.59
C PRO E 122 -3.47 0.87 14.49
N LYS E 123 -2.64 0.06 13.83
CA LYS E 123 -1.88 0.45 12.64
C LYS E 123 -2.72 1.17 11.60
N ASP E 124 -3.95 0.68 11.43
CA ASP E 124 -4.95 1.34 10.60
C ASP E 124 -5.15 2.79 11.04
N ILE E 125 -5.28 3.00 12.35
CA ILE E 125 -5.56 4.32 12.87
C ILE E 125 -4.31 5.18 12.83
N GLN E 126 -3.15 4.54 12.93
CA GLN E 126 -1.88 5.23 12.82
C GLN E 126 -1.72 5.81 11.43
N LEU E 127 -2.00 4.99 10.42
CA LEU E 127 -1.99 5.48 9.05
C LEU E 127 -3.12 6.47 8.81
N ALA E 128 -4.22 6.33 9.55
CA ALA E 128 -5.32 7.27 9.42
C ALA E 128 -4.92 8.65 9.90
N ARG E 129 -4.25 8.72 11.05
CA ARG E 129 -3.75 10.01 11.52
C ARG E 129 -2.60 10.48 10.66
N ARG E 130 -1.84 9.55 10.10
CA ARG E 130 -0.68 9.88 9.31
C ARG E 130 -1.07 10.56 8.01
N ILE E 131 -1.98 9.93 7.27
CA ILE E 131 -2.46 10.53 6.03
C ILE E 131 -3.40 11.68 6.35
N ARG E 132 -4.03 11.63 7.53
CA ARG E 132 -4.77 12.79 8.03
C ARG E 132 -3.81 13.93 8.37
N GLY E 133 -2.61 13.59 8.81
CA GLY E 133 -1.57 14.58 9.03
C GLY E 133 -1.62 15.27 10.38
N GLU E 134 -2.45 14.83 11.33
CA GLU E 134 -2.37 15.36 12.68
C GLU E 134 -1.10 14.92 13.38
N ARG E 135 -0.52 13.79 12.96
CA ARG E 135 0.83 13.39 13.34
C ARG E 135 1.31 12.49 12.22
N ALA E 136 2.57 12.65 11.83
CA ALA E 136 3.16 11.80 10.80
C ALA E 136 4.65 11.59 11.05
N ARG F 20 -17.28 19.92 42.01
CA ARG F 20 -18.25 19.06 42.69
C ARG F 20 -17.69 17.64 42.81
N LYS F 21 -16.89 17.23 41.81
CA LYS F 21 -16.37 15.88 41.73
C LYS F 21 -14.92 15.89 41.25
N VAL F 22 -14.16 14.90 41.69
CA VAL F 22 -12.77 14.73 41.24
C VAL F 22 -12.79 14.34 39.76
N LEU F 23 -11.92 14.97 38.98
CA LEU F 23 -12.00 14.94 37.51
C LEU F 23 -11.31 13.67 37.01
N ARG F 24 -12.07 12.58 36.97
CA ARG F 24 -11.44 11.28 36.80
C ARG F 24 -12.43 10.24 36.32
N ASP F 25 -11.88 9.21 35.65
CA ASP F 25 -12.47 7.88 35.52
C ASP F 25 -13.77 7.89 34.71
N ASN F 26 -13.88 8.87 33.82
CA ASN F 26 -15.06 8.99 32.99
C ASN F 26 -14.77 8.65 31.55
N ILE F 27 -13.55 8.93 31.09
CA ILE F 27 -13.10 8.37 29.84
C ILE F 27 -12.92 6.88 29.97
N GLN F 28 -12.50 6.41 31.14
CA GLN F 28 -12.53 4.99 31.44
C GLN F 28 -13.92 4.53 31.79
N GLY F 29 -14.81 5.44 32.15
CA GLY F 29 -16.21 5.11 32.33
C GLY F 29 -16.94 4.85 31.03
N ILE F 30 -16.33 5.18 29.89
CA ILE F 30 -16.92 4.88 28.60
C ILE F 30 -16.94 3.37 28.40
N THR F 31 -18.11 2.84 28.09
CA THR F 31 -18.28 1.40 28.03
C THR F 31 -18.02 0.87 26.63
N LYS F 32 -17.54 -0.38 26.58
CA LYS F 32 -17.36 -1.19 25.38
C LYS F 32 -18.53 -1.14 24.39
N PRO F 33 -19.78 -1.47 24.76
CA PRO F 33 -20.79 -1.60 23.72
C PRO F 33 -21.29 -0.28 23.19
N ALA F 34 -21.10 0.84 23.90
CA ALA F 34 -21.38 2.14 23.32
C ALA F 34 -20.44 2.42 22.16
N ILE F 35 -19.15 2.16 22.38
CA ILE F 35 -18.13 2.21 21.34
C ILE F 35 -18.46 1.25 20.22
N ARG F 36 -18.99 0.08 20.58
CA ARG F 36 -19.37 -0.93 19.60
C ARG F 36 -20.53 -0.44 18.74
N ARG F 37 -21.54 0.18 19.36
CA ARG F 37 -22.65 0.76 18.62
C ARG F 37 -22.18 1.83 17.65
N LEU F 38 -21.27 2.68 18.13
CA LEU F 38 -20.67 3.71 17.30
C LEU F 38 -19.93 3.09 16.11
N ALA F 39 -19.22 1.99 16.33
CA ALA F 39 -18.51 1.34 15.23
C ALA F 39 -19.44 0.52 14.35
N ARG F 40 -20.63 0.18 14.81
CA ARG F 40 -21.56 -0.54 13.95
C ARG F 40 -22.35 0.42 13.06
N ARG F 41 -22.68 1.61 13.56
CA ARG F 41 -23.07 2.65 12.60
C ARG F 41 -21.83 3.15 11.88
N GLY F 42 -20.66 3.01 12.51
CA GLY F 42 -19.41 3.13 11.80
C GLY F 42 -19.21 2.03 10.78
N GLY F 43 -19.84 0.88 11.01
CA GLY F 43 -19.85 -0.19 10.02
C GLY F 43 -18.75 -1.19 10.20
N VAL F 44 -17.99 -1.05 11.28
CA VAL F 44 -16.91 -1.98 11.62
C VAL F 44 -17.56 -3.29 12.03
N LYS F 45 -16.92 -4.42 11.71
CA LYS F 45 -17.60 -5.72 11.76
C LYS F 45 -17.20 -6.58 12.97
N ARG F 46 -15.96 -6.54 13.41
CA ARG F 46 -15.52 -7.31 14.59
C ARG F 46 -14.27 -6.65 15.13
N ILE F 47 -14.25 -6.32 16.41
CA ILE F 47 -13.09 -5.58 16.89
C ILE F 47 -12.38 -5.99 18.17
N SER F 48 -11.06 -6.04 18.09
CA SER F 48 -10.24 -6.31 19.26
C SER F 48 -10.36 -5.02 20.08
N GLY F 49 -10.48 -5.15 21.39
CA GLY F 49 -10.63 -4.00 22.24
C GLY F 49 -9.47 -3.02 22.25
N LEU F 50 -8.25 -3.55 22.18
CA LEU F 50 -7.05 -2.73 22.27
C LEU F 50 -7.14 -1.44 21.47
N ILE F 51 -8.02 -1.39 20.47
CA ILE F 51 -8.33 -0.13 19.79
C ILE F 51 -8.86 0.89 20.79
N TYR F 52 -9.76 0.44 21.68
CA TYR F 52 -10.62 1.23 22.55
C TYR F 52 -9.91 2.37 23.25
N GLU F 53 -8.95 2.02 24.11
CA GLU F 53 -8.29 3.01 24.93
C GLU F 53 -7.44 3.94 24.08
N GLU F 54 -6.94 3.42 22.95
CA GLU F 54 -6.35 4.22 21.89
C GLU F 54 -7.25 5.38 21.51
N THR F 55 -8.48 5.05 21.10
CA THR F 55 -9.49 6.05 20.77
C THR F 55 -9.74 6.96 21.95
N ARG F 56 -9.75 6.44 23.17
CA ARG F 56 -10.08 7.34 24.26
C ARG F 56 -9.11 8.51 24.25
N GLY F 57 -7.82 8.24 24.08
CA GLY F 57 -6.85 9.31 24.02
C GLY F 57 -6.86 10.27 22.82
N VAL F 58 -6.98 9.73 21.61
CA VAL F 58 -6.95 10.58 20.41
C VAL F 58 -8.10 11.56 20.13
N LEU F 59 -9.34 11.10 20.23
CA LEU F 59 -10.50 11.97 20.00
C LEU F 59 -10.56 13.01 21.11
N LYS F 60 -10.27 12.49 22.29
CA LYS F 60 -10.26 13.20 23.57
C LYS F 60 -9.31 14.38 23.52
N VAL F 61 -8.08 14.11 23.10
CA VAL F 61 -7.05 15.15 22.99
C VAL F 61 -7.48 16.19 21.97
N PHE F 62 -8.05 15.73 20.87
CA PHE F 62 -8.54 16.63 19.84
C PHE F 62 -9.62 17.46 20.52
N LEU F 63 -10.41 16.78 21.34
CA LEU F 63 -11.47 17.45 22.11
C LEU F 63 -10.82 18.44 23.08
N GLU F 64 -9.73 18.02 23.71
CA GLU F 64 -9.00 18.88 24.64
C GLU F 64 -8.51 20.07 23.81
N ASN F 65 -8.04 19.78 22.61
CA ASN F 65 -7.59 20.81 21.70
C ASN F 65 -8.65 21.88 21.53
N VAL F 66 -9.87 21.45 21.19
CA VAL F 66 -10.86 22.46 20.87
C VAL F 66 -11.39 23.08 22.14
N ILE F 67 -11.35 22.32 23.26
CA ILE F 67 -11.66 22.91 24.56
C ILE F 67 -10.65 23.98 24.89
N ARG F 68 -9.37 23.69 24.61
CA ARG F 68 -8.30 24.68 24.69
C ARG F 68 -8.63 25.90 23.87
N ASP F 69 -9.09 25.66 22.65
CA ASP F 69 -9.47 26.75 21.76
C ASP F 69 -10.64 27.50 22.34
N ALA F 70 -11.61 26.74 22.88
CA ALA F 70 -12.76 27.32 23.55
C ALA F 70 -12.33 28.11 24.77
N VAL F 71 -11.35 27.57 25.53
CA VAL F 71 -10.76 28.31 26.63
C VAL F 71 -10.15 29.60 26.12
N THR F 72 -9.45 29.51 24.99
CA THR F 72 -8.86 30.67 24.36
C THR F 72 -9.93 31.65 23.89
N TYR F 73 -11.12 31.15 23.55
CA TYR F 73 -12.20 32.08 23.32
C TYR F 73 -12.78 32.61 24.61
N THR F 74 -13.00 31.72 25.59
CA THR F 74 -13.86 32.07 26.72
C THR F 74 -13.15 33.01 27.67
N GLU F 75 -11.85 32.75 27.89
CA GLU F 75 -10.99 33.72 28.55
C GLU F 75 -10.91 35.03 27.78
N HIS F 76 -10.95 34.98 26.46
CA HIS F 76 -11.15 36.19 25.69
C HIS F 76 -12.55 36.76 25.85
N ALA F 77 -13.54 35.91 26.07
CA ALA F 77 -14.92 36.35 26.14
C ALA F 77 -15.29 37.00 27.46
N LYS F 78 -14.36 37.05 28.42
CA LYS F 78 -14.53 37.74 29.72
C LYS F 78 -15.65 37.14 30.56
N ARG F 79 -15.93 35.86 30.38
CA ARG F 79 -17.07 35.24 31.03
C ARG F 79 -16.64 34.02 31.82
N LYS F 80 -17.48 33.63 32.76
CA LYS F 80 -17.43 32.30 33.34
C LYS F 80 -18.36 31.38 32.59
N THR F 81 -19.26 31.94 31.78
CA THR F 81 -20.21 31.17 30.99
C THR F 81 -19.49 30.62 29.77
N VAL F 82 -19.83 29.41 29.37
CA VAL F 82 -19.32 28.81 28.16
C VAL F 82 -20.50 28.65 27.20
N THR F 83 -20.39 29.25 26.02
CA THR F 83 -21.46 29.16 25.06
C THR F 83 -21.14 28.18 23.94
N ALA F 84 -22.15 27.91 23.13
CA ALA F 84 -21.96 27.20 21.88
C ALA F 84 -21.37 28.08 20.78
N MET F 85 -21.26 29.39 21.02
CA MET F 85 -20.65 30.28 20.05
C MET F 85 -19.18 29.97 19.87
N ASP F 86 -18.47 29.78 20.98
CA ASP F 86 -17.05 29.46 20.94
C ASP F 86 -16.80 28.13 20.25
N VAL F 87 -17.75 27.20 20.41
CA VAL F 87 -17.75 25.94 19.67
C VAL F 87 -17.78 26.22 18.17
N VAL F 88 -18.62 27.17 17.76
CA VAL F 88 -18.76 27.51 16.35
C VAL F 88 -17.46 28.11 15.81
N TYR F 89 -16.87 29.05 16.55
CA TYR F 89 -15.62 29.67 16.12
C TYR F 89 -14.50 28.65 16.04
N ALA F 90 -14.45 27.74 17.01
CA ALA F 90 -13.46 26.68 17.00
C ALA F 90 -13.63 25.77 15.80
N LEU F 91 -14.84 25.23 15.60
CA LEU F 91 -15.10 24.25 14.57
C LEU F 91 -14.92 24.80 13.17
N LYS F 92 -15.22 26.08 12.96
CA LYS F 92 -14.84 26.66 11.67
C LYS F 92 -13.34 26.88 11.58
N ARG F 93 -12.66 27.23 12.67
CA ARG F 93 -11.21 27.29 12.60
C ARG F 93 -10.57 25.90 12.64
N GLN F 94 -11.32 24.87 13.00
CA GLN F 94 -10.84 23.50 12.86
C GLN F 94 -10.84 23.04 11.42
N GLY F 95 -11.84 23.42 10.65
CA GLY F 95 -12.11 22.74 9.40
C GLY F 95 -13.16 21.68 9.64
N ARG F 96 -13.48 21.46 10.92
CA ARG F 96 -14.50 20.49 11.31
C ARG F 96 -15.85 21.18 11.33
N THR F 97 -16.36 21.44 10.13
CA THR F 97 -17.50 22.34 9.98
C THR F 97 -18.81 21.60 10.29
N LEU F 98 -19.74 22.32 10.90
CA LEU F 98 -21.06 21.82 11.27
C LEU F 98 -22.08 22.94 11.10
N TYR F 99 -23.26 22.59 10.61
CA TYR F 99 -24.36 23.55 10.52
C TYR F 99 -25.46 23.14 11.50
N GLY F 100 -26.55 23.91 11.48
CA GLY F 100 -27.65 23.64 12.37
C GLY F 100 -27.50 24.37 13.69
N PHE F 101 -26.47 24.01 14.43
CA PHE F 101 -26.17 24.67 15.70
C PHE F 101 -25.39 25.96 15.48
N GLY F 102 -26.05 26.94 14.88
CA GLY F 102 -25.43 28.22 14.63
C GLY F 102 -25.68 29.21 15.74
N GLY F 103 -26.19 28.72 16.87
CA GLY F 103 -26.49 29.58 18.00
C GLY F 103 -27.81 30.30 17.83
N LYS G 16 13.57 58.83 16.36
CA LYS G 16 12.29 59.52 16.46
C LYS G 16 11.14 58.57 16.18
N SER G 17 11.46 57.41 15.59
CA SER G 17 10.44 56.44 15.24
C SER G 17 9.97 55.68 16.48
N ARG G 18 8.83 55.02 16.33
CA ARG G 18 8.24 54.24 17.41
C ARG G 18 8.96 52.91 17.63
N SER G 19 9.77 52.46 16.67
CA SER G 19 10.62 51.31 16.89
C SER G 19 11.70 51.60 17.93
N SER G 20 12.13 52.86 18.02
CA SER G 20 13.06 53.27 19.05
C SER G 20 12.41 53.35 20.43
N ARG G 21 11.18 53.88 20.51
CA ARG G 21 10.49 53.96 21.80
C ARG G 21 10.10 52.58 22.31
N ALA G 22 9.69 51.70 21.41
CA ALA G 22 9.41 50.32 21.76
C ALA G 22 10.67 49.47 21.84
N GLY G 23 11.82 49.99 21.43
CA GLY G 23 13.04 49.20 21.40
C GLY G 23 13.05 48.13 20.33
N LEU G 24 12.23 48.27 19.30
CA LEU G 24 12.08 47.23 18.28
C LEU G 24 13.02 47.47 17.12
N GLN G 25 13.35 46.37 16.44
CA GLN G 25 14.12 46.42 15.20
C GLN G 25 13.24 46.68 13.98
N PHE G 26 11.99 46.27 14.02
CA PHE G 26 11.13 46.34 12.86
C PHE G 26 10.42 47.69 12.81
N PRO G 27 10.19 48.23 11.60
CA PRO G 27 9.60 49.59 11.50
C PRO G 27 8.13 49.62 11.90
N VAL G 28 7.85 50.28 13.02
CA VAL G 28 6.47 50.50 13.45
C VAL G 28 5.77 51.48 12.51
N GLY G 29 6.55 52.36 11.88
CA GLY G 29 5.98 53.25 10.88
C GLY G 29 5.49 52.51 9.64
N ARG G 30 6.29 51.58 9.12
CA ARG G 30 5.89 50.84 7.91
C ARG G 30 4.72 49.90 8.18
N VAL G 31 4.81 49.12 9.26
CA VAL G 31 3.73 48.20 9.64
C VAL G 31 2.47 48.98 9.99
N HIS G 32 2.63 50.14 10.64
CA HIS G 32 1.49 50.95 11.03
C HIS G 32 0.85 51.63 9.83
N ARG G 33 1.64 51.94 8.80
CA ARG G 33 1.07 52.50 7.57
C ARG G 33 0.38 51.40 6.76
N LEU G 34 0.89 50.18 6.81
CA LEU G 34 0.21 49.07 6.15
C LEU G 34 -1.06 48.69 6.88
N LEU G 35 -1.10 48.94 8.18
CA LEU G 35 -2.36 48.83 8.92
C LEU G 35 -3.30 49.98 8.61
N ARG G 36 -2.75 51.16 8.31
CA ARG G 36 -3.57 52.25 7.77
C ARG G 36 -4.07 51.90 6.38
N LYS G 37 -3.28 51.16 5.60
CA LYS G 37 -3.76 50.58 4.36
C LYS G 37 -4.39 49.21 4.56
N GLY G 38 -4.69 48.83 5.81
CA GLY G 38 -5.33 47.57 6.09
C GLY G 38 -6.83 47.64 6.22
N ASN G 39 -7.33 48.59 7.04
CA ASN G 39 -8.77 48.75 7.35
C ASN G 39 -9.37 47.46 7.91
N TYR G 40 -8.62 46.79 8.79
CA TYR G 40 -9.12 45.58 9.42
C TYR G 40 -10.22 45.87 10.42
N ALA G 41 -10.18 47.04 11.07
CA ALA G 41 -11.17 47.45 12.04
C ALA G 41 -11.35 48.96 11.89
N GLU G 42 -12.01 49.58 12.87
CA GLU G 42 -12.29 51.01 12.77
C GLU G 42 -11.03 51.84 12.96
N ARG G 43 -10.42 51.76 14.14
CA ARG G 43 -9.26 52.58 14.45
C ARG G 43 -8.12 51.67 14.88
N VAL G 44 -6.95 52.26 15.10
CA VAL G 44 -5.73 51.52 15.37
C VAL G 44 -5.21 51.89 16.75
N GLY G 45 -5.40 50.99 17.70
CA GLY G 45 -4.70 51.10 18.96
C GLY G 45 -3.22 50.88 18.73
N ALA G 46 -2.45 51.90 19.09
CA ALA G 46 -1.04 52.00 18.71
C ALA G 46 -0.15 50.95 19.36
N GLY G 47 -0.59 50.32 20.45
CA GLY G 47 0.17 49.22 21.03
C GLY G 47 0.05 47.93 20.27
N ALA G 48 -0.99 47.78 19.43
CA ALA G 48 -1.14 46.57 18.64
C ALA G 48 -0.05 46.39 17.57
N PRO G 49 0.35 47.39 16.76
CA PRO G 49 1.48 47.12 15.85
C PRO G 49 2.81 46.98 16.56
N VAL G 50 2.94 47.60 17.74
CA VAL G 50 4.12 47.39 18.57
C VAL G 50 4.22 45.94 19.02
N TYR G 51 3.13 45.39 19.55
CA TYR G 51 3.08 43.99 19.97
C TYR G 51 3.27 43.05 18.78
N LEU G 52 2.70 43.43 17.63
CA LEU G 52 2.83 42.64 16.41
C LEU G 52 4.27 42.57 15.94
N ALA G 53 4.94 43.73 15.82
CA ALA G 53 6.33 43.75 15.38
C ALA G 53 7.25 43.12 16.41
N ALA G 54 6.85 43.14 17.69
CA ALA G 54 7.62 42.45 18.72
C ALA G 54 7.56 40.94 18.54
N VAL G 55 6.36 40.40 18.25
CA VAL G 55 6.24 38.96 18.02
C VAL G 55 6.92 38.58 16.70
N LEU G 56 6.88 39.48 15.71
CA LEU G 56 7.59 39.25 14.46
C LEU G 56 9.09 39.21 14.67
N GLU G 57 9.63 40.12 15.49
CA GLU G 57 11.05 40.09 15.82
C GLU G 57 11.42 38.86 16.62
N TYR G 58 10.52 38.43 17.52
CA TYR G 58 10.68 37.18 18.26
C TYR G 58 10.83 35.98 17.34
N LEU G 59 9.89 35.80 16.42
CA LEU G 59 9.94 34.64 15.54
C LEU G 59 11.02 34.79 14.49
N THR G 60 11.41 36.04 14.18
CA THR G 60 12.52 36.30 13.28
C THR G 60 13.83 35.82 13.89
N ALA G 61 14.09 36.20 15.14
CA ALA G 61 15.29 35.75 15.83
C ALA G 61 15.24 34.25 16.09
N GLU G 62 14.02 33.71 16.30
CA GLU G 62 13.83 32.26 16.41
C GLU G 62 14.30 31.53 15.17
N ILE G 63 13.79 31.94 14.00
CA ILE G 63 14.14 31.22 12.77
C ILE G 63 15.57 31.53 12.34
N LEU G 64 16.13 32.69 12.74
CA LEU G 64 17.53 32.94 12.44
C LEU G 64 18.44 32.09 13.30
N GLU G 65 18.05 31.83 14.55
CA GLU G 65 18.81 30.90 15.37
C GLU G 65 18.69 29.48 14.84
N LEU G 66 17.50 29.10 14.36
CA LEU G 66 17.32 27.79 13.75
C LEU G 66 18.14 27.65 12.47
N ALA G 67 18.24 28.73 11.70
CA ALA G 67 19.03 28.70 10.47
C ALA G 67 20.51 28.66 10.75
N GLY G 68 20.97 29.37 11.79
CA GLY G 68 22.36 29.27 12.19
C GLY G 68 22.72 27.88 12.71
N ASN G 69 21.78 27.25 13.43
CA ASN G 69 22.00 25.90 13.90
C ASN G 69 22.03 24.90 12.75
N ALA G 70 21.15 25.07 11.77
CA ALA G 70 21.16 24.17 10.62
C ALA G 70 22.37 24.39 9.73
N ALA G 71 22.89 25.63 9.69
CA ALA G 71 24.10 25.90 8.92
C ALA G 71 25.33 25.34 9.60
N ARG G 72 25.41 25.43 10.93
CA ARG G 72 26.56 24.87 11.63
C ARG G 72 26.47 23.36 11.76
N ASP G 73 25.28 22.78 11.64
CA ASP G 73 25.15 21.33 11.55
C ASP G 73 25.49 20.81 10.16
N ASN G 74 25.53 21.67 9.16
CA ASN G 74 25.94 21.29 7.82
C ASN G 74 27.23 22.00 7.40
N LYS G 75 27.83 22.77 8.31
CA LYS G 75 29.17 23.36 8.17
C LYS G 75 29.23 24.37 7.02
N LYS G 76 28.12 25.06 6.78
CA LYS G 76 28.05 26.06 5.72
C LYS G 76 27.70 27.42 6.32
N THR G 77 27.78 28.45 5.47
CA THR G 77 27.59 29.83 5.89
C THR G 77 26.40 30.49 5.22
N ARG G 78 26.24 30.31 3.90
CA ARG G 78 25.11 30.89 3.19
C ARG G 78 23.81 30.21 3.59
N ILE G 79 22.80 31.02 3.92
CA ILE G 79 21.50 30.47 4.30
C ILE G 79 20.85 29.91 3.05
N ILE G 80 20.47 28.64 3.10
CA ILE G 80 19.86 27.95 1.97
C ILE G 80 18.55 27.33 2.42
N PRO G 81 17.57 27.18 1.53
CA PRO G 81 16.33 26.50 1.93
C PRO G 81 16.47 25.00 2.10
N ARG G 82 17.64 24.42 1.83
CA ARG G 82 17.87 23.03 2.24
C ARG G 82 18.04 22.93 3.76
N HIS G 83 18.76 23.89 4.34
CA HIS G 83 18.84 24.00 5.80
C HIS G 83 17.47 24.31 6.39
N LEU G 84 16.71 25.15 5.70
CA LEU G 84 15.36 25.48 6.16
C LEU G 84 14.44 24.28 6.02
N GLN G 85 14.69 23.43 5.03
CA GLN G 85 13.89 22.22 4.87
C GLN G 85 14.27 21.18 5.90
N LEU G 86 15.54 21.15 6.31
CA LEU G 86 15.93 20.33 7.44
C LEU G 86 15.27 20.83 8.72
N ALA G 87 15.11 22.15 8.85
CA ALA G 87 14.36 22.70 9.98
C ALA G 87 12.88 22.34 9.91
N ILE G 88 12.34 22.23 8.70
CA ILE G 88 10.95 21.77 8.54
C ILE G 88 10.83 20.29 8.91
N ARG G 89 11.61 19.45 8.25
CA ARG G 89 11.49 18.00 8.37
C ARG G 89 12.02 17.46 9.69
N ASN G 90 12.78 18.26 10.44
CA ASN G 90 13.44 17.73 11.62
C ASN G 90 12.93 18.39 12.88
N ASP G 91 12.65 19.69 12.82
CA ASP G 91 11.85 20.35 13.86
C ASP G 91 10.42 20.37 13.35
N GLU G 92 9.63 19.38 13.79
CA GLU G 92 8.28 19.21 13.28
C GLU G 92 7.28 20.18 13.89
N GLU G 93 7.71 21.10 14.76
CA GLU G 93 6.85 22.22 15.14
C GLU G 93 6.58 23.11 13.95
N LEU G 94 7.63 23.40 13.18
CA LEU G 94 7.52 24.21 11.97
C LEU G 94 6.67 23.54 10.91
N ASN G 95 6.86 22.24 10.68
CA ASN G 95 6.06 21.53 9.70
C ASN G 95 4.64 21.30 10.24
N LYS G 96 4.48 21.31 11.56
CA LYS G 96 3.15 21.23 12.15
C LYS G 96 2.38 22.53 11.93
N LEU G 97 3.06 23.67 12.06
CA LEU G 97 2.39 24.94 11.76
C LEU G 97 2.24 25.14 10.26
N LEU G 98 3.17 24.61 9.46
CA LEU G 98 3.16 24.77 8.02
C LEU G 98 3.07 23.38 7.41
N GLY G 99 1.85 22.86 7.31
CA GLY G 99 1.64 21.52 6.80
C GLY G 99 1.74 21.41 5.29
N ARG G 100 0.79 22.04 4.59
CA ARG G 100 0.77 22.05 3.14
C ARG G 100 1.58 23.21 2.56
N VAL G 101 2.17 24.04 3.41
CA VAL G 101 2.98 25.17 2.99
C VAL G 101 4.35 24.65 2.63
N THR G 102 4.78 24.89 1.40
CA THR G 102 6.01 24.30 0.89
C THR G 102 7.08 25.34 0.61
N ILE G 103 8.25 24.84 0.25
CA ILE G 103 9.50 25.59 0.29
C ILE G 103 10.21 25.41 -1.05
N ALA G 104 10.60 26.52 -1.66
CA ALA G 104 11.33 26.47 -2.92
C ALA G 104 12.73 25.91 -2.72
N GLN G 105 13.04 24.86 -3.49
CA GLN G 105 14.33 24.14 -3.46
C GLN G 105 14.64 23.60 -2.06
N GLY G 106 13.77 22.73 -1.55
CA GLY G 106 13.96 22.19 -0.22
C GLY G 106 14.35 20.72 -0.15
N GLY G 107 13.74 19.89 -0.99
CA GLY G 107 13.93 18.44 -0.87
C GLY G 107 13.10 17.87 0.27
N VAL G 108 13.41 16.62 0.62
CA VAL G 108 12.83 15.99 1.81
C VAL G 108 13.94 15.31 2.60
N LEU G 109 13.58 14.68 3.71
CA LEU G 109 14.55 13.75 4.27
C LEU G 109 14.67 12.52 3.39
N PRO G 110 15.89 12.03 3.16
CA PRO G 110 16.04 10.64 2.73
C PRO G 110 15.74 9.69 3.87
N ASN G 111 14.45 9.52 4.18
CA ASN G 111 14.02 8.95 5.45
C ASN G 111 14.20 7.45 5.39
N ILE G 112 15.29 6.97 5.99
CA ILE G 112 15.67 5.57 5.98
C ILE G 112 14.72 4.85 6.93
N GLN G 113 13.79 4.08 6.36
CA GLN G 113 12.86 3.35 7.20
C GLN G 113 13.48 2.04 7.67
N ALA G 114 12.81 1.40 8.62
CA ALA G 114 13.34 0.21 9.26
C ALA G 114 13.26 -1.03 8.36
N VAL G 115 12.19 -1.17 7.59
CA VAL G 115 11.99 -2.39 6.81
C VAL G 115 12.89 -2.38 5.58
N LEU G 116 13.16 -1.19 5.03
CA LEU G 116 13.97 -1.10 3.82
C LEU G 116 15.45 -1.39 4.07
N LEU G 117 15.91 -1.35 5.31
CA LEU G 117 17.28 -1.76 5.58
C LEU G 117 17.42 -3.27 5.53
N PRO G 118 18.63 -3.77 5.25
CA PRO G 118 18.90 -5.19 5.44
C PRO G 118 18.86 -5.58 6.92
N LYS G 119 18.81 -6.89 7.15
CA LYS G 119 18.55 -7.55 8.45
C LYS G 119 17.20 -7.06 8.98
N GLU H 36 7.44 46.64 -2.02
CA GLU H 36 8.56 46.74 -1.09
C GLU H 36 8.90 45.39 -0.47
N SER H 37 9.82 45.42 0.48
CA SER H 37 10.14 44.23 1.26
C SER H 37 10.69 44.68 2.60
N TYR H 38 10.67 43.75 3.56
CA TYR H 38 11.36 43.91 4.83
C TYR H 38 12.77 43.38 4.79
N SER H 39 13.28 43.13 3.58
CA SER H 39 14.55 42.43 3.38
C SER H 39 15.72 43.23 3.91
N VAL H 40 15.61 44.56 3.88
CA VAL H 40 16.57 45.43 4.57
C VAL H 40 16.57 45.12 6.07
N TYR H 41 15.38 45.06 6.67
CA TYR H 41 15.29 44.85 8.11
C TYR H 41 15.62 43.41 8.47
N VAL H 42 15.23 42.46 7.63
CA VAL H 42 15.57 41.06 7.87
C VAL H 42 17.08 40.85 7.78
N TYR H 43 17.72 41.51 6.81
CA TYR H 43 19.16 41.40 6.67
C TYR H 43 19.88 42.08 7.83
N LYS H 44 19.32 43.18 8.34
CA LYS H 44 19.93 43.85 9.48
C LYS H 44 19.80 43.02 10.76
N VAL H 45 18.64 42.39 10.97
CA VAL H 45 18.45 41.51 12.11
C VAL H 45 19.36 40.29 12.00
N LEU H 46 19.55 39.80 10.76
CA LEU H 46 20.53 38.74 10.49
C LEU H 46 21.93 39.14 10.89
N LYS H 47 22.39 40.32 10.44
CA LYS H 47 23.76 40.71 10.74
C LYS H 47 23.88 41.26 12.16
N GLN H 48 22.77 41.38 12.89
CA GLN H 48 22.88 41.56 14.33
C GLN H 48 23.04 40.22 15.05
N VAL H 49 22.09 39.30 14.90
CA VAL H 49 22.11 38.10 15.74
C VAL H 49 23.04 37.01 15.21
N HIS H 50 23.34 37.00 13.92
CA HIS H 50 24.33 36.08 13.36
C HIS H 50 25.12 36.82 12.30
N PRO H 51 26.12 37.61 12.70
CA PRO H 51 26.89 38.38 11.71
C PRO H 51 27.79 37.52 10.85
N ASP H 52 28.18 36.35 11.34
CA ASP H 52 29.05 35.41 10.60
C ASP H 52 28.22 34.45 9.75
N THR H 53 27.31 34.99 8.94
CA THR H 53 26.35 34.16 8.21
C THR H 53 26.02 34.82 6.88
N GLY H 54 26.50 34.24 5.78
CA GLY H 54 26.08 34.65 4.46
C GLY H 54 24.64 34.25 4.19
N ILE H 55 24.12 34.73 3.06
CA ILE H 55 22.72 34.50 2.75
C ILE H 55 22.55 34.43 1.23
N SER H 56 21.62 33.60 0.80
CA SER H 56 21.17 33.52 -0.58
C SER H 56 19.92 34.38 -0.74
N SER H 57 19.58 34.69 -1.99
CA SER H 57 18.39 35.51 -2.24
C SER H 57 17.11 34.72 -2.04
N LYS H 58 17.14 33.41 -2.28
CA LYS H 58 15.97 32.58 -2.02
C LYS H 58 15.71 32.43 -0.54
N ALA H 59 16.77 32.50 0.29
CA ALA H 59 16.59 32.49 1.73
C ALA H 59 15.86 33.75 2.20
N MET H 60 16.25 34.91 1.66
CA MET H 60 15.55 36.15 1.94
C MET H 60 14.12 36.11 1.41
N GLY H 61 13.91 35.40 0.30
CA GLY H 61 12.56 35.24 -0.22
C GLY H 61 11.70 34.39 0.70
N ILE H 62 12.28 33.31 1.26
CA ILE H 62 11.63 32.53 2.31
C ILE H 62 11.25 33.41 3.49
N MET H 63 12.20 34.27 3.92
CA MET H 63 11.98 35.15 5.07
C MET H 63 10.80 36.07 4.86
N ASN H 64 10.82 36.86 3.78
CA ASN H 64 9.72 37.78 3.50
C ASN H 64 8.44 37.03 3.12
N SER H 65 8.58 35.77 2.67
CA SER H 65 7.42 34.95 2.38
C SER H 65 6.62 34.63 3.63
N PHE H 66 7.27 34.06 4.66
CA PHE H 66 6.49 33.81 5.86
C PHE H 66 6.22 35.09 6.63
N VAL H 67 6.99 36.16 6.40
CA VAL H 67 6.62 37.47 6.94
C VAL H 67 5.25 37.89 6.44
N ASN H 68 5.05 37.89 5.12
CA ASN H 68 3.77 38.26 4.54
C ASN H 68 2.68 37.28 4.95
N ASP H 69 3.00 35.98 4.95
CA ASP H 69 2.05 34.94 5.31
C ASP H 69 1.53 35.09 6.73
N ILE H 70 2.43 35.00 7.72
CA ILE H 70 1.99 34.96 9.10
C ILE H 70 1.51 36.33 9.54
N PHE H 71 2.05 37.40 8.93
CA PHE H 71 1.54 38.74 9.14
C PHE H 71 0.07 38.84 8.75
N GLU H 72 -0.29 38.31 7.57
CA GLU H 72 -1.67 38.43 7.15
C GLU H 72 -2.55 37.43 7.88
N ARG H 73 -1.98 36.32 8.34
CA ARG H 73 -2.74 35.37 9.17
C ARG H 73 -3.17 36.03 10.47
N ILE H 74 -2.20 36.63 11.18
CA ILE H 74 -2.48 37.34 12.43
C ILE H 74 -3.40 38.52 12.18
N ALA H 75 -3.19 39.23 11.06
CA ALA H 75 -3.98 40.40 10.75
C ALA H 75 -5.43 40.03 10.46
N GLY H 76 -5.65 38.96 9.70
CA GLY H 76 -7.01 38.53 9.41
C GLY H 76 -7.72 37.96 10.61
N GLU H 77 -7.00 37.22 11.46
CA GLU H 77 -7.65 36.65 12.64
C GLU H 77 -7.96 37.74 13.66
N ALA H 78 -7.09 38.75 13.77
CA ALA H 78 -7.37 39.87 14.65
C ALA H 78 -8.49 40.73 14.11
N SER H 79 -8.63 40.83 12.78
CA SER H 79 -9.78 41.49 12.19
C SER H 79 -11.06 40.75 12.51
N ARG H 80 -11.03 39.42 12.39
CA ARG H 80 -12.16 38.57 12.78
C ARG H 80 -12.57 38.81 14.23
N LEU H 81 -11.59 38.83 15.13
CA LEU H 81 -11.91 38.98 16.54
C LEU H 81 -12.31 40.40 16.88
N ALA H 82 -11.87 41.38 16.08
CA ALA H 82 -12.43 42.73 16.19
C ALA H 82 -13.89 42.75 15.78
N HIS H 83 -14.25 41.97 14.75
CA HIS H 83 -15.65 41.86 14.38
C HIS H 83 -16.46 41.06 15.39
N TYR H 84 -15.84 40.13 16.12
CA TYR H 84 -16.59 39.15 16.91
C TYR H 84 -17.18 39.76 18.18
N ASN H 85 -16.35 40.32 19.04
CA ASN H 85 -16.82 40.89 20.30
C ASN H 85 -17.11 42.38 20.21
N LYS H 86 -17.55 42.85 19.04
CA LYS H 86 -18.14 44.17 18.82
C LYS H 86 -17.10 45.27 19.09
N ARG H 87 -15.92 45.07 18.53
CA ARG H 87 -14.76 45.88 18.86
C ARG H 87 -14.41 46.78 17.69
N SER H 88 -13.87 47.96 18.00
CA SER H 88 -13.56 48.99 17.02
C SER H 88 -12.07 49.15 16.77
N THR H 89 -11.24 49.19 17.81
CA THR H 89 -9.80 49.22 17.67
C THR H 89 -9.20 47.99 18.31
N ILE H 90 -7.93 47.75 18.03
CA ILE H 90 -7.27 46.48 18.33
C ILE H 90 -6.10 46.75 19.27
N THR H 91 -5.93 45.89 20.28
CA THR H 91 -4.80 45.92 21.20
C THR H 91 -4.11 44.56 21.19
N SER H 92 -3.19 44.39 22.14
CA SER H 92 -2.38 43.18 22.21
C SER H 92 -3.13 41.99 22.77
N ARG H 93 -4.24 42.22 23.47
CA ARG H 93 -5.06 41.15 24.02
C ARG H 93 -5.59 40.23 22.92
N GLU H 94 -6.13 40.83 21.87
CA GLU H 94 -6.71 40.07 20.78
C GLU H 94 -5.63 39.38 19.97
N ILE H 95 -4.46 40.01 19.86
CA ILE H 95 -3.36 39.41 19.12
C ILE H 95 -2.82 38.20 19.87
N GLN H 96 -2.63 38.35 21.18
CA GLN H 96 -2.26 37.25 22.06
C GLN H 96 -3.26 36.11 21.97
N THR H 97 -4.55 36.43 21.95
CA THR H 97 -5.58 35.42 21.86
C THR H 97 -5.54 34.70 20.51
N ALA H 98 -5.27 35.45 19.42
CA ALA H 98 -5.18 34.85 18.10
C ALA H 98 -3.95 33.95 17.99
N VAL H 99 -2.87 34.34 18.67
CA VAL H 99 -1.69 33.48 18.76
C VAL H 99 -2.01 32.18 19.47
N ARG H 100 -2.59 32.28 20.67
CA ARG H 100 -2.87 31.09 21.47
C ARG H 100 -3.94 30.21 20.85
N LEU H 101 -4.81 30.79 20.02
CA LEU H 101 -5.65 29.98 19.15
C LEU H 101 -4.82 29.26 18.09
N LEU H 102 -4.02 30.02 17.33
CA LEU H 102 -3.19 29.44 16.28
C LEU H 102 -2.11 28.54 16.86
N LEU H 103 -1.25 29.09 17.72
CA LEU H 103 -0.19 28.32 18.36
C LEU H 103 -0.33 28.43 19.86
N PRO H 104 -0.90 27.43 20.52
CA PRO H 104 -0.72 27.29 21.96
C PRO H 104 0.62 26.61 22.25
N GLY H 105 1.17 26.90 23.41
CA GLY H 105 2.44 26.33 23.82
C GLY H 105 3.33 27.37 24.48
N GLU H 106 4.61 27.02 24.57
CA GLU H 106 5.53 27.80 25.40
C GLU H 106 6.35 28.78 24.55
N LEU H 107 6.58 28.45 23.28
CA LEU H 107 7.03 29.43 22.31
C LEU H 107 6.08 30.62 22.26
N ALA H 108 4.79 30.33 22.32
CA ALA H 108 3.77 31.38 22.46
C ALA H 108 3.92 32.14 23.77
N LYS H 109 4.27 31.44 24.86
CA LYS H 109 4.44 32.10 26.15
C LYS H 109 5.57 33.12 26.11
N HIS H 110 6.71 32.75 25.52
CA HIS H 110 7.82 33.69 25.45
C HIS H 110 7.56 34.76 24.41
N ALA H 111 6.77 34.44 23.37
CA ALA H 111 6.31 35.46 22.43
C ALA H 111 5.48 36.53 23.13
N VAL H 112 4.56 36.10 24.00
CA VAL H 112 3.72 37.02 24.76
C VAL H 112 4.58 37.83 25.73
N SER H 113 5.58 37.18 26.34
CA SER H 113 6.47 37.89 27.25
C SER H 113 7.27 38.98 26.54
N GLU H 114 7.84 38.67 25.38
CA GLU H 114 8.60 39.64 24.61
C GLU H 114 7.71 40.76 24.09
N GLY H 115 6.50 40.41 23.66
CA GLY H 115 5.57 41.43 23.17
C GLY H 115 5.13 42.38 24.27
N THR H 116 4.82 41.85 25.45
CA THR H 116 4.39 42.69 26.56
C THR H 116 5.53 43.56 27.08
N LYS H 117 6.76 43.04 27.08
CA LYS H 117 7.85 43.89 27.56
C LYS H 117 8.22 44.94 26.52
N ALA H 118 8.04 44.67 25.23
CA ALA H 118 8.26 45.70 24.23
C ALA H 118 7.16 46.76 24.26
N VAL H 119 5.93 46.34 24.51
CA VAL H 119 4.82 47.28 24.70
C VAL H 119 5.04 48.13 25.93
N THR H 120 5.56 47.52 27.00
CA THR H 120 5.84 48.28 28.23
C THR H 120 6.99 49.26 28.02
N LYS H 121 7.98 48.87 27.21
CA LYS H 121 9.07 49.78 26.86
C LYS H 121 8.55 50.94 26.02
N TYR H 122 7.62 50.68 25.12
CA TYR H 122 6.97 51.76 24.38
C TYR H 122 6.10 52.60 25.30
N THR H 123 5.56 51.98 26.35
CA THR H 123 4.64 52.65 27.26
C THR H 123 5.40 53.58 28.21
N SER H 124 6.68 53.27 28.44
CA SER H 124 7.49 54.07 29.36
C SER H 124 7.74 55.48 28.83
N SER H 125 7.62 55.69 27.53
CA SER H 125 7.71 57.02 26.95
C SER H 125 6.48 57.30 26.09
N SER I 517 17.92 -40.72 -18.66
CA SER I 517 19.34 -40.55 -18.92
C SER I 517 19.87 -41.61 -19.86
N TYR I 518 20.77 -42.45 -19.33
CA TYR I 518 21.52 -43.42 -20.11
C TYR I 518 20.66 -44.65 -20.29
N LYS I 519 20.64 -45.19 -21.50
CA LYS I 519 20.06 -46.50 -21.73
C LYS I 519 21.11 -47.54 -22.05
N ASN I 520 22.38 -47.26 -21.72
CA ASN I 520 23.46 -48.16 -21.97
C ASN I 520 24.27 -48.31 -20.69
N PRO I 521 24.59 -49.54 -20.29
CA PRO I 521 25.61 -49.73 -19.26
C PRO I 521 26.98 -49.25 -19.69
N SER I 522 27.26 -49.28 -21.01
CA SER I 522 28.49 -48.72 -21.54
C SER I 522 28.51 -47.20 -21.50
N LEU I 523 27.35 -46.55 -21.36
CA LEU I 523 27.32 -45.15 -20.92
C LEU I 523 27.68 -45.12 -19.44
N MET I 524 28.96 -45.07 -19.21
CA MET I 524 29.59 -45.23 -17.90
C MET I 524 29.85 -43.87 -17.27
N PRO I 525 30.28 -43.81 -16.01
CA PRO I 525 30.94 -42.59 -15.55
C PRO I 525 32.21 -42.36 -16.34
N LYS I 526 32.17 -41.33 -17.19
CA LYS I 526 33.31 -40.93 -18.00
C LYS I 526 34.51 -40.57 -17.15
N GLU I 527 34.28 -39.91 -16.04
CA GLU I 527 35.20 -39.93 -14.92
C GLU I 527 34.42 -40.52 -13.76
N PRO I 528 34.92 -41.54 -13.09
CA PRO I 528 34.28 -41.99 -11.86
C PRO I 528 34.46 -40.97 -10.75
N HIS I 529 33.41 -40.21 -10.49
CA HIS I 529 33.46 -39.14 -9.50
C HIS I 529 33.35 -39.65 -8.07
N ILE I 530 33.18 -40.96 -7.89
CA ILE I 530 33.43 -41.59 -6.59
C ILE I 530 34.86 -41.42 -6.12
N ARG I 531 35.80 -41.19 -7.03
CA ARG I 531 37.20 -41.00 -6.70
C ARG I 531 37.50 -39.58 -6.21
N GLU I 532 36.55 -38.66 -6.36
CA GLU I 532 36.72 -37.30 -5.90
C GLU I 532 35.63 -36.83 -4.95
N MET I 533 34.48 -37.51 -4.92
CA MET I 533 33.22 -37.03 -4.36
C MET I 533 32.93 -35.64 -4.93
N LYS I 534 32.90 -35.56 -6.26
CA LYS I 534 32.75 -34.31 -6.99
C LYS I 534 31.45 -34.37 -7.76
N ILE I 535 30.59 -33.36 -7.57
CA ILE I 535 29.34 -33.36 -8.31
C ILE I 535 29.57 -32.89 -9.74
N TYR I 536 28.78 -33.45 -10.66
CA TYR I 536 29.04 -33.19 -12.07
C TYR I 536 27.73 -33.03 -12.83
N ILE I 537 27.73 -32.13 -13.80
CA ILE I 537 26.57 -31.86 -14.64
C ILE I 537 26.97 -32.25 -16.06
N ASP I 538 26.06 -32.89 -16.81
CA ASP I 538 26.40 -33.41 -18.12
C ASP I 538 25.25 -33.08 -19.08
N LYS I 539 25.30 -31.90 -19.69
CA LYS I 539 24.23 -31.48 -20.58
C LYS I 539 24.26 -32.22 -21.91
N LYS I 540 25.44 -32.60 -22.39
CA LYS I 540 25.56 -33.27 -23.68
C LYS I 540 24.91 -34.65 -23.64
N TYR I 541 24.89 -35.28 -22.48
CA TYR I 541 24.10 -36.48 -22.27
C TYR I 541 22.76 -36.20 -21.61
N GLU I 542 22.45 -34.93 -21.33
CA GLU I 542 21.21 -34.46 -20.74
C GLU I 542 20.91 -35.17 -19.41
N THR I 543 21.91 -35.10 -18.54
CA THR I 543 21.87 -35.79 -17.26
C THR I 543 22.79 -35.07 -16.28
N VAL I 544 22.85 -35.60 -15.08
CA VAL I 544 23.66 -35.02 -14.03
C VAL I 544 24.13 -36.13 -13.08
N ILE I 545 25.43 -36.21 -12.88
CA ILE I 545 26.06 -37.26 -12.08
C ILE I 545 26.20 -36.73 -10.67
N MET I 546 25.54 -37.41 -9.73
CA MET I 546 25.48 -37.00 -8.34
C MET I 546 25.85 -38.15 -7.42
N PRO I 547 26.78 -37.93 -6.49
CA PRO I 547 27.28 -39.00 -5.59
C PRO I 547 26.27 -39.37 -4.51
N VAL I 548 25.33 -40.24 -4.87
CA VAL I 548 24.28 -40.61 -3.93
C VAL I 548 24.78 -41.75 -3.05
N PHE I 549 25.44 -41.39 -1.94
CA PHE I 549 26.06 -42.32 -0.99
C PHE I 549 27.06 -43.26 -1.68
N GLY I 550 28.05 -42.65 -2.30
CA GLY I 550 29.04 -43.41 -3.05
C GLY I 550 28.53 -44.02 -4.33
N ILE I 551 27.32 -43.69 -4.75
CA ILE I 551 26.74 -44.17 -5.99
C ILE I 551 26.50 -42.94 -6.84
N ALA I 552 27.48 -42.61 -7.68
CA ALA I 552 27.43 -41.42 -8.53
C ALA I 552 26.43 -41.67 -9.65
N THR I 553 25.18 -41.51 -9.31
CA THR I 553 24.10 -41.87 -10.20
C THR I 553 23.86 -40.75 -11.20
N PRO I 554 23.67 -41.07 -12.49
CA PRO I 554 23.18 -40.06 -13.43
C PRO I 554 21.68 -39.87 -13.28
N PHE I 555 21.24 -38.65 -13.54
CA PHE I 555 19.85 -38.26 -13.36
C PHE I 555 19.39 -37.45 -14.54
N HIS I 556 18.20 -37.77 -15.04
CA HIS I 556 17.66 -37.08 -16.19
C HIS I 556 17.22 -35.69 -15.79
N ILE I 557 17.39 -34.74 -16.72
CA ILE I 557 16.99 -33.37 -16.46
C ILE I 557 15.48 -33.27 -16.41
N ALA I 558 14.80 -34.13 -17.16
CA ALA I 558 13.36 -34.33 -17.13
C ALA I 558 12.92 -35.20 -15.99
N THR I 559 13.69 -35.37 -14.92
CA THR I 559 13.25 -36.06 -13.71
C THR I 559 13.51 -35.21 -12.48
N ILE I 560 13.89 -33.95 -12.67
CA ILE I 560 14.39 -33.10 -11.60
C ILE I 560 13.64 -31.78 -11.64
N LYS I 561 13.15 -31.34 -10.49
CA LYS I 561 12.53 -30.02 -10.46
C LYS I 561 13.59 -28.92 -10.46
N ASN I 562 14.31 -28.78 -9.35
CA ASN I 562 15.25 -27.66 -9.17
C ASN I 562 16.12 -27.93 -7.94
N ILE I 563 16.85 -26.89 -7.52
CA ILE I 563 17.91 -26.98 -6.53
C ILE I 563 18.11 -25.59 -5.94
N SER I 564 18.42 -25.52 -4.65
CA SER I 564 18.90 -24.27 -4.06
C SER I 564 19.81 -24.56 -2.88
N MET I 565 20.44 -23.49 -2.39
CA MET I 565 21.55 -23.55 -1.45
C MET I 565 21.27 -22.65 -0.25
N SER I 566 21.74 -23.06 0.92
CA SER I 566 21.62 -22.30 2.15
C SER I 566 22.98 -22.29 2.84
N VAL I 567 23.47 -21.09 3.16
CA VAL I 567 24.79 -20.93 3.77
C VAL I 567 24.62 -20.84 5.28
N GLU I 568 25.57 -21.44 6.01
CA GLU I 568 25.59 -21.39 7.47
C GLU I 568 26.99 -21.10 7.98
N GLY I 569 27.89 -20.69 7.10
CA GLY I 569 29.31 -20.68 7.39
C GLY I 569 30.04 -21.53 6.39
N ASP I 570 30.57 -22.65 6.83
CA ASP I 570 31.21 -23.55 5.88
C ASP I 570 30.29 -24.64 5.36
N TYR I 571 29.71 -25.45 6.24
CA TYR I 571 28.86 -26.57 5.84
C TYR I 571 27.52 -26.04 5.35
N THR I 572 27.48 -25.68 4.06
CA THR I 572 26.26 -25.26 3.43
C THR I 572 25.33 -26.45 3.18
N TYR I 573 24.13 -26.18 2.70
CA TYR I 573 23.14 -27.23 2.48
C TYR I 573 22.43 -27.01 1.16
N LEU I 574 22.29 -28.07 0.39
CA LEU I 574 21.69 -28.02 -0.94
C LEU I 574 20.42 -28.88 -0.94
N ARG I 575 19.28 -28.27 -1.20
CA ARG I 575 18.07 -29.03 -1.50
C ARG I 575 18.00 -29.22 -3.02
N ILE I 576 17.55 -30.40 -3.42
CA ILE I 576 17.47 -30.77 -4.82
C ILE I 576 16.11 -31.41 -5.00
N ASN I 577 15.18 -30.69 -5.62
CA ASN I 577 13.85 -31.24 -5.79
C ASN I 577 13.77 -31.98 -7.11
N PHE I 578 12.96 -33.03 -7.13
CA PHE I 578 12.84 -33.89 -8.29
C PHE I 578 11.41 -33.86 -8.78
N TYR I 579 11.24 -34.21 -10.06
CA TYR I 579 9.92 -34.39 -10.63
C TYR I 579 9.22 -35.56 -9.95
N CYS I 580 8.08 -35.27 -9.33
CA CYS I 580 7.30 -36.24 -8.57
C CYS I 580 5.89 -35.70 -8.44
N PRO I 581 4.93 -36.50 -7.96
CA PRO I 581 3.66 -35.89 -7.53
C PRO I 581 3.88 -34.95 -6.36
N GLY I 582 3.30 -33.77 -6.47
CA GLY I 582 3.61 -32.65 -5.62
C GLY I 582 4.62 -31.71 -6.24
N SER I 583 5.36 -32.19 -7.24
CA SER I 583 6.31 -31.38 -7.98
C SER I 583 6.05 -31.36 -9.47
N ALA I 584 5.69 -32.48 -10.08
CA ALA I 584 5.47 -32.50 -11.52
C ALA I 584 4.16 -33.18 -11.88
N LEU I 585 3.60 -33.95 -10.96
CA LEU I 585 2.34 -34.62 -11.26
C LEU I 585 1.22 -34.02 -10.42
N GLY I 586 1.55 -33.54 -9.23
CA GLY I 586 0.60 -32.72 -8.48
C GLY I 586 0.26 -33.20 -7.09
N ARG I 587 0.14 -34.52 -6.91
CA ARG I 587 -0.22 -35.20 -5.66
C ARG I 587 -1.55 -34.69 -5.06
N GLY I 590 2.58 -31.32 -15.38
CA GLY I 590 1.44 -32.22 -15.35
C GLY I 590 1.84 -33.64 -15.67
N ASN I 591 0.88 -34.45 -16.13
CA ASN I 591 1.11 -35.86 -16.43
C ASN I 591 1.75 -36.05 -17.80
N ILE I 592 2.86 -35.34 -18.02
CA ILE I 592 3.81 -35.71 -19.05
C ILE I 592 4.69 -36.87 -18.59
N PHE I 593 4.60 -37.25 -17.32
CA PHE I 593 5.20 -38.47 -16.79
C PHE I 593 4.13 -39.22 -16.02
N PRO I 594 3.07 -39.73 -16.68
CA PRO I 594 1.88 -40.20 -15.95
C PRO I 594 2.05 -41.58 -15.34
N ASN I 595 2.97 -41.70 -14.37
CA ASN I 595 3.09 -42.95 -13.62
C ASN I 595 3.27 -42.64 -12.14
N PRO I 596 2.25 -42.11 -11.45
CA PRO I 596 2.47 -41.63 -10.07
C PRO I 596 2.59 -42.75 -9.05
N GLU I 597 1.87 -43.86 -9.25
CA GLU I 597 1.92 -44.95 -8.29
C GLU I 597 3.24 -45.71 -8.32
N ALA I 598 3.98 -45.65 -9.42
CA ALA I 598 5.40 -45.94 -9.32
C ALA I 598 6.06 -44.85 -8.49
N THR I 599 6.66 -45.28 -7.38
CA THR I 599 7.22 -44.38 -6.38
C THR I 599 8.39 -43.63 -6.99
N PHE I 600 8.46 -42.33 -6.72
CA PHE I 600 9.50 -41.46 -7.25
C PHE I 600 10.39 -41.03 -6.10
N VAL I 601 11.29 -40.08 -6.38
CA VAL I 601 12.01 -39.35 -5.36
C VAL I 601 11.51 -37.91 -5.36
N LYS I 602 11.40 -37.32 -4.17
CA LYS I 602 10.93 -35.95 -4.07
C LYS I 602 12.10 -34.97 -4.03
N GLU I 603 12.95 -35.07 -3.02
CA GLU I 603 14.10 -34.19 -2.93
C GLU I 603 15.22 -34.91 -2.20
N ILE I 604 16.45 -34.44 -2.44
CA ILE I 604 17.59 -34.85 -1.64
C ILE I 604 18.31 -33.60 -1.15
N THR I 605 19.27 -33.79 -0.25
CA THR I 605 19.93 -32.67 0.40
C THR I 605 21.39 -32.98 0.65
N TYR I 606 22.27 -32.26 -0.04
CA TYR I 606 23.70 -32.38 0.15
C TYR I 606 24.22 -31.35 1.14
N ARG I 607 25.44 -31.58 1.58
CA ARG I 607 26.18 -30.66 2.44
C ARG I 607 27.62 -30.61 1.95
N ALA I 608 28.23 -29.43 2.03
CA ALA I 608 29.66 -29.29 1.75
C ALA I 608 30.22 -28.15 2.57
N SER I 609 31.41 -28.35 3.12
CA SER I 609 32.12 -27.34 3.89
C SER I 609 32.88 -26.40 2.94
N ASN I 610 33.78 -25.60 3.50
CA ASN I 610 34.66 -24.75 2.72
C ASN I 610 36.06 -24.83 3.31
N ILE I 611 37.04 -25.19 2.48
CA ILE I 611 38.41 -25.35 2.94
C ILE I 611 39.12 -24.00 2.95
N LEU I 622 32.85 -24.01 -2.54
CA LEU I 622 33.62 -24.97 -3.33
C LEU I 622 33.20 -24.97 -4.79
N ASN I 623 33.45 -26.10 -5.46
CA ASN I 623 32.97 -26.32 -6.81
C ASN I 623 31.48 -26.68 -6.87
N LEU I 624 30.85 -26.90 -5.72
CA LEU I 624 29.44 -27.30 -5.71
C LEU I 624 28.54 -26.15 -6.13
N GLN I 625 28.88 -24.91 -5.74
CA GLN I 625 28.18 -23.73 -6.23
C GLN I 625 28.35 -23.58 -7.75
N ASN I 626 29.54 -23.92 -8.25
CA ASN I 626 29.81 -23.83 -9.68
C ASN I 626 28.97 -24.83 -10.46
N ALA I 627 28.88 -26.07 -9.98
CA ALA I 627 28.01 -27.05 -10.65
C ALA I 627 26.54 -26.78 -10.36
N PHE I 628 26.26 -26.05 -9.28
CA PHE I 628 24.91 -25.65 -8.93
C PHE I 628 24.33 -24.68 -9.94
N ARG I 629 25.08 -23.64 -10.27
CA ARG I 629 24.58 -22.61 -11.19
C ARG I 629 24.45 -23.10 -12.64
N ILE I 630 25.04 -24.24 -12.98
CA ILE I 630 24.95 -24.79 -14.32
C ILE I 630 23.55 -25.30 -14.67
N ILE I 631 22.81 -25.80 -13.67
CA ILE I 631 21.46 -26.37 -13.84
C ILE I 631 20.49 -25.38 -14.47
N LYS I 632 20.72 -24.08 -14.25
CA LYS I 632 19.89 -23.03 -14.85
C LYS I 632 19.94 -23.09 -16.37
N GLU I 633 21.13 -22.92 -16.95
CA GLU I 633 21.23 -22.95 -18.41
C GLU I 633 21.08 -24.36 -18.96
N VAL I 634 21.33 -25.38 -18.14
CA VAL I 634 21.00 -26.75 -18.52
C VAL I 634 19.50 -26.88 -18.80
N GLN I 635 18.67 -26.40 -17.87
CA GLN I 635 17.24 -26.47 -18.07
C GLN I 635 16.77 -25.50 -19.14
N LYS I 636 17.48 -24.38 -19.32
CA LYS I 636 17.20 -23.45 -20.41
C LYS I 636 17.33 -24.12 -21.76
N ARG I 637 18.52 -24.67 -22.05
CA ARG I 637 18.72 -25.34 -23.33
C ARG I 637 17.98 -26.66 -23.39
N TYR I 638 17.58 -27.21 -22.25
CA TYR I 638 16.84 -28.47 -22.25
C TYR I 638 15.38 -28.26 -22.62
N LYS I 639 14.81 -27.15 -22.21
CA LYS I 639 13.45 -26.82 -22.60
C LYS I 639 13.46 -26.14 -23.96
N UNK I 640 14.63 -25.65 -24.36
CA UNK I 640 14.82 -25.18 -25.72
C UNK I 640 14.85 -26.39 -26.65
N UNK I 641 15.41 -27.49 -26.14
CA UNK I 641 15.40 -28.77 -26.85
C UNK I 641 13.98 -29.31 -26.92
N UNK I 642 13.19 -28.98 -25.90
CA UNK I 642 11.77 -29.28 -25.90
C UNK I 642 11.02 -28.16 -26.62
N UNK I 643 11.27 -28.01 -27.92
CA UNK I 643 10.60 -26.99 -28.71
C UNK I 643 9.15 -27.39 -28.96
N UNK I 644 8.32 -26.42 -29.28
CA UNK I 644 6.91 -26.66 -29.53
C UNK I 644 6.73 -27.43 -30.84
N UNK I 645 7.52 -27.06 -31.84
CA UNK I 645 7.49 -27.75 -33.12
C UNK I 645 8.27 -29.05 -33.02
N VAL I 652 2.83 -22.55 -36.84
CA VAL I 652 2.14 -23.43 -37.79
C VAL I 652 2.57 -23.06 -39.20
N LYS I 653 3.44 -23.88 -39.78
CA LYS I 653 4.05 -23.57 -41.07
C LYS I 653 3.03 -23.74 -42.18
N GLN I 654 2.70 -22.66 -42.86
CA GLN I 654 1.69 -22.70 -43.91
C GLN I 654 2.27 -23.26 -45.19
N ASP I 655 1.37 -23.54 -46.14
CA ASP I 655 1.77 -24.01 -47.45
C ASP I 655 2.47 -22.91 -48.24
N SER I 656 3.46 -23.31 -49.03
CA SER I 656 4.14 -22.40 -49.94
C SER I 656 3.17 -21.93 -51.00
N LEU I 657 2.87 -20.63 -50.99
CA LEU I 657 1.85 -20.08 -51.87
C LEU I 657 2.33 -20.05 -53.32
N VAL I 658 1.47 -20.52 -54.21
CA VAL I 658 1.71 -20.42 -55.64
C VAL I 658 1.55 -18.97 -56.07
N ILE I 659 2.64 -18.32 -56.43
CA ILE I 659 2.60 -16.94 -56.88
C ILE I 659 1.98 -16.89 -58.28
N ASN I 660 1.15 -15.86 -58.51
CA ASN I 660 0.45 -15.65 -59.78
C ASN I 660 0.67 -14.19 -60.16
N LEU I 661 1.79 -13.90 -60.82
CA LEU I 661 2.08 -12.56 -61.31
C LEU I 661 1.35 -12.40 -62.64
N ASN I 662 0.07 -12.06 -62.56
CA ASN I 662 -0.77 -11.87 -63.73
C ASN I 662 -1.11 -10.38 -63.86
N ARG I 663 -1.97 -10.07 -64.84
CA ARG I 663 -2.42 -8.71 -65.02
C ARG I 663 -3.32 -8.26 -63.88
N SER I 664 -4.18 -9.15 -63.41
CA SER I 664 -5.03 -8.86 -62.25
C SER I 664 -4.35 -9.30 -60.96
N ASN I 665 -3.18 -8.69 -60.72
CA ASN I 665 -2.43 -8.97 -59.50
C ASN I 665 -2.48 -7.74 -58.60
N PRO I 666 -3.26 -7.77 -57.52
CA PRO I 666 -3.30 -6.63 -56.61
C PRO I 666 -2.01 -6.54 -55.81
N LYS I 667 -1.16 -5.59 -56.18
CA LYS I 667 0.20 -5.48 -55.66
C LYS I 667 0.32 -4.14 -54.95
N LEU I 668 0.19 -4.17 -53.62
CA LEU I 668 -0.01 -2.95 -52.85
C LEU I 668 1.22 -2.66 -52.01
N LYS I 669 1.92 -1.58 -52.35
CA LYS I 669 3.16 -1.18 -51.70
C LYS I 669 2.87 -0.47 -50.39
N ASP I 670 3.95 -0.16 -49.65
CA ASP I 670 3.95 0.64 -48.43
C ASP I 670 3.04 0.05 -47.35
N LEU I 671 3.31 -1.17 -46.92
CA LEU I 671 2.53 -1.76 -45.85
C LEU I 671 3.44 -2.19 -44.72
N TYR I 672 2.98 -1.97 -43.50
CA TYR I 672 3.77 -2.12 -42.29
C TYR I 672 3.19 -3.30 -41.54
N ILE I 673 3.93 -4.38 -41.48
CA ILE I 673 3.51 -5.55 -40.72
C ILE I 673 3.70 -5.25 -39.23
N ARG I 674 2.75 -5.69 -38.42
CA ARG I 674 3.01 -5.88 -37.02
C ARG I 674 2.26 -7.17 -36.72
N PRO I 675 2.94 -8.21 -36.19
CA PRO I 675 4.28 -8.38 -35.63
C PRO I 675 5.44 -8.22 -36.62
N ASN I 676 6.31 -7.28 -36.30
CA ASN I 676 7.45 -6.95 -37.15
C ASN I 676 8.45 -8.09 -37.13
N ILE I 677 9.21 -8.18 -38.22
CA ILE I 677 10.24 -9.21 -38.32
C ILE I 677 11.52 -8.75 -37.63
N ALA I 678 12.02 -7.58 -38.00
CA ALA I 678 13.15 -6.98 -37.30
C ALA I 678 12.64 -6.19 -36.10
N GLN I 679 13.56 -5.62 -35.32
CA GLN I 679 13.20 -4.79 -34.18
C GLN I 679 12.58 -3.48 -34.61
N LYS I 680 12.93 -3.00 -35.81
CA LYS I 680 12.27 -1.84 -36.38
C LYS I 680 10.91 -2.23 -36.94
N ARG I 681 10.15 -1.21 -37.35
CA ARG I 681 8.91 -1.44 -38.08
C ARG I 681 9.25 -1.90 -39.49
N MET I 682 8.96 -3.16 -39.78
CA MET I 682 9.19 -3.68 -41.12
C MET I 682 8.14 -3.17 -42.09
N GLN I 683 8.60 -2.78 -43.28
CA GLN I 683 7.74 -2.30 -44.36
C GLN I 683 7.76 -3.35 -45.46
N GLY I 684 6.71 -3.36 -46.28
CA GLY I 684 6.73 -4.21 -47.44
C GLY I 684 5.57 -3.94 -48.39
N SER I 685 5.27 -4.95 -49.20
CA SER I 685 4.30 -4.80 -50.27
C SER I 685 3.48 -6.08 -50.41
N LEU I 686 2.17 -5.92 -50.30
CA LEU I 686 1.26 -7.06 -50.29
C LEU I 686 0.83 -7.40 -51.72
N GLU I 687 0.79 -8.69 -52.02
CA GLU I 687 0.47 -9.18 -53.35
C GLU I 687 -0.57 -10.28 -53.25
N ALA I 688 -1.74 -10.08 -53.86
CA ALA I 688 -2.86 -10.99 -53.68
C ALA I 688 -2.87 -12.09 -54.73
N HIS I 689 -3.37 -13.26 -54.32
CA HIS I 689 -3.44 -14.41 -55.22
C HIS I 689 -4.76 -15.13 -54.97
N VAL I 690 -4.87 -16.35 -55.48
CA VAL I 690 -6.15 -17.06 -55.50
C VAL I 690 -6.44 -17.78 -54.18
N ASN I 691 -5.40 -18.22 -53.46
CA ASN I 691 -5.60 -18.84 -52.15
C ASN I 691 -4.55 -18.32 -51.16
N GLY I 692 -4.25 -17.03 -51.26
CA GLY I 692 -3.27 -16.41 -50.38
C GLY I 692 -2.84 -15.02 -50.80
N PHE I 693 -2.24 -14.30 -49.86
CA PHE I 693 -1.61 -13.01 -50.11
C PHE I 693 -0.10 -13.16 -50.04
N ARG I 694 0.62 -12.16 -50.53
CA ARG I 694 2.08 -12.17 -50.53
C ARG I 694 2.59 -10.80 -50.12
N PHE I 695 2.79 -10.62 -48.83
CA PHE I 695 3.44 -9.43 -48.30
C PHE I 695 4.93 -9.53 -48.60
N THR I 696 5.32 -9.10 -49.78
CA THR I 696 6.73 -9.01 -50.15
C THR I 696 7.34 -7.87 -49.36
N SER I 697 8.29 -8.20 -48.49
CA SER I 697 8.87 -7.20 -47.59
C SER I 697 9.80 -6.27 -48.36
N VAL I 698 10.30 -5.25 -47.66
CA VAL I 698 11.42 -4.47 -48.18
C VAL I 698 12.65 -5.35 -48.33
N ARG I 699 12.84 -6.30 -47.41
CA ARG I 699 13.89 -7.30 -47.57
C ARG I 699 13.54 -8.28 -48.68
N GLY I 700 12.26 -8.42 -49.01
CA GLY I 700 11.83 -9.32 -50.06
C GLY I 700 11.24 -10.59 -49.49
N ASP I 701 11.14 -10.65 -48.17
CA ASP I 701 10.58 -11.81 -47.50
C ASP I 701 9.08 -11.84 -47.73
N LYS I 702 8.63 -12.83 -48.50
CA LYS I 702 7.28 -12.90 -49.02
C LYS I 702 6.40 -13.60 -47.99
N VAL I 703 5.85 -12.83 -47.07
CA VAL I 703 4.94 -13.35 -46.06
C VAL I 703 3.65 -13.77 -46.75
N ASP I 704 3.44 -15.07 -46.87
CA ASP I 704 2.32 -15.61 -47.62
C ASP I 704 1.16 -15.89 -46.65
N ILE I 705 0.01 -15.31 -46.96
CA ILE I 705 -1.11 -15.25 -46.04
C ILE I 705 -2.26 -16.04 -46.67
N LEU I 706 -2.35 -17.33 -46.35
CA LEU I 706 -3.28 -18.20 -47.05
C LEU I 706 -4.72 -17.88 -46.70
N TYR I 707 -5.61 -18.06 -47.68
CA TYR I 707 -7.01 -17.73 -47.46
C TYR I 707 -7.68 -18.75 -46.55
N ASN I 708 -7.23 -20.00 -46.58
CA ASN I 708 -7.70 -20.99 -45.62
C ASN I 708 -6.97 -20.89 -44.28
N ASN I 709 -6.09 -19.91 -44.11
CA ASN I 709 -5.52 -19.57 -42.83
C ASN I 709 -6.27 -18.43 -42.15
N ILE I 710 -6.68 -17.41 -42.89
CA ILE I 710 -7.34 -16.24 -42.32
C ILE I 710 -8.74 -16.63 -41.86
N LYS I 711 -9.08 -16.27 -40.61
CA LYS I 711 -10.46 -16.28 -40.16
C LYS I 711 -11.09 -14.90 -40.26
N HIS I 712 -10.41 -13.87 -39.76
CA HIS I 712 -10.97 -12.53 -39.71
C HIS I 712 -10.02 -11.56 -40.41
N ALA I 713 -10.33 -11.23 -41.66
CA ALA I 713 -9.66 -10.13 -42.33
C ALA I 713 -10.27 -8.83 -41.82
N LEU I 714 -9.42 -7.86 -41.51
CA LEU I 714 -9.91 -6.59 -41.01
C LEU I 714 -9.37 -5.44 -41.85
N PHE I 715 -10.22 -4.43 -42.01
CA PHE I 715 -9.81 -3.22 -42.72
C PHE I 715 -10.33 -2.03 -41.89
N GLN I 716 -9.46 -1.49 -41.04
CA GLN I 716 -9.71 -0.19 -40.44
C GLN I 716 -9.34 0.87 -41.47
N PRO I 717 -10.24 1.77 -41.83
CA PRO I 717 -9.85 2.87 -42.72
C PRO I 717 -9.05 3.93 -41.98
N CYS I 718 -8.59 4.93 -42.74
CA CYS I 718 -8.02 6.15 -42.18
C CYS I 718 -9.01 7.29 -42.17
N ASP I 719 -10.28 6.97 -41.92
CA ASP I 719 -11.35 7.98 -41.82
C ASP I 719 -11.20 8.74 -40.50
N GLY I 720 -10.24 9.67 -40.50
CA GLY I 720 -9.80 10.33 -39.29
C GLY I 720 -8.78 9.56 -38.50
N GLU I 721 -8.50 8.31 -38.86
CA GLU I 721 -7.57 7.45 -38.14
C GLU I 721 -6.13 7.78 -38.49
N MET I 722 -5.23 7.37 -37.61
CA MET I 722 -3.80 7.55 -37.85
C MET I 722 -3.19 6.38 -38.60
N ILE I 723 -3.85 5.22 -38.58
CA ILE I 723 -3.43 4.08 -39.36
C ILE I 723 -4.62 3.61 -40.19
N ILE I 724 -4.33 3.04 -41.35
CA ILE I 724 -5.30 2.34 -42.16
C ILE I 724 -4.78 0.93 -42.39
N VAL I 725 -5.46 -0.05 -41.83
CA VAL I 725 -4.85 -1.36 -41.65
C VAL I 725 -5.50 -2.36 -42.59
N LEU I 726 -4.70 -3.31 -43.05
CA LEU I 726 -5.18 -4.58 -43.58
C LEU I 726 -4.80 -5.65 -42.56
N HIS I 727 -5.62 -5.81 -41.55
CA HIS I 727 -5.36 -6.87 -40.59
C HIS I 727 -5.97 -8.17 -41.06
N PHE I 728 -5.23 -9.26 -40.84
CA PHE I 728 -5.69 -10.59 -41.22
C PHE I 728 -5.49 -11.49 -40.02
N HIS I 729 -6.50 -11.55 -39.15
CA HIS I 729 -6.50 -12.53 -38.09
C HIS I 729 -6.58 -13.93 -38.68
N LEU I 730 -5.60 -14.76 -38.36
CA LEU I 730 -5.50 -16.07 -38.97
C LEU I 730 -6.32 -17.09 -38.19
N LYS I 731 -6.12 -18.35 -38.54
CA LYS I 731 -6.53 -19.48 -37.71
C LYS I 731 -5.35 -20.24 -37.14
N ASN I 732 -4.14 -19.83 -37.47
CA ASN I 732 -2.94 -20.55 -37.10
C ASN I 732 -1.88 -19.60 -36.57
N ALA I 733 -1.19 -20.02 -35.52
CA ALA I 733 -0.01 -19.31 -35.04
C ALA I 733 1.16 -19.71 -35.93
N ILE I 734 1.44 -18.90 -36.94
CA ILE I 734 2.38 -19.29 -37.99
C ILE I 734 3.78 -18.81 -37.64
N MET I 735 4.77 -19.61 -38.04
CA MET I 735 6.16 -19.35 -37.69
C MET I 735 6.79 -18.42 -38.72
N PHE I 736 6.95 -17.16 -38.36
CA PHE I 736 7.71 -16.22 -39.18
C PHE I 736 8.37 -15.20 -38.26
N GLY I 737 9.41 -14.57 -38.77
CA GLY I 737 10.04 -13.46 -38.10
C GLY I 737 10.91 -13.97 -36.96
N LYS I 738 10.26 -14.27 -35.84
CA LYS I 738 10.90 -15.07 -34.81
C LYS I 738 9.89 -16.01 -34.18
N LYS I 739 8.60 -15.71 -34.34
CA LYS I 739 7.59 -16.39 -33.52
C LYS I 739 6.41 -16.89 -34.33
N ARG I 740 5.39 -17.35 -33.62
CA ARG I 740 4.21 -17.94 -34.22
C ARG I 740 3.00 -17.05 -33.93
N HIS I 741 2.44 -16.47 -34.97
CA HIS I 741 1.52 -15.33 -34.88
C HIS I 741 0.20 -15.65 -35.57
N THR I 742 -0.88 -15.09 -35.03
CA THR I 742 -2.20 -15.22 -35.63
C THR I 742 -2.79 -13.85 -35.96
N ASP I 743 -2.68 -12.92 -35.01
CA ASP I 743 -3.03 -11.52 -35.28
C ASP I 743 -1.86 -10.85 -35.97
N VAL I 744 -1.97 -10.72 -37.29
CA VAL I 744 -0.98 -10.03 -38.10
C VAL I 744 -1.70 -8.90 -38.85
N GLN I 745 -1.18 -7.68 -38.71
CA GLN I 745 -1.82 -6.50 -39.26
C GLN I 745 -0.86 -5.78 -40.20
N PHE I 746 -1.43 -5.04 -41.16
CA PHE I 746 -0.66 -4.35 -42.18
C PHE I 746 -1.18 -2.92 -42.30
N TYR I 747 -0.51 -2.01 -41.61
CA TYR I 747 -0.96 -0.64 -41.45
C TYR I 747 -0.03 0.32 -42.19
N THR I 748 -0.45 1.58 -42.29
CA THR I 748 0.42 2.63 -42.79
C THR I 748 0.18 3.88 -41.96
N GLU I 749 1.16 4.24 -41.15
CA GLU I 749 1.04 5.38 -40.26
C GLU I 749 1.18 6.68 -41.04
N VAL I 750 0.20 7.56 -40.89
CA VAL I 750 0.15 8.82 -41.63
C VAL I 750 0.06 10.00 -40.66
N GLY I 751 0.70 9.86 -39.49
CA GLY I 751 0.55 10.81 -38.40
C GLY I 751 1.04 12.21 -38.70
N GLU I 752 0.70 13.13 -37.77
CA GLU I 752 0.81 14.56 -38.02
C GLU I 752 1.85 15.24 -37.14
N ILE I 753 1.74 15.16 -35.81
CA ILE I 753 2.60 15.95 -34.94
C ILE I 753 3.82 15.13 -34.53
N THR I 754 5.01 15.68 -34.81
CA THR I 754 6.26 15.04 -34.42
C THR I 754 7.29 16.13 -34.13
N THR I 755 8.46 15.70 -33.65
CA THR I 755 9.55 16.61 -33.31
C THR I 755 10.58 16.57 -34.43
N ASP I 756 10.74 17.70 -35.13
CA ASP I 756 11.71 17.80 -36.21
C ASP I 756 12.57 19.05 -36.06
N ASP I 767 -1.86 33.05 -42.70
CA ASP I 767 -1.80 31.65 -42.32
C ASP I 767 -2.11 30.74 -43.51
N ASP I 768 -1.14 29.94 -43.92
CA ASP I 768 -1.32 29.05 -45.05
C ASP I 768 -1.87 27.71 -44.59
N LEU I 769 -2.73 27.11 -45.40
CA LEU I 769 -3.39 25.85 -45.07
C LEU I 769 -3.21 24.80 -46.17
N TYR I 770 -2.09 24.85 -46.90
CA TYR I 770 -1.90 23.94 -48.03
C TYR I 770 -1.27 22.62 -47.63
N ALA I 771 -0.61 22.56 -46.46
CA ALA I 771 -0.15 21.29 -45.94
C ALA I 771 -1.34 20.42 -45.51
N GLU I 772 -2.45 21.06 -45.12
CA GLU I 772 -3.66 20.29 -44.83
C GLU I 772 -4.31 19.80 -46.11
N GLN I 773 -4.19 20.57 -47.20
CA GLN I 773 -4.61 20.07 -48.51
C GLN I 773 -3.77 18.88 -48.93
N MET I 774 -2.46 18.96 -48.71
CA MET I 774 -1.54 17.84 -48.90
C MET I 774 -1.96 16.63 -48.08
N GLU I 775 -2.32 16.86 -46.82
CA GLU I 775 -2.71 15.76 -45.92
C GLU I 775 -4.00 15.11 -46.37
N ARG I 776 -5.03 15.91 -46.67
CA ARG I 776 -6.31 15.39 -47.14
C ARG I 776 -6.17 14.65 -48.46
N GLU I 777 -5.39 15.21 -49.39
CA GLU I 777 -5.24 14.61 -50.71
C GLU I 777 -4.46 13.31 -50.64
N MET I 778 -3.39 13.25 -49.83
CA MET I 778 -2.61 12.02 -49.74
C MET I 778 -3.35 10.93 -48.98
N ARG I 779 -4.06 11.30 -47.88
CA ARG I 779 -4.91 10.32 -47.19
C ARG I 779 -5.99 9.78 -48.12
N HIS I 780 -6.59 10.65 -48.94
CA HIS I 780 -7.68 10.19 -49.78
C HIS I 780 -7.18 9.36 -50.96
N LYS I 781 -6.06 9.75 -51.58
CA LYS I 781 -5.53 8.96 -52.70
C LYS I 781 -4.98 7.62 -52.23
N LEU I 782 -4.31 7.60 -51.07
CA LEU I 782 -3.86 6.33 -50.53
C LEU I 782 -5.04 5.45 -50.12
N LYS I 783 -6.08 6.04 -49.50
CA LYS I 783 -7.21 5.20 -49.08
C LYS I 783 -8.03 4.74 -50.27
N THR I 784 -8.05 5.51 -51.37
CA THR I 784 -8.81 5.04 -52.51
C THR I 784 -8.01 4.03 -53.33
N ALA I 785 -6.67 4.11 -53.28
CA ALA I 785 -5.86 3.01 -53.79
C ALA I 785 -6.06 1.76 -52.95
N PHE I 786 -6.32 1.94 -51.66
CA PHE I 786 -6.58 0.80 -50.79
C PHE I 786 -7.96 0.23 -51.05
N LYS I 787 -8.93 1.08 -51.41
CA LYS I 787 -10.24 0.58 -51.82
C LYS I 787 -10.16 -0.13 -53.17
N ASN I 788 -9.28 0.35 -54.05
CA ASN I 788 -8.99 -0.40 -55.27
C ASN I 788 -8.40 -1.76 -54.94
N PHE I 789 -7.51 -1.81 -53.96
CA PHE I 789 -6.96 -3.08 -53.51
C PHE I 789 -8.04 -3.97 -52.91
N ILE I 790 -9.02 -3.37 -52.22
CA ILE I 790 -10.16 -4.12 -51.69
C ILE I 790 -10.98 -4.71 -52.82
N GLU I 791 -11.36 -3.91 -53.79
CA GLU I 791 -12.24 -4.39 -54.84
C GLU I 791 -11.49 -5.26 -55.85
N LYS I 792 -10.15 -5.24 -55.81
CA LYS I 792 -9.38 -6.17 -56.62
C LYS I 792 -9.12 -7.48 -55.90
N VAL I 793 -8.93 -7.47 -54.57
CA VAL I 793 -8.87 -8.76 -53.89
C VAL I 793 -10.25 -9.37 -53.83
N GLU I 794 -11.31 -8.56 -53.84
CA GLU I 794 -12.66 -9.07 -54.04
C GLU I 794 -12.88 -9.56 -55.46
N ALA I 795 -12.01 -9.18 -56.40
CA ALA I 795 -11.97 -9.83 -57.70
C ALA I 795 -11.07 -11.06 -57.68
N LEU I 796 -10.36 -11.28 -56.57
CA LEU I 796 -9.56 -12.51 -56.44
C LEU I 796 -10.11 -13.45 -55.38
N THR I 797 -10.49 -12.93 -54.21
CA THR I 797 -11.20 -13.73 -53.22
C THR I 797 -12.62 -14.06 -53.63
N LYS I 798 -13.18 -13.30 -54.59
CA LYS I 798 -14.56 -13.42 -55.07
C LYS I 798 -15.55 -13.26 -53.92
N GLU I 799 -15.33 -12.20 -53.12
CA GLU I 799 -16.19 -11.78 -52.00
C GLU I 799 -16.34 -12.85 -50.93
N GLU I 800 -15.34 -13.72 -50.81
CA GLU I 800 -15.34 -14.76 -49.80
C GLU I 800 -14.59 -14.37 -48.54
N LEU I 801 -13.62 -13.46 -48.64
CA LEU I 801 -12.84 -13.02 -47.48
C LEU I 801 -13.40 -11.67 -47.04
N GLU I 802 -14.05 -11.69 -45.87
CA GLU I 802 -14.73 -10.52 -45.36
C GLU I 802 -13.74 -9.51 -44.82
N PHE I 803 -13.59 -8.38 -45.51
CA PHE I 803 -13.03 -7.18 -44.91
C PHE I 803 -14.09 -6.60 -43.98
N GLU I 804 -14.06 -7.02 -42.72
CA GLU I 804 -15.13 -6.71 -41.78
C GLU I 804 -15.05 -5.25 -41.39
N VAL I 805 -16.11 -4.52 -41.72
CA VAL I 805 -16.12 -3.05 -41.55
C VAL I 805 -16.29 -2.74 -40.08
N PRO I 806 -15.55 -1.76 -39.54
CA PRO I 806 -15.73 -1.34 -38.15
C PRO I 806 -17.09 -0.71 -37.92
N PHE I 807 -17.85 -1.27 -36.97
CA PHE I 807 -19.15 -0.72 -36.62
C PHE I 807 -18.93 0.41 -35.62
N ARG I 808 -18.43 1.54 -36.12
CA ARG I 808 -18.09 2.65 -35.25
C ARG I 808 -19.31 3.40 -34.74
N ASP I 809 -20.51 3.07 -35.25
CA ASP I 809 -21.75 3.49 -34.62
C ASP I 809 -21.92 2.93 -33.21
N LEU I 810 -21.51 1.68 -32.98
CA LEU I 810 -21.49 1.09 -31.65
C LEU I 810 -20.09 1.18 -31.04
N GLY I 811 -19.35 2.24 -31.36
CA GLY I 811 -18.00 2.38 -30.89
C GLY I 811 -17.91 2.89 -29.46
N PHE I 812 -16.83 2.49 -28.79
CA PHE I 812 -16.59 2.84 -27.39
C PHE I 812 -15.11 2.64 -27.09
N ASN I 813 -14.69 3.10 -25.91
CA ASN I 813 -13.31 2.91 -25.49
C ASN I 813 -13.22 1.89 -24.37
N GLY I 814 -13.22 0.62 -24.75
CA GLY I 814 -13.09 -0.47 -23.80
C GLY I 814 -11.65 -0.90 -23.65
N ALA I 815 -11.44 -1.89 -22.77
CA ALA I 815 -10.09 -2.39 -22.48
C ALA I 815 -10.12 -3.84 -22.01
N PRO I 816 -10.16 -4.80 -22.94
CA PRO I 816 -9.81 -6.18 -22.55
C PRO I 816 -8.31 -6.44 -22.73
N TYR I 817 -7.67 -5.62 -23.55
CA TYR I 817 -6.22 -5.54 -23.70
C TYR I 817 -5.63 -4.62 -22.65
N ARG I 818 -6.51 -4.01 -21.86
CA ARG I 818 -6.19 -3.14 -20.73
C ARG I 818 -5.46 -1.89 -21.22
N SER I 819 -5.86 -1.43 -22.41
CA SER I 819 -5.44 -0.16 -22.97
C SER I 819 -6.65 0.38 -23.71
N THR I 820 -7.24 1.46 -23.18
CA THR I 820 -8.51 1.97 -23.70
C THR I 820 -8.30 2.64 -25.04
N CYS I 821 -8.65 1.95 -26.12
CA CYS I 821 -8.62 2.53 -27.46
C CYS I 821 -9.98 2.32 -28.12
N LEU I 822 -10.08 2.61 -29.41
CA LEU I 822 -11.35 2.54 -30.12
C LEU I 822 -11.80 1.10 -30.28
N LEU I 823 -12.84 0.74 -29.54
CA LEU I 823 -13.47 -0.58 -29.64
C LEU I 823 -14.83 -0.44 -30.28
N GLN I 824 -15.02 -1.13 -31.39
CA GLN I 824 -16.27 -1.08 -32.14
C GLN I 824 -16.47 -2.43 -32.81
N PRO I 825 -17.74 -2.83 -33.01
CA PRO I 825 -17.99 -4.16 -33.57
C PRO I 825 -17.63 -4.28 -35.04
N THR I 826 -17.69 -5.52 -35.51
CA THR I 826 -17.57 -5.92 -36.91
C THR I 826 -18.59 -7.03 -37.13
N SER I 827 -18.39 -7.82 -38.19
CA SER I 827 -19.28 -8.91 -38.57
C SER I 827 -19.52 -9.91 -37.44
N SER I 828 -18.46 -10.54 -36.94
CA SER I 828 -18.63 -11.45 -35.82
C SER I 828 -17.66 -11.13 -34.69
N ALA I 829 -17.27 -9.85 -34.58
CA ALA I 829 -16.21 -9.51 -33.64
C ALA I 829 -16.32 -8.06 -33.23
N LEU I 830 -16.05 -7.79 -31.95
CA LEU I 830 -15.55 -6.50 -31.52
C LEU I 830 -14.11 -6.38 -31.98
N VAL I 831 -13.62 -5.16 -32.23
CA VAL I 831 -12.28 -5.01 -32.75
C VAL I 831 -11.60 -3.80 -32.11
N ASN I 832 -10.27 -3.88 -32.01
CA ASN I 832 -9.45 -2.74 -31.63
C ASN I 832 -8.25 -2.64 -32.58
N ALA I 833 -8.52 -2.65 -33.89
CA ALA I 833 -7.48 -2.64 -34.92
C ALA I 833 -6.86 -1.25 -35.13
N THR I 834 -7.25 -0.26 -34.34
CA THR I 834 -6.61 1.05 -34.41
C THR I 834 -5.26 1.05 -33.72
N GLU I 835 -4.94 0.00 -32.96
CA GLU I 835 -3.66 -0.13 -32.28
C GLU I 835 -3.14 -1.57 -32.37
N TRP I 836 -2.12 -1.87 -31.58
CA TRP I 836 -1.62 -3.23 -31.43
C TRP I 836 -1.86 -3.72 -30.01
N PRO I 837 -2.34 -4.95 -29.83
CA PRO I 837 -2.86 -5.84 -30.88
C PRO I 837 -4.30 -5.50 -31.26
N PRO I 838 -4.77 -6.01 -32.38
CA PRO I 838 -6.20 -5.89 -32.69
C PRO I 838 -7.01 -6.93 -31.96
N PHE I 839 -8.20 -6.52 -31.53
CA PHE I 839 -9.08 -7.37 -30.73
C PHE I 839 -9.89 -8.26 -31.65
N VAL I 840 -9.87 -9.57 -31.39
CA VAL I 840 -10.62 -10.55 -32.15
C VAL I 840 -11.42 -11.40 -31.17
N VAL I 841 -12.74 -11.38 -31.30
CA VAL I 841 -13.62 -12.23 -30.51
C VAL I 841 -14.55 -12.95 -31.48
N THR I 842 -15.11 -14.07 -31.03
CA THR I 842 -16.13 -14.78 -31.80
C THR I 842 -17.45 -14.64 -31.07
N LEU I 843 -18.38 -13.90 -31.68
CA LEU I 843 -19.72 -13.77 -31.14
C LEU I 843 -20.51 -15.07 -31.22
N ASP I 844 -20.11 -15.97 -32.12
CA ASP I 844 -20.87 -17.15 -32.47
C ASP I 844 -20.81 -18.22 -31.39
N GLU I 845 -19.68 -18.38 -30.73
CA GLU I 845 -19.49 -19.41 -29.72
C GLU I 845 -19.78 -18.88 -28.32
N VAL I 846 -20.68 -17.91 -28.23
CA VAL I 846 -21.03 -17.27 -26.98
C VAL I 846 -22.38 -17.82 -26.53
N GLU I 847 -22.38 -18.53 -25.39
CA GLU I 847 -23.60 -19.06 -24.81
C GLU I 847 -24.54 -17.95 -24.37
N LEU I 848 -24.04 -17.02 -23.55
CA LEU I 848 -24.80 -15.88 -23.07
C LEU I 848 -23.82 -14.81 -22.57
N ILE I 849 -24.36 -13.76 -21.96
CA ILE I 849 -23.57 -12.60 -21.56
C ILE I 849 -23.91 -12.22 -20.12
N HIS I 850 -22.89 -12.11 -19.29
CA HIS I 850 -22.99 -11.50 -17.96
C HIS I 850 -22.23 -10.20 -17.94
N PHE I 851 -22.92 -9.10 -17.69
CA PHE I 851 -22.27 -7.82 -17.46
C PHE I 851 -21.80 -7.80 -16.00
N GLU I 852 -20.57 -7.32 -15.79
CA GLU I 852 -20.05 -7.20 -14.44
C GLU I 852 -20.15 -5.77 -13.96
N ARG I 853 -20.29 -5.62 -12.64
CA ARG I 853 -20.06 -4.38 -11.89
C ARG I 853 -21.00 -3.26 -12.35
N VAL I 854 -22.19 -3.66 -12.77
CA VAL I 854 -23.15 -2.65 -13.19
C VAL I 854 -23.78 -2.09 -11.93
N GLN I 855 -23.21 -1.01 -11.44
CA GLN I 855 -23.46 -0.52 -10.10
C GLN I 855 -23.10 0.95 -10.10
N PHE I 856 -23.60 1.68 -9.09
CA PHE I 856 -23.48 3.13 -9.02
C PHE I 856 -22.01 3.57 -8.94
N HIS I 857 -21.72 4.69 -9.60
CA HIS I 857 -20.42 5.28 -9.92
C HIS I 857 -19.37 4.26 -10.37
N LEU I 858 -19.79 3.22 -11.11
CA LEU I 858 -18.86 2.34 -11.82
C LEU I 858 -19.05 2.63 -13.30
N LYS I 859 -18.36 3.68 -13.76
CA LYS I 859 -18.40 4.03 -15.18
C LYS I 859 -17.56 3.07 -16.00
N ASN I 860 -16.54 2.49 -15.38
CA ASN I 860 -15.63 1.58 -16.06
C ASN I 860 -15.84 0.19 -15.47
N PHE I 861 -16.82 -0.54 -15.99
CA PHE I 861 -17.14 -1.87 -15.49
C PHE I 861 -16.80 -2.92 -16.54
N ASP I 862 -17.02 -4.18 -16.18
CA ASP I 862 -16.62 -5.31 -17.00
C ASP I 862 -17.82 -6.08 -17.51
N MET I 863 -17.55 -7.21 -18.16
CA MET I 863 -18.56 -8.07 -18.74
C MET I 863 -17.96 -9.43 -19.00
N VAL I 864 -18.69 -10.47 -18.59
CA VAL I 864 -18.29 -11.85 -18.82
C VAL I 864 -18.87 -12.28 -20.15
N ILE I 865 -18.01 -12.61 -21.10
CA ILE I 865 -18.41 -13.19 -22.37
C ILE I 865 -18.53 -14.68 -22.11
N VAL I 866 -19.68 -15.11 -21.60
CA VAL I 866 -19.90 -16.53 -21.28
C VAL I 866 -19.94 -17.28 -22.61
N TYR I 867 -18.89 -18.02 -22.90
CA TYR I 867 -18.83 -18.68 -24.19
C TYR I 867 -19.59 -19.99 -24.15
N LYS I 868 -19.87 -20.52 -25.34
CA LYS I 868 -20.25 -21.92 -25.44
C LYS I 868 -19.07 -22.81 -25.12
N ASP I 869 -17.88 -22.41 -25.56
CA ASP I 869 -16.65 -23.14 -25.25
C ASP I 869 -16.05 -22.56 -23.98
N TYR I 870 -16.16 -23.29 -22.89
CA TYR I 870 -15.57 -22.84 -21.63
C TYR I 870 -14.09 -23.14 -21.54
N SER I 871 -13.56 -23.94 -22.47
CA SER I 871 -12.12 -24.01 -22.68
C SER I 871 -11.58 -22.75 -23.33
N LYS I 872 -12.41 -22.06 -24.10
CA LYS I 872 -12.08 -20.71 -24.56
C LYS I 872 -12.21 -19.75 -23.40
N LYS I 873 -11.10 -19.10 -23.06
CA LYS I 873 -11.08 -18.29 -21.85
C LYS I 873 -11.76 -16.96 -22.07
N VAL I 874 -12.28 -16.40 -20.99
CA VAL I 874 -13.20 -15.28 -21.04
C VAL I 874 -12.46 -14.00 -20.67
N THR I 875 -12.61 -12.96 -21.48
CA THR I 875 -12.01 -11.67 -21.21
C THR I 875 -13.00 -10.74 -20.51
N MET I 876 -12.47 -9.90 -19.63
CA MET I 876 -13.26 -8.90 -18.92
C MET I 876 -12.85 -7.53 -19.43
N ILE I 877 -13.75 -6.88 -20.15
CA ILE I 877 -13.43 -5.65 -20.84
C ILE I 877 -13.52 -4.50 -19.85
N ASN I 878 -12.38 -3.88 -19.54
CA ASN I 878 -12.39 -2.69 -18.70
C ASN I 878 -12.90 -1.51 -19.51
N ALA I 879 -13.39 -0.50 -18.78
CA ALA I 879 -13.91 0.76 -19.32
C ALA I 879 -15.06 0.57 -20.30
N ILE I 880 -16.08 -0.17 -19.89
CA ILE I 880 -17.32 -0.30 -20.66
C ILE I 880 -18.23 0.85 -20.26
N PRO I 881 -18.62 1.74 -21.18
CA PRO I 881 -19.43 2.89 -20.80
C PRO I 881 -20.85 2.50 -20.39
N VAL I 882 -21.34 3.17 -19.36
CA VAL I 882 -22.73 3.04 -18.95
C VAL I 882 -23.67 3.53 -20.04
N ALA I 883 -23.25 4.56 -20.77
CA ALA I 883 -23.99 5.03 -21.94
C ALA I 883 -24.00 4.00 -23.07
N SER I 884 -22.86 3.37 -23.34
CA SER I 884 -22.78 2.37 -24.41
C SER I 884 -23.21 0.99 -23.94
N LEU I 885 -23.72 0.87 -22.71
CA LEU I 885 -24.19 -0.41 -22.18
C LEU I 885 -25.39 -0.93 -22.95
N ASP I 886 -26.51 -0.21 -22.91
CA ASP I 886 -27.76 -0.56 -23.56
C ASP I 886 -27.73 -0.73 -25.10
N PRO I 887 -26.96 0.07 -25.88
CA PRO I 887 -26.87 -0.26 -27.32
C PRO I 887 -26.18 -1.58 -27.59
N ILE I 888 -25.12 -1.88 -26.84
CA ILE I 888 -24.48 -3.19 -26.96
C ILE I 888 -25.39 -4.28 -26.41
N LYS I 889 -26.23 -3.94 -25.43
CA LYS I 889 -27.24 -4.88 -24.94
C LYS I 889 -28.24 -5.27 -26.02
N GLU I 890 -28.78 -4.28 -26.72
CA GLU I 890 -29.76 -4.60 -27.75
C GLU I 890 -29.07 -5.17 -28.98
N TRP I 891 -27.77 -4.89 -29.14
CA TRP I 891 -26.99 -5.56 -30.15
C TRP I 891 -26.74 -7.02 -29.79
N LEU I 892 -26.69 -7.33 -28.50
CA LEU I 892 -26.65 -8.72 -28.05
C LEU I 892 -28.02 -9.37 -28.19
N ASN I 893 -29.08 -8.58 -28.04
CA ASN I 893 -30.41 -9.05 -28.42
C ASN I 893 -30.49 -9.35 -29.90
N SER I 894 -29.71 -8.64 -30.74
CA SER I 894 -29.56 -9.02 -32.13
C SER I 894 -28.60 -10.20 -32.29
N CYS I 895 -27.82 -10.53 -31.26
CA CYS I 895 -27.02 -11.75 -31.22
C CYS I 895 -27.80 -12.87 -30.53
N ASP I 896 -29.10 -12.65 -30.34
CA ASP I 896 -30.04 -13.55 -29.66
C ASP I 896 -29.56 -13.87 -28.24
N LEU I 897 -29.14 -12.82 -27.55
CA LEU I 897 -28.70 -12.91 -26.16
C LEU I 897 -29.49 -11.87 -25.39
N LYS I 898 -30.41 -12.32 -24.55
CA LYS I 898 -31.20 -11.42 -23.72
C LYS I 898 -30.29 -10.74 -22.71
N TYR I 899 -30.46 -9.43 -22.55
CA TYR I 899 -29.51 -8.61 -21.81
C TYR I 899 -29.58 -8.88 -20.32
N THR I 900 -28.49 -9.44 -19.78
CA THR I 900 -28.41 -9.88 -18.39
C THR I 900 -27.16 -9.30 -17.73
N GLU I 901 -27.37 -8.46 -16.73
CA GLU I 901 -26.30 -7.73 -16.04
C GLU I 901 -25.83 -8.47 -14.80
N GLY I 902 -25.05 -7.75 -14.00
CA GLY I 902 -24.69 -8.21 -12.67
C GLY I 902 -23.61 -7.34 -12.09
N VAL I 903 -23.38 -7.48 -10.78
CA VAL I 903 -22.37 -6.74 -10.06
C VAL I 903 -21.26 -7.66 -9.57
N GLN I 904 -21.61 -8.87 -9.13
CA GLN I 904 -20.70 -9.76 -8.42
C GLN I 904 -19.64 -10.33 -9.37
N SER I 905 -18.53 -10.76 -8.76
CA SER I 905 -17.42 -11.36 -9.49
C SER I 905 -16.83 -12.49 -8.67
N LEU I 906 -15.99 -13.30 -9.32
CA LEU I 906 -15.39 -14.48 -8.72
C LEU I 906 -14.21 -14.84 -9.59
N ASN I 907 -13.48 -15.89 -9.21
CA ASN I 907 -12.51 -16.46 -10.13
C ASN I 907 -13.26 -17.12 -11.26
N TRP I 908 -13.08 -16.60 -12.48
CA TRP I 908 -13.84 -17.09 -13.61
C TRP I 908 -13.27 -18.36 -14.19
N THR I 909 -11.96 -18.56 -14.10
CA THR I 909 -11.36 -19.82 -14.52
C THR I 909 -11.75 -20.94 -13.57
N LYS I 910 -11.98 -20.61 -12.30
CA LYS I 910 -12.57 -21.57 -11.36
C LYS I 910 -13.96 -21.98 -11.81
N ILE I 911 -14.74 -21.03 -12.33
CA ILE I 911 -16.08 -21.35 -12.80
C ILE I 911 -16.01 -22.13 -14.11
N MET I 912 -14.95 -21.90 -14.90
CA MET I 912 -14.68 -22.74 -16.07
C MET I 912 -14.41 -24.17 -15.66
N LYS I 913 -13.59 -24.36 -14.63
CA LYS I 913 -13.32 -25.70 -14.12
C LYS I 913 -14.52 -26.30 -13.41
N THR I 914 -15.43 -25.47 -12.91
CA THR I 914 -16.65 -25.92 -12.25
C THR I 914 -17.69 -26.38 -13.26
N ILE I 915 -17.81 -25.69 -14.40
CA ILE I 915 -18.82 -26.06 -15.37
C ILE I 915 -18.35 -27.23 -16.24
N VAL I 916 -17.04 -27.47 -16.36
CA VAL I 916 -16.59 -28.66 -17.08
C VAL I 916 -16.68 -29.92 -16.25
N ASP I 917 -17.10 -29.79 -14.98
CA ASP I 917 -17.49 -30.98 -14.21
C ASP I 917 -18.71 -31.64 -14.83
N ASP I 918 -19.74 -30.86 -15.13
CA ASP I 918 -20.89 -31.28 -15.93
C ASP I 918 -21.52 -30.03 -16.53
N PRO I 919 -21.57 -29.93 -17.87
CA PRO I 919 -22.13 -28.72 -18.50
C PRO I 919 -23.62 -28.54 -18.24
N GLU I 920 -24.42 -29.56 -18.53
CA GLU I 920 -25.84 -29.53 -18.22
C GLU I 920 -26.09 -29.77 -16.73
N GLY I 921 -25.13 -30.36 -16.02
CA GLY I 921 -25.28 -30.54 -14.58
C GLY I 921 -25.06 -29.28 -13.80
N PHE I 922 -24.13 -28.43 -14.23
CA PHE I 922 -24.06 -27.08 -13.68
C PHE I 922 -25.31 -26.28 -14.02
N PHE I 923 -25.89 -26.52 -15.19
CA PHE I 923 -27.16 -25.91 -15.55
C PHE I 923 -28.29 -26.38 -14.65
N GLU I 924 -28.22 -27.61 -14.16
CA GLU I 924 -29.11 -28.07 -13.11
C GLU I 924 -28.82 -27.36 -11.78
N GLN I 925 -27.57 -27.01 -11.55
CA GLN I 925 -27.14 -26.32 -10.33
C GLN I 925 -27.36 -24.81 -10.45
N GLY I 926 -28.56 -24.40 -10.81
CA GLY I 926 -28.89 -23.02 -11.10
C GLY I 926 -28.49 -22.55 -12.49
N GLY I 927 -27.27 -22.89 -12.92
CA GLY I 927 -26.77 -22.43 -14.18
C GLY I 927 -26.45 -20.95 -14.13
N TRP I 928 -26.69 -20.30 -15.27
CA TRP I 928 -26.37 -18.88 -15.36
C TRP I 928 -27.48 -18.00 -14.82
N SER I 929 -28.59 -18.61 -14.35
CA SER I 929 -29.47 -17.94 -13.42
C SER I 929 -28.78 -17.65 -12.10
N PHE I 930 -27.70 -18.37 -11.81
CA PHE I 930 -26.74 -17.99 -10.77
C PHE I 930 -26.20 -16.57 -10.94
N LEU I 931 -26.10 -16.07 -12.18
CA LEU I 931 -25.55 -14.74 -12.44
C LEU I 931 -26.38 -13.61 -11.85
N UNK I 932 -27.69 -13.83 -11.76
CA UNK I 932 -28.57 -12.86 -11.14
C UNK I 932 -28.77 -13.20 -9.66
N UNK I 933 -29.92 -13.80 -9.35
CA UNK I 933 -30.25 -14.20 -7.98
C UNK I 933 -31.30 -15.31 -8.02
N UNK I 934 -31.28 -16.18 -7.00
CA UNK I 934 -32.23 -17.29 -6.93
C UNK I 934 -32.45 -17.75 -5.49
N UNK I 935 -33.29 -17.01 -4.76
CA UNK I 935 -33.71 -17.28 -3.37
C UNK I 935 -32.58 -17.31 -2.33
N UNK I 936 -32.98 -17.38 -1.06
CA UNK I 936 -32.03 -17.36 0.05
C UNK I 936 -32.62 -18.00 1.31
N UNK I 937 -32.03 -17.67 2.47
CA UNK I 937 -32.48 -18.19 3.74
C UNK I 937 -32.36 -17.14 4.83
N UNK I 938 -33.19 -16.11 4.75
CA UNK I 938 -33.18 -15.02 5.72
C UNK I 938 -34.56 -14.36 5.81
N UNK I 939 -34.63 -13.26 6.55
CA UNK I 939 -35.88 -12.52 6.67
C UNK I 939 -36.01 -11.54 5.50
N UNK I 940 -36.11 -10.25 5.82
CA UNK I 940 -36.21 -9.23 4.79
C UNK I 940 -35.68 -7.90 5.31
N UNK I 941 -36.59 -7.02 5.72
CA UNK I 941 -36.22 -5.73 6.27
C UNK I 941 -36.80 -5.58 7.67
N UNK I 942 -38.13 -5.41 7.72
CA UNK I 942 -38.92 -5.27 8.95
C UNK I 942 -38.45 -4.13 9.86
N UNK I 943 -38.97 -2.93 9.63
CA UNK I 943 -38.62 -1.76 10.43
C UNK I 943 -39.62 -1.54 11.56
N UNK I 944 -39.41 -0.47 12.32
CA UNK I 944 -40.30 -0.14 13.43
C UNK I 944 -40.91 1.25 13.24
N UNK I 945 -40.75 2.11 14.24
CA UNK I 945 -41.35 3.43 14.20
C UNK I 945 -40.52 4.42 13.38
N UNK I 946 -40.43 4.17 12.08
CA UNK I 946 -39.69 5.05 11.18
C UNK I 946 -40.58 6.19 10.72
N UNK I 947 -40.84 7.14 11.61
CA UNK I 947 -41.72 8.26 11.30
C UNK I 947 -41.32 9.53 12.04
N UNK I 948 -41.82 10.66 11.55
CA UNK I 948 -41.53 11.95 12.16
C UNK I 948 -42.28 12.11 13.48
N UNK I 949 -41.59 12.61 14.49
CA UNK I 949 -42.20 12.83 15.80
C UNK I 949 -43.14 14.03 15.73
N UNK I 950 -44.16 14.01 16.58
CA UNK I 950 -45.12 15.12 16.64
C UNK I 950 -44.47 16.30 17.34
N UNK I 951 -43.54 16.00 18.23
CA UNK I 951 -42.85 17.03 18.99
C UNK I 951 -41.60 17.50 18.26
N UNK I 952 -41.39 17.03 17.03
CA UNK I 952 -40.25 17.45 16.25
C UNK I 952 -40.44 18.87 15.74
N UNK I 953 -39.35 19.49 15.28
CA UNK I 953 -39.34 20.91 14.92
C UNK I 953 -40.15 21.22 13.68
N UNK I 954 -40.83 22.36 13.72
CA UNK I 954 -41.60 22.89 12.59
C UNK I 954 -41.87 24.37 12.79
N UNK I 955 -40.91 25.21 12.42
CA UNK I 955 -41.03 26.65 12.63
C UNK I 955 -41.93 27.31 11.57
N UNK I 956 -43.19 26.91 11.55
CA UNK I 956 -44.14 27.38 10.56
C UNK I 956 -44.54 28.81 10.84
N UNK I 957 -45.54 28.96 11.70
CA UNK I 957 -46.01 30.28 12.12
C UNK I 957 -44.91 30.96 12.92
N UNK I 958 -44.03 31.65 12.22
CA UNK I 958 -42.93 32.34 12.85
C UNK I 958 -43.44 33.61 13.52
N UNK I 959 -43.41 34.72 12.80
CA UNK I 959 -43.85 36.00 13.36
C UNK I 959 -44.35 36.96 12.29
N UNK I 960 -45.29 37.81 12.68
CA UNK I 960 -45.84 38.82 11.78
C UNK I 960 -45.18 40.16 12.05
N UNK I 961 -44.52 40.25 13.20
CA UNK I 961 -43.81 41.47 13.57
C UNK I 961 -42.58 41.65 12.69
N UNK I 962 -42.77 42.25 11.53
CA UNK I 962 -41.68 42.43 10.59
C UNK I 962 -41.78 43.78 9.89
N UNK I 963 -40.65 44.28 9.41
CA UNK I 963 -40.59 45.57 8.74
C UNK I 963 -39.45 45.62 7.73
N UNK I 964 -39.08 46.83 7.30
CA UNK I 964 -38.04 47.01 6.31
C UNK I 964 -36.77 47.57 6.93
N UNK I 965 -36.16 48.56 6.29
CA UNK I 965 -34.92 49.15 6.77
C UNK I 965 -34.82 50.64 6.41
N UNK I 966 -33.76 51.28 6.90
CA UNK I 966 -33.55 52.70 6.65
C UNK I 966 -32.27 52.93 5.86
N MET J 1 42.53 -72.73 0.76
CA MET J 1 42.41 -71.76 -0.32
C MET J 1 43.44 -70.65 -0.18
N ALA J 2 43.29 -69.60 -0.98
CA ALA J 2 44.27 -68.52 -1.01
C ALA J 2 44.25 -67.69 0.26
N GLU J 3 45.42 -67.24 0.67
CA GLU J 3 45.56 -66.52 1.93
C GLU J 3 45.09 -65.09 1.80
N THR J 4 45.78 -64.27 1.00
CA THR J 4 45.36 -62.88 0.89
C THR J 4 45.64 -62.34 -0.50
N LEU J 5 44.85 -61.34 -0.85
CA LEU J 5 45.15 -60.43 -1.96
C LEU J 5 44.85 -59.07 -1.35
N GLU J 6 45.85 -58.49 -0.70
CA GLU J 6 45.62 -57.44 0.27
C GLU J 6 45.43 -56.09 -0.41
N PHE J 7 44.52 -55.29 0.15
CA PHE J 7 44.35 -53.89 -0.21
C PHE J 7 44.56 -53.04 1.05
N ASN J 8 45.24 -51.91 0.88
CA ASN J 8 45.43 -50.99 2.00
C ASN J 8 44.94 -49.60 1.64
N ASP J 9 44.22 -49.47 0.53
CA ASP J 9 43.97 -48.18 -0.07
C ASP J 9 42.57 -48.02 -0.65
N VAL J 10 41.70 -49.00 -0.44
CA VAL J 10 40.41 -49.02 -1.11
C VAL J 10 39.31 -48.59 -0.15
N TYR J 11 38.30 -47.94 -0.69
CA TYR J 11 37.20 -47.39 0.10
C TYR J 11 36.24 -48.48 0.53
N GLN J 12 35.68 -48.29 1.72
CA GLN J 12 34.37 -48.86 2.03
C GLN J 12 33.46 -47.68 2.36
N GLU J 13 32.50 -47.41 1.46
CA GLU J 13 31.60 -46.28 1.63
C GLU J 13 30.67 -46.58 2.79
N VAL J 14 30.92 -45.96 3.94
CA VAL J 14 30.14 -46.17 5.14
C VAL J 14 29.49 -44.84 5.48
N LYS J 15 28.25 -44.64 4.99
CA LYS J 15 27.39 -43.50 5.26
C LYS J 15 28.06 -42.19 4.83
N GLY J 16 28.25 -42.02 3.54
CA GLY J 16 28.85 -40.82 3.00
C GLY J 16 30.26 -41.05 2.53
N SER J 17 31.01 -39.96 2.41
CA SER J 17 32.39 -40.03 1.97
C SER J 17 33.24 -40.60 3.10
N MET J 18 33.24 -41.92 3.21
CA MET J 18 34.02 -42.62 4.22
C MET J 18 35.20 -43.29 3.52
N ASN J 19 36.40 -42.82 3.85
CA ASN J 19 37.58 -43.07 3.03
C ASN J 19 38.17 -44.45 3.23
N ASP J 20 39.40 -44.64 2.75
CA ASP J 20 40.04 -45.92 2.56
C ASP J 20 40.35 -46.61 3.88
N GLY J 21 40.70 -47.89 3.78
CA GLY J 21 40.97 -48.70 4.95
C GLY J 21 42.10 -49.68 4.73
N ARG J 22 41.84 -50.94 5.04
CA ARG J 22 42.84 -51.99 4.97
C ARG J 22 42.13 -53.30 4.67
N LEU J 23 42.07 -53.68 3.40
CA LEU J 23 41.36 -54.89 3.03
C LEU J 23 42.36 -56.03 2.85
N ARG J 24 42.62 -56.72 3.97
CA ARG J 24 43.36 -57.96 3.97
C ARG J 24 42.39 -59.08 3.66
N LEU J 25 42.91 -60.23 3.26
CA LEU J 25 42.06 -61.39 3.11
C LEU J 25 42.62 -62.50 4.00
N SER J 26 41.76 -63.45 4.36
CA SER J 26 42.21 -64.60 5.13
C SER J 26 41.76 -65.85 4.39
N ARG J 27 42.10 -67.02 4.94
CA ARG J 27 41.86 -68.28 4.26
C ARG J 27 40.44 -68.80 4.44
N GLN J 28 39.58 -68.06 5.10
CA GLN J 28 38.16 -68.39 5.06
C GLN J 28 37.37 -67.10 4.87
N GLY J 29 37.97 -65.98 5.28
CA GLY J 29 37.25 -64.74 5.37
C GLY J 29 38.01 -63.57 4.77
N ILE J 30 37.39 -62.41 4.92
CA ILE J 30 37.80 -61.16 4.31
C ILE J 30 37.84 -60.11 5.41
N ILE J 31 39.00 -59.48 5.59
CA ILE J 31 39.32 -58.68 6.76
C ILE J 31 39.39 -57.21 6.36
N PHE J 32 38.59 -56.38 7.00
CA PHE J 32 38.65 -54.93 6.79
C PHE J 32 39.06 -54.26 8.09
N LYS J 33 40.24 -53.65 8.09
CA LYS J 33 40.73 -52.84 9.19
C LYS J 33 40.84 -51.41 8.69
N ASN J 34 39.89 -50.56 9.10
CA ASN J 34 39.75 -49.23 8.52
C ASN J 34 40.91 -48.34 8.94
N SER J 35 41.24 -47.38 8.07
CA SER J 35 42.30 -46.41 8.35
C SER J 35 41.82 -45.21 9.15
N LYS J 36 40.58 -45.22 9.65
CA LYS J 36 40.08 -44.17 10.51
C LYS J 36 39.51 -44.69 11.82
N THR J 37 38.82 -45.83 11.81
CA THR J 37 38.20 -46.38 13.01
C THR J 37 38.96 -47.54 13.62
N GLY J 38 39.59 -48.38 12.80
CA GLY J 38 40.34 -49.52 13.30
C GLY J 38 39.50 -50.72 13.66
N LYS J 39 38.20 -50.70 13.38
CA LYS J 39 37.33 -51.83 13.69
C LYS J 39 37.63 -52.97 12.73
N VAL J 40 37.70 -54.18 13.25
CA VAL J 40 38.08 -55.36 12.48
C VAL J 40 36.80 -55.99 11.94
N ASP J 41 36.72 -56.14 10.62
CA ASP J 41 35.57 -56.73 9.95
C ASP J 41 35.98 -58.05 9.32
N ASN J 42 35.15 -59.08 9.52
CA ASN J 42 35.39 -60.40 8.97
C ASN J 42 34.14 -60.88 8.25
N ILE J 43 34.28 -61.15 6.96
CA ILE J 43 33.21 -61.75 6.17
C ILE J 43 33.71 -63.11 5.72
N GLN J 44 33.11 -64.17 6.23
CA GLN J 44 33.69 -65.49 6.10
C GLN J 44 33.14 -66.23 4.88
N ALA J 45 33.43 -67.53 4.80
CA ALA J 45 32.97 -68.35 3.68
C ALA J 45 31.47 -68.59 3.73
N GLY J 46 30.86 -68.45 4.91
CA GLY J 46 29.44 -68.57 5.06
C GLY J 46 28.66 -67.28 4.97
N GLU J 47 29.31 -66.13 5.15
CA GLU J 47 28.64 -64.84 5.07
C GLU J 47 28.57 -64.27 3.67
N LEU J 48 29.67 -64.30 2.92
CA LEU J 48 29.72 -63.72 1.57
C LEU J 48 28.87 -64.58 0.64
N THR J 49 27.76 -64.01 0.17
CA THR J 49 26.92 -64.67 -0.81
C THR J 49 26.83 -63.94 -2.14
N GLU J 50 27.17 -62.65 -2.19
CA GLU J 50 27.16 -61.91 -3.44
C GLU J 50 28.07 -60.70 -3.29
N GLY J 51 28.73 -60.32 -4.38
CA GLY J 51 29.45 -59.07 -4.45
C GLY J 51 29.08 -58.35 -5.73
N ILE J 52 28.46 -57.18 -5.60
CA ILE J 52 27.92 -56.43 -6.73
C ILE J 52 29.08 -55.82 -7.48
N TRP J 53 29.14 -56.06 -8.78
CA TRP J 53 30.16 -55.44 -9.62
C TRP J 53 29.59 -54.16 -10.24
N ARG J 54 29.31 -53.21 -9.35
CA ARG J 54 28.93 -51.88 -9.75
C ARG J 54 30.09 -50.93 -9.45
N ARG J 55 30.07 -49.76 -10.09
CA ARG J 55 31.09 -48.75 -9.83
C ARG J 55 30.70 -47.91 -8.63
N HIS J 60 35.01 -49.78 -10.00
CA HIS J 60 34.18 -50.83 -9.42
C HIS J 60 34.72 -51.30 -8.08
N GLY J 61 34.07 -52.32 -7.51
CA GLY J 61 34.55 -52.85 -6.25
C GLY J 61 33.64 -53.96 -5.77
N LEU J 62 34.12 -54.66 -4.74
CA LEU J 62 33.35 -55.75 -4.12
C LEU J 62 32.28 -55.15 -3.22
N LYS J 63 31.16 -54.78 -3.81
CA LYS J 63 30.02 -54.35 -3.02
C LYS J 63 29.37 -55.63 -2.51
N LEU J 64 29.92 -56.15 -1.41
CA LEU J 64 29.61 -57.49 -0.96
C LEU J 64 28.26 -57.53 -0.28
N LEU J 65 27.34 -58.31 -0.86
CA LEU J 65 26.03 -58.56 -0.26
C LEU J 65 26.11 -59.85 0.54
N THR J 66 26.22 -59.70 1.86
CA THR J 66 26.00 -60.84 2.72
C THR J 66 24.50 -61.01 2.97
N LYS J 67 24.14 -62.15 3.57
CA LYS J 67 22.76 -62.36 3.96
C LYS J 67 22.44 -61.74 5.32
N ASN J 68 23.34 -60.92 5.85
CA ASN J 68 23.14 -60.14 7.07
C ASN J 68 22.10 -59.03 6.90
N GLY J 69 21.72 -58.71 5.67
CA GLY J 69 21.14 -57.43 5.34
C GLY J 69 22.17 -56.34 5.14
N HIS J 70 23.44 -56.67 5.31
CA HIS J 70 24.50 -55.67 5.29
C HIS J 70 25.13 -55.60 3.91
N VAL J 71 25.53 -54.40 3.52
CA VAL J 71 26.13 -54.14 2.21
C VAL J 71 27.54 -53.62 2.48
N TYR J 72 28.53 -54.50 2.33
CA TYR J 72 29.91 -54.15 2.62
C TYR J 72 30.53 -53.56 1.35
N LYS J 73 30.50 -52.23 1.23
CA LYS J 73 30.71 -51.55 -0.04
C LYS J 73 32.20 -51.35 -0.30
N TYR J 74 32.92 -52.46 -0.46
CA TYR J 74 34.33 -52.34 -0.81
C TYR J 74 34.45 -51.84 -2.24
N ASP J 75 35.36 -50.90 -2.44
CA ASP J 75 35.34 -50.09 -3.64
C ASP J 75 36.71 -49.49 -3.83
N GLY J 76 37.14 -49.43 -5.09
CA GLY J 76 38.49 -49.05 -5.42
C GLY J 76 39.18 -50.20 -6.13
N PHE J 77 38.39 -50.98 -6.86
CA PHE J 77 38.87 -52.16 -7.57
C PHE J 77 38.70 -51.96 -9.06
N ARG J 78 39.79 -52.11 -9.82
CA ARG J 78 39.73 -51.96 -11.27
C ARG J 78 39.07 -53.20 -11.88
N GLU J 79 38.90 -53.18 -13.21
CA GLU J 79 38.26 -54.30 -13.90
C GLU J 79 39.12 -55.55 -13.85
N SER J 80 40.44 -55.39 -13.71
CA SER J 80 41.35 -56.52 -13.52
C SER J 80 41.14 -57.22 -12.18
N GLU J 81 40.53 -56.53 -11.21
CA GLU J 81 40.15 -57.18 -9.96
C GLU J 81 38.85 -57.97 -10.10
N PHE J 82 38.21 -57.95 -11.28
CA PHE J 82 37.00 -58.73 -11.51
C PHE J 82 37.27 -60.23 -11.50
N GLU J 83 38.49 -60.64 -11.86
CA GLU J 83 38.84 -62.05 -11.95
C GLU J 83 39.90 -62.48 -10.93
N LYS J 84 40.88 -61.62 -10.63
CA LYS J 84 41.96 -62.04 -9.75
C LYS J 84 41.49 -62.14 -8.30
N LEU J 85 40.45 -61.40 -7.92
CA LEU J 85 39.77 -61.70 -6.67
C LEU J 85 38.80 -62.87 -6.84
N SER J 86 38.24 -63.03 -8.04
N SER J 86 38.23 -63.02 -8.04
CA SER J 86 37.40 -64.19 -8.32
CA SER J 86 37.40 -64.20 -8.31
C SER J 86 38.24 -65.47 -8.35
C SER J 86 38.24 -65.47 -8.35
N ASP J 87 39.52 -65.35 -8.74
CA ASP J 87 40.46 -66.44 -8.56
C ASP J 87 40.68 -66.71 -7.08
N PHE J 88 40.65 -65.67 -6.24
CA PHE J 88 40.53 -65.84 -4.81
C PHE J 88 39.23 -66.54 -4.43
N PHE J 89 38.16 -66.28 -5.18
CA PHE J 89 36.85 -66.87 -4.90
C PHE J 89 36.71 -68.28 -5.42
N LYS J 90 37.56 -68.69 -6.36
CA LYS J 90 37.28 -69.87 -7.19
C LYS J 90 37.43 -71.18 -6.43
N THR J 91 37.96 -71.16 -5.21
CA THR J 91 38.05 -72.40 -4.44
C THR J 91 36.73 -72.72 -3.76
N HIS J 92 36.26 -71.84 -2.89
CA HIS J 92 35.03 -72.06 -2.14
C HIS J 92 33.91 -71.09 -2.50
N TYR J 93 34.23 -69.81 -2.72
CA TYR J 93 33.19 -68.82 -3.00
C TYR J 93 32.63 -69.00 -4.41
N ARG J 94 33.51 -68.96 -5.42
CA ARG J 94 33.17 -69.15 -6.85
C ARG J 94 32.13 -68.14 -7.31
N LEU J 95 32.35 -66.87 -6.99
CA LEU J 95 31.29 -65.87 -7.03
C LEU J 95 31.03 -65.36 -8.44
N GLU J 96 29.75 -65.34 -8.81
CA GLU J 96 29.29 -64.72 -10.05
C GLU J 96 29.05 -63.24 -9.77
N LEU J 97 30.09 -62.43 -9.93
CA LEU J 97 29.96 -61.00 -9.71
C LEU J 97 29.13 -60.40 -10.84
N MET J 98 27.89 -60.02 -10.55
CA MET J 98 27.01 -59.44 -11.56
C MET J 98 27.52 -58.11 -12.11
N GLU J 99 27.38 -57.95 -13.42
CA GLU J 99 27.82 -56.75 -14.15
C GLU J 99 27.10 -55.44 -13.82
N LYS J 100 25.78 -55.50 -13.63
CA LYS J 100 24.99 -54.31 -13.38
C LYS J 100 25.39 -53.57 -12.09
N ASP J 101 25.47 -52.23 -12.07
CA ASP J 101 24.96 -51.24 -13.06
C ASP J 101 23.45 -51.28 -13.37
N LEU J 102 22.65 -51.48 -12.32
CA LEU J 102 21.20 -51.58 -12.44
C LEU J 102 20.40 -50.36 -12.92
N CYS J 103 20.73 -49.15 -12.47
CA CYS J 103 19.94 -47.99 -12.86
C CYS J 103 20.63 -46.72 -13.38
N VAL J 104 21.05 -46.75 -14.64
CA VAL J 104 21.67 -45.57 -15.26
C VAL J 104 20.60 -44.76 -16.00
N LYS J 105 19.37 -45.26 -15.95
CA LYS J 105 18.21 -44.67 -16.59
C LYS J 105 18.01 -43.20 -16.26
N GLY J 106 18.46 -42.77 -15.08
CA GLY J 106 18.15 -41.43 -14.59
C GLY J 106 16.70 -41.20 -14.32
N TRP J 107 15.93 -42.27 -14.15
CA TRP J 107 14.47 -42.26 -14.23
C TRP J 107 13.89 -42.83 -12.96
N ASN J 108 12.90 -42.14 -12.39
CA ASN J 108 12.52 -42.35 -11.01
C ASN J 108 11.43 -43.38 -10.81
N TRP J 109 10.79 -43.88 -11.87
CA TRP J 109 9.68 -44.80 -11.68
C TRP J 109 10.18 -46.16 -11.21
N GLY J 110 9.85 -46.47 -9.96
CA GLY J 110 10.26 -47.71 -9.34
C GLY J 110 9.50 -47.91 -8.05
N THR J 111 9.86 -48.95 -7.30
CA THR J 111 9.10 -49.32 -6.12
C THR J 111 9.97 -49.22 -4.88
N VAL J 112 9.42 -48.63 -3.83
CA VAL J 112 10.04 -48.65 -2.51
C VAL J 112 9.68 -49.99 -1.88
N LYS J 113 10.70 -50.76 -1.54
CA LYS J 113 10.50 -52.03 -0.86
C LYS J 113 11.31 -52.03 0.43
N PHE J 114 10.61 -52.16 1.55
CA PHE J 114 11.20 -52.27 2.88
C PHE J 114 12.05 -53.54 2.92
N GLY J 115 13.36 -53.38 3.05
CA GLY J 115 14.21 -54.47 3.47
C GLY J 115 14.23 -54.54 4.98
N GLY J 116 14.64 -55.71 5.48
CA GLY J 116 14.67 -55.93 6.92
C GLY J 116 15.70 -55.10 7.66
N GLN J 117 16.83 -54.80 7.01
CA GLN J 117 17.82 -53.92 7.60
C GLN J 117 18.17 -52.89 6.54
N LEU J 118 17.69 -53.12 5.32
CA LEU J 118 17.98 -52.29 4.14
C LEU J 118 16.70 -51.66 3.61
N LEU J 119 16.79 -51.06 2.42
CA LEU J 119 15.66 -50.42 1.75
C LEU J 119 15.97 -50.27 0.27
N SER J 120 15.16 -50.85 -0.59
CA SER J 120 15.41 -50.76 -2.02
C SER J 120 14.43 -49.79 -2.67
N PHE J 121 14.92 -49.04 -3.65
CA PHE J 121 14.10 -48.18 -4.52
C PHE J 121 14.36 -48.69 -5.92
N ASP J 122 13.60 -49.70 -6.33
CA ASP J 122 13.91 -50.44 -7.53
C ASP J 122 13.47 -49.66 -8.77
N ILE J 123 14.37 -49.62 -9.76
CA ILE J 123 14.09 -49.03 -11.05
C ILE J 123 14.28 -50.13 -12.10
N GLY J 124 13.21 -50.85 -12.42
CA GLY J 124 13.21 -51.91 -13.42
C GLY J 124 14.18 -53.04 -13.15
N ASP J 125 13.97 -53.79 -12.05
CA ASP J 125 14.78 -54.90 -11.54
C ASP J 125 16.19 -54.49 -11.13
N GLN J 126 16.50 -53.19 -11.15
CA GLN J 126 17.83 -52.68 -10.85
C GLN J 126 17.65 -51.49 -9.93
N PRO J 127 17.79 -51.69 -8.61
CA PRO J 127 17.56 -50.58 -7.68
C PRO J 127 18.69 -49.56 -7.71
N VAL J 128 18.56 -48.56 -6.84
CA VAL J 128 19.51 -47.47 -6.77
C VAL J 128 20.24 -47.42 -5.43
N PHE J 129 19.62 -47.95 -4.37
CA PHE J 129 20.32 -48.02 -3.08
C PHE J 129 19.72 -49.15 -2.28
N GLU J 130 20.54 -49.68 -1.38
CA GLU J 130 20.09 -50.53 -0.28
C GLU J 130 20.80 -50.05 0.98
N ILE J 131 20.76 -48.74 1.21
CA ILE J 131 21.44 -48.08 2.33
C ILE J 131 20.85 -48.57 3.64
N PRO J 132 21.67 -49.16 4.52
CA PRO J 132 21.14 -49.90 5.66
C PRO J 132 20.52 -49.07 6.77
N LEU J 133 19.88 -49.76 7.72
CA LEU J 133 19.46 -49.14 8.96
C LEU J 133 20.63 -48.63 9.79
N SER J 134 21.80 -49.28 9.70
CA SER J 134 23.00 -48.78 10.34
C SER J 134 23.52 -47.51 9.69
N ASN J 135 23.27 -47.31 8.40
CA ASN J 135 23.76 -46.13 7.70
C ASN J 135 22.68 -45.08 7.48
N VAL J 136 21.52 -45.25 8.11
CA VAL J 136 20.59 -44.15 8.30
C VAL J 136 20.69 -43.74 9.76
N SER J 137 20.41 -42.46 10.03
CA SER J 137 20.32 -41.98 11.41
C SER J 137 18.88 -42.06 11.92
N GLN J 138 17.95 -41.39 11.24
CA GLN J 138 16.54 -41.40 11.63
C GLN J 138 15.64 -41.59 10.42
N CYS J 139 14.41 -42.02 10.67
CA CYS J 139 13.45 -42.23 9.60
C CYS J 139 12.04 -42.01 10.13
N THR J 140 11.36 -40.99 9.60
CA THR J 140 9.95 -40.78 9.84
C THR J 140 9.24 -40.89 8.50
N THR J 141 7.94 -41.16 8.53
CA THR J 141 7.19 -41.20 7.29
C THR J 141 6.58 -39.83 7.01
N GLY J 142 5.69 -39.78 6.03
CA GLY J 142 5.00 -38.54 5.73
C GLY J 142 3.85 -38.80 4.81
N LYS J 143 3.31 -37.72 4.26
CA LYS J 143 2.14 -37.82 3.40
C LYS J 143 2.25 -36.71 2.36
N ASN J 144 2.81 -37.03 1.19
CA ASN J 144 3.18 -38.39 0.80
C ASN J 144 4.69 -38.55 0.65
N GLU J 145 5.43 -38.02 1.61
CA GLU J 145 6.88 -37.90 1.50
C GLU J 145 7.54 -38.43 2.76
N VAL J 146 8.13 -39.62 2.67
CA VAL J 146 8.77 -40.26 3.80
C VAL J 146 10.13 -39.62 4.05
N THR J 147 10.32 -39.06 5.24
CA THR J 147 11.49 -38.27 5.60
C THR J 147 12.61 -39.18 6.11
N LEU J 148 13.67 -39.32 5.30
CA LEU J 148 14.83 -40.14 5.63
C LEU J 148 15.96 -39.21 6.04
N GLU J 149 16.32 -39.25 7.31
CA GLU J 149 17.24 -38.29 7.91
C GLU J 149 18.60 -38.96 8.07
N PHE J 150 19.48 -38.75 7.08
CA PHE J 150 20.82 -39.34 7.05
C PHE J 150 21.78 -38.32 7.63
N HIS J 151 21.97 -38.36 8.94
CA HIS J 151 22.85 -37.39 9.58
C HIS J 151 24.30 -37.83 9.40
N GLN J 152 24.99 -37.13 8.51
CA GLN J 152 26.31 -37.50 8.03
C GLN J 152 27.36 -37.34 9.12
N ASN J 153 28.43 -38.15 9.04
CA ASN J 153 29.50 -38.18 10.03
C ASN J 153 30.51 -37.05 9.83
N ASP J 154 30.02 -35.81 9.73
CA ASP J 154 30.77 -34.56 9.61
C ASP J 154 31.83 -34.62 8.50
N ASP J 155 31.40 -34.79 7.26
CA ASP J 155 32.32 -34.84 6.13
C ASP J 155 32.33 -33.51 5.41
N ALA J 156 33.53 -32.97 5.22
CA ALA J 156 33.71 -31.68 4.55
C ALA J 156 33.45 -31.74 3.05
N GLU J 157 33.39 -32.94 2.47
CA GLU J 157 33.09 -33.13 1.06
C GLU J 157 31.58 -33.10 0.84
N VAL J 158 31.13 -33.57 -0.32
CA VAL J 158 29.71 -33.67 -0.63
C VAL J 158 29.04 -34.66 0.32
N SER J 159 28.08 -34.17 1.10
CA SER J 159 27.53 -34.91 2.23
C SER J 159 26.01 -34.94 2.16
N LEU J 160 25.45 -36.08 1.77
CA LEU J 160 24.00 -36.21 1.68
C LEU J 160 23.37 -36.24 3.08
N MET J 161 22.31 -35.45 3.26
CA MET J 161 21.75 -35.19 4.58
C MET J 161 20.31 -35.68 4.72
N GLU J 162 19.43 -35.27 3.81
CA GLU J 162 18.01 -35.58 3.87
C GLU J 162 17.53 -36.10 2.53
N VAL J 163 16.77 -37.20 2.56
CA VAL J 163 16.21 -37.82 1.35
C VAL J 163 14.73 -38.03 1.57
N ARG J 164 13.91 -37.66 0.58
CA ARG J 164 12.52 -38.06 0.65
C ARG J 164 11.99 -38.32 -0.75
N PHE J 165 10.92 -39.12 -0.82
CA PHE J 165 10.40 -39.76 -2.00
C PHE J 165 9.01 -39.22 -2.30
N TYR J 166 8.40 -39.70 -3.37
CA TYR J 166 6.95 -39.79 -3.45
C TYR J 166 6.58 -41.22 -3.06
N VAL J 167 6.23 -41.39 -1.80
CA VAL J 167 5.70 -42.65 -1.29
C VAL J 167 4.20 -42.47 -1.06
N PRO J 168 3.35 -43.15 -1.84
CA PRO J 168 1.90 -43.15 -1.57
C PRO J 168 1.62 -43.67 -0.17
N PRO J 169 0.64 -43.08 0.53
CA PRO J 169 0.63 -43.11 2.00
C PRO J 169 0.32 -44.46 2.62
N THR J 170 1.23 -45.42 2.39
CA THR J 170 1.10 -46.84 2.77
C THR J 170 -0.26 -47.40 2.32
N GLN J 171 -0.53 -47.17 1.03
CA GLN J 171 -1.78 -47.59 0.40
C GLN J 171 -1.90 -49.11 0.41
N UNK J 172 -2.81 -49.60 1.26
CA UNK J 172 -2.96 -51.00 1.63
C UNK J 172 -1.62 -51.58 2.10
N UNK J 173 -0.92 -50.80 2.92
CA UNK J 173 0.40 -51.19 3.40
C UNK J 173 0.69 -50.50 4.73
N UNK J 174 1.95 -50.55 5.15
CA UNK J 174 2.34 -49.94 6.41
C UNK J 174 3.81 -49.54 6.38
N UNK J 175 4.17 -48.61 7.26
CA UNK J 175 5.57 -48.29 7.49
C UNK J 175 6.20 -49.48 8.18
N UNK J 176 6.82 -50.37 7.41
CA UNK J 176 7.40 -51.57 7.98
C UNK J 176 8.68 -51.25 8.72
N UNK J 177 9.77 -51.17 7.97
CA UNK J 177 11.08 -50.87 8.56
C UNK J 177 11.23 -49.38 8.87
N UNK J 178 10.30 -48.57 8.37
CA UNK J 178 10.27 -47.16 8.69
C UNK J 178 9.89 -46.99 10.14
N UNK J 179 9.02 -47.89 10.62
CA UNK J 179 8.69 -47.94 12.03
C UNK J 179 9.83 -48.58 12.81
N UNK J 180 10.67 -49.35 12.11
CA UNK J 180 11.86 -49.92 12.72
C UNK J 180 13.02 -48.94 12.57
N UNK J 181 12.81 -47.71 13.01
CA UNK J 181 13.84 -46.68 12.99
C UNK J 181 14.46 -46.61 14.38
N UNK J 182 15.45 -45.73 14.54
CA UNK J 182 16.16 -45.62 15.81
C UNK J 182 15.43 -44.72 16.80
N UNK J 183 15.69 -44.94 18.08
CA UNK J 183 15.10 -44.13 19.14
C UNK J 183 15.87 -42.84 19.30
N UNK J 184 15.69 -41.92 18.34
CA UNK J 184 16.35 -40.61 18.27
C UNK J 184 17.88 -40.71 18.32
N ASP J 197 14.29 -41.33 25.75
CA ASP J 197 13.43 -41.70 26.87
C ASP J 197 12.92 -40.43 27.54
N ALA J 198 11.59 -40.27 27.57
CA ALA J 198 10.98 -39.08 28.12
C ALA J 198 11.02 -39.09 29.64
N ILE J 199 11.26 -37.92 30.23
CA ILE J 199 11.25 -37.78 31.67
C ILE J 199 10.10 -36.87 32.08
N CYS J 200 10.13 -35.62 31.61
CA CYS J 200 9.18 -34.62 32.06
C CYS J 200 8.42 -34.07 30.86
N ILE J 201 7.20 -33.64 31.09
CA ILE J 201 6.18 -33.52 30.05
C ILE J 201 5.57 -32.12 30.12
N PHE J 202 5.79 -31.31 29.08
CA PHE J 202 5.32 -29.93 29.00
C PHE J 202 4.44 -29.80 27.76
N ARG J 203 3.17 -30.14 27.87
CA ARG J 203 2.30 -30.17 26.70
C ARG J 203 1.61 -28.83 26.48
N GLU J 204 1.46 -28.48 25.21
CA GLU J 204 0.55 -27.43 24.72
C GLU J 204 0.94 -26.07 25.29
N LEU J 205 2.24 -25.84 25.28
CA LEU J 205 2.82 -24.55 25.62
C LEU J 205 2.66 -23.62 24.43
N GLN J 206 2.23 -22.39 24.70
CA GLN J 206 1.90 -21.44 23.64
C GLN J 206 3.16 -20.71 23.22
N CYS J 207 3.61 -20.98 21.99
CA CYS J 207 4.85 -20.38 21.46
C CYS J 207 4.58 -19.33 20.39
N LEU J 208 5.31 -18.21 20.47
CA LEU J 208 5.12 -17.11 19.55
C LEU J 208 6.02 -17.19 18.33
N THR J 209 7.23 -17.72 18.48
CA THR J 209 8.11 -18.02 17.35
C THR J 209 8.48 -19.49 17.42
N PRO J 210 7.70 -20.37 16.76
CA PRO J 210 6.58 -20.10 15.85
C PRO J 210 5.24 -19.86 16.54
N ARG J 211 4.42 -19.06 15.87
CA ARG J 211 3.08 -18.74 16.35
C ARG J 211 2.21 -20.00 16.45
N GLY J 212 1.74 -20.29 17.65
CA GLY J 212 0.87 -21.43 17.85
C GLY J 212 1.04 -22.01 19.24
N ARG J 213 0.69 -23.29 19.37
CA ARG J 213 0.88 -24.01 20.62
C ARG J 213 1.44 -25.38 20.29
N TYR J 214 2.49 -25.77 21.01
CA TYR J 214 3.15 -27.04 20.76
C TYR J 214 3.33 -27.80 22.07
N ASP J 215 4.16 -28.82 22.00
CA ASP J 215 4.39 -29.77 23.07
C ASP J 215 5.88 -29.92 23.27
N ILE J 216 6.28 -30.38 24.45
CA ILE J 216 7.67 -30.57 24.83
C ILE J 216 7.77 -31.82 25.68
N ARG J 217 8.75 -32.68 25.37
CA ARG J 217 9.07 -33.78 26.28
C ARG J 217 10.58 -33.86 26.44
N ILE J 218 11.02 -34.07 27.68
CA ILE J 218 12.43 -33.94 28.06
C ILE J 218 13.07 -35.32 28.05
N TYR J 219 14.14 -35.45 27.32
CA TYR J 219 15.00 -36.61 27.20
C TYR J 219 16.23 -36.39 28.08
N PRO J 220 17.03 -37.42 28.39
CA PRO J 220 18.11 -37.22 29.38
C PRO J 220 19.22 -36.29 28.91
N THR J 221 19.49 -36.21 27.61
CA THR J 221 20.53 -35.36 27.09
C THR J 221 20.04 -34.31 26.11
N PHE J 222 18.76 -34.31 25.77
CA PHE J 222 18.18 -33.33 24.86
C PHE J 222 16.67 -33.32 25.12
N LEU J 223 15.91 -32.75 24.19
CA LEU J 223 14.47 -32.70 24.31
C LEU J 223 13.86 -32.91 22.94
N HIS J 224 12.53 -33.00 22.92
CA HIS J 224 11.81 -32.98 21.65
C HIS J 224 10.62 -32.04 21.76
N LEU J 225 10.65 -31.01 20.92
CA LEU J 225 9.47 -30.24 20.54
C LEU J 225 8.55 -31.20 19.81
N HIS J 226 7.41 -31.52 20.41
CA HIS J 226 6.39 -32.31 19.75
C HIS J 226 5.27 -31.36 19.36
N GLY J 227 4.42 -31.82 18.44
CA GLY J 227 3.32 -31.00 17.99
C GLY J 227 2.64 -31.58 16.78
N LYS J 228 2.27 -30.72 15.83
CA LYS J 228 1.56 -31.18 14.66
C LYS J 228 2.38 -30.97 13.39
N THR J 229 2.83 -29.75 13.16
CA THR J 229 3.43 -29.39 11.87
C THR J 229 4.91 -29.10 12.00
N PHE J 230 5.34 -28.20 12.87
CA PHE J 230 6.74 -27.87 13.03
C PHE J 230 7.18 -28.23 14.44
N ASP J 231 7.77 -29.41 14.57
CA ASP J 231 8.07 -29.99 15.87
C ASP J 231 9.33 -30.84 15.79
N TYR J 232 10.33 -30.49 16.60
CA TYR J 232 11.71 -30.89 16.32
C TYR J 232 12.38 -31.29 17.63
N LYS J 233 13.71 -31.34 17.62
CA LYS J 233 14.48 -31.68 18.81
C LYS J 233 15.09 -30.43 19.42
N ILE J 234 15.49 -30.54 20.68
CA ILE J 234 16.16 -29.46 21.40
C ILE J 234 17.43 -30.06 22.00
N PRO J 235 18.56 -30.04 21.30
CA PRO J 235 19.81 -30.46 21.94
C PRO J 235 20.26 -29.51 23.01
N TYR J 236 21.16 -29.95 23.90
CA TYR J 236 21.65 -29.03 24.91
C TYR J 236 22.74 -28.13 24.36
N THR J 237 23.21 -28.41 23.14
CA THR J 237 23.99 -27.45 22.38
C THR J 237 23.22 -26.17 22.16
N THR J 238 21.91 -26.27 21.89
CA THR J 238 21.07 -25.11 21.63
C THR J 238 21.00 -24.20 22.84
N VAL J 239 20.68 -24.75 24.00
CA VAL J 239 20.64 -23.95 25.22
C VAL J 239 22.07 -23.58 25.61
N LEU J 240 22.29 -22.28 25.81
CA LEU J 240 23.61 -21.78 26.18
C LEU J 240 23.59 -20.86 27.39
N ARG J 241 22.49 -20.15 27.65
CA ARG J 241 22.38 -19.24 28.78
C ARG J 241 20.91 -19.01 29.07
N LEU J 242 20.48 -19.23 30.30
CA LEU J 242 19.06 -19.13 30.64
C LEU J 242 18.62 -17.68 30.66
N PHE J 243 17.48 -17.39 30.03
CA PHE J 243 16.95 -16.04 29.91
C PHE J 243 15.59 -16.00 30.59
N LEU J 244 15.52 -15.48 31.81
CA LEU J 244 14.23 -15.41 32.50
C LEU J 244 13.71 -13.97 32.43
N LEU J 245 12.54 -13.83 31.80
CA LEU J 245 11.92 -12.51 31.65
C LEU J 245 10.48 -12.45 32.15
N PRO J 246 10.15 -11.43 32.94
CA PRO J 246 8.80 -11.20 33.49
C PRO J 246 7.90 -10.54 32.46
N HIS J 247 6.70 -10.13 32.86
CA HIS J 247 5.91 -9.26 31.99
C HIS J 247 5.88 -7.89 32.66
N LYS J 248 5.56 -6.87 31.85
CA LYS J 248 5.44 -5.52 32.37
C LYS J 248 4.25 -5.35 33.32
N ASP J 249 3.21 -6.17 33.19
CA ASP J 249 2.11 -6.17 34.14
C ASP J 249 2.17 -7.36 35.08
N GLN J 250 3.10 -8.29 34.84
CA GLN J 250 3.31 -9.53 35.60
C GLN J 250 2.12 -10.49 35.51
N ARG J 251 1.20 -10.23 34.59
CA ARG J 251 0.17 -11.19 34.23
C ARG J 251 0.71 -12.30 33.36
N GLN J 252 1.89 -12.09 32.80
CA GLN J 252 2.60 -13.08 32.02
C GLN J 252 4.01 -13.20 32.56
N MET J 253 4.75 -14.16 32.01
CA MET J 253 6.19 -14.30 32.22
C MET J 253 6.69 -14.85 30.89
N PHE J 254 7.23 -13.97 30.04
CA PHE J 254 7.85 -14.42 28.79
C PHE J 254 9.02 -15.34 29.05
N PHE J 255 9.29 -16.23 28.11
CA PHE J 255 10.42 -17.13 28.26
C PHE J 255 11.04 -17.33 26.89
N VAL J 256 12.15 -16.64 26.65
CA VAL J 256 12.79 -16.58 25.35
C VAL J 256 14.11 -17.32 25.43
N ILE J 257 14.41 -18.11 24.41
CA ILE J 257 15.47 -19.10 24.44
C ILE J 257 16.39 -18.83 23.25
N SER J 258 17.68 -18.65 23.55
CA SER J 258 18.69 -18.48 22.51
C SER J 258 18.96 -19.83 21.86
N LEU J 259 18.18 -20.15 20.83
CA LEU J 259 18.32 -21.41 20.11
C LEU J 259 19.56 -21.31 19.23
N ASP J 260 20.69 -21.69 19.80
CA ASP J 260 21.99 -21.54 19.17
C ASP J 260 22.73 -22.85 19.35
N PRO J 261 22.67 -23.80 18.39
CA PRO J 261 22.14 -23.78 17.01
C PRO J 261 20.62 -23.67 16.81
N PRO J 262 20.22 -22.90 15.80
CA PRO J 262 18.80 -22.86 15.43
C PRO J 262 18.36 -24.15 14.77
N ILE J 263 17.23 -24.66 15.23
CA ILE J 263 16.55 -25.75 14.54
C ILE J 263 15.81 -25.13 13.37
N LYS J 264 15.37 -25.95 12.44
CA LYS J 264 14.88 -25.46 11.16
C LYS J 264 13.43 -25.89 10.96
N GLN J 265 12.83 -25.43 9.87
CA GLN J 265 11.44 -25.79 9.57
C GLN J 265 11.26 -26.49 8.24
N GLY J 266 12.20 -26.38 7.30
CA GLY J 266 11.97 -26.83 5.94
C GLY J 266 12.21 -25.70 4.97
N GLN J 267 12.02 -24.46 5.44
CA GLN J 267 12.43 -23.29 4.69
C GLN J 267 13.47 -22.47 5.44
N THR J 268 13.14 -22.07 6.67
CA THR J 268 13.98 -21.21 7.48
C THR J 268 14.35 -21.90 8.79
N ARG J 269 14.99 -21.15 9.67
CA ARG J 269 15.51 -21.65 10.93
C ARG J 269 14.58 -21.25 12.06
N TYR J 270 15.02 -21.52 13.29
CA TYR J 270 14.38 -21.02 14.51
C TYR J 270 15.50 -20.50 15.39
N HIS J 271 15.86 -19.22 15.22
CA HIS J 271 17.03 -18.70 15.91
C HIS J 271 16.76 -18.45 17.39
N PHE J 272 15.55 -18.04 17.73
CA PHE J 272 15.21 -17.71 19.10
C PHE J 272 13.75 -18.09 19.35
N LEU J 273 13.50 -18.76 20.47
CA LEU J 273 12.15 -19.17 20.85
C LEU J 273 11.52 -18.16 21.78
N ILE J 274 10.32 -17.70 21.43
CA ILE J 274 9.51 -16.89 22.33
C ILE J 274 8.39 -17.76 22.86
N LEU J 275 8.28 -17.84 24.18
CA LEU J 275 7.18 -18.54 24.82
C LEU J 275 6.36 -17.53 25.61
N LEU J 276 5.13 -17.31 25.19
CA LEU J 276 4.17 -16.49 25.92
C LEU J 276 3.43 -17.36 26.91
N PHE J 277 3.78 -17.24 28.18
CA PHE J 277 3.12 -17.94 29.26
C PHE J 277 2.51 -16.88 30.17
N SER J 278 1.28 -17.11 30.62
CA SER J 278 0.65 -16.20 31.55
C SER J 278 1.25 -16.38 32.94
N LYS J 279 0.78 -15.55 33.88
CA LYS J 279 1.07 -15.83 35.29
C LYS J 279 0.30 -17.04 35.79
N ASP J 280 -0.75 -17.44 35.09
CA ASP J 280 -1.62 -18.53 35.48
C ASP J 280 -1.27 -19.84 34.80
N GLU J 281 -0.01 -20.01 34.38
CA GLU J 281 0.47 -21.28 33.83
C GLU J 281 1.01 -22.14 34.98
N ASP J 282 0.20 -22.29 36.02
CA ASP J 282 0.68 -22.74 37.31
C ASP J 282 0.35 -24.22 37.50
N ILE J 283 1.39 -25.05 37.54
CA ILE J 283 1.22 -26.47 37.85
C ILE J 283 2.54 -26.97 38.44
N SER J 284 2.43 -27.90 39.39
CA SER J 284 3.58 -28.64 39.86
C SER J 284 4.08 -29.54 38.73
N LEU J 285 5.40 -29.68 38.63
CA LEU J 285 6.01 -30.42 37.53
C LEU J 285 6.72 -31.65 38.07
N THR J 286 6.39 -32.81 37.51
CA THR J 286 6.99 -34.07 37.92
C THR J 286 8.22 -34.32 37.06
N LEU J 287 9.38 -33.91 37.55
CA LEU J 287 10.63 -34.47 37.08
C LEU J 287 10.66 -35.94 37.47
N ASN J 288 10.59 -36.82 36.48
CA ASN J 288 10.53 -38.26 36.74
C ASN J 288 11.91 -38.85 36.96
N MET J 289 12.68 -38.29 37.91
CA MET J 289 14.02 -38.73 38.22
C MET J 289 14.22 -38.75 39.72
N ASN J 290 14.97 -39.74 40.20
CA ASN J 290 15.20 -39.91 41.62
C ASN J 290 16.14 -38.84 42.16
N GLU J 291 16.08 -38.63 43.47
CA GLU J 291 16.94 -37.66 44.13
C GLU J 291 18.40 -38.08 44.13
N GLU J 292 18.69 -39.37 44.22
CA GLU J 292 20.06 -39.84 44.06
C GLU J 292 20.54 -39.75 42.62
N GLU J 293 19.62 -39.70 41.66
CA GLU J 293 19.99 -39.66 40.26
C GLU J 293 20.22 -38.23 39.77
N VAL J 294 19.50 -37.27 40.34
CA VAL J 294 19.69 -35.88 39.93
C VAL J 294 20.93 -35.27 40.57
N GLU J 295 21.39 -35.79 41.70
CA GLU J 295 22.65 -35.30 42.27
C GLU J 295 23.84 -35.73 41.42
N LYS J 296 23.76 -36.91 40.82
CA LYS J 296 24.56 -37.26 39.65
C LYS J 296 24.34 -36.32 38.48
N ARG J 297 23.09 -36.07 38.12
CA ARG J 297 22.79 -35.57 36.79
C ARG J 297 22.65 -34.05 36.75
N PHE J 298 22.07 -33.44 37.78
CA PHE J 298 21.67 -32.03 37.72
C PHE J 298 22.45 -31.13 38.67
N GLU J 299 23.42 -31.69 39.42
CA GLU J 299 24.36 -30.95 40.28
C GLU J 299 23.64 -30.17 41.38
N GLY J 300 22.58 -30.74 41.93
CA GLY J 300 21.88 -30.16 43.07
C GLY J 300 21.11 -28.90 42.75
N ARG J 301 20.15 -29.01 41.82
CA ARG J 301 19.36 -27.85 41.42
C ARG J 301 17.90 -28.25 41.33
N LEU J 302 17.65 -29.55 41.19
CA LEU J 302 16.33 -30.17 41.19
C LEU J 302 16.43 -31.44 42.01
N THR J 303 15.30 -31.93 42.56
CA THR J 303 15.34 -33.24 43.20
C THR J 303 14.40 -34.20 42.49
N LYS J 304 13.08 -34.09 42.70
CA LYS J 304 12.13 -34.85 41.90
C LYS J 304 10.87 -34.06 41.61
N ASN J 305 10.37 -33.34 42.61
CA ASN J 305 9.03 -32.76 42.58
C ASN J 305 9.04 -31.46 43.38
N MET J 306 9.23 -30.34 42.69
CA MET J 306 8.99 -29.05 43.29
C MET J 306 7.82 -28.41 42.56
N SER J 307 6.86 -27.93 43.32
CA SER J 307 5.70 -27.27 42.71
C SER J 307 6.10 -25.90 42.18
N GLY J 308 5.27 -25.39 41.28
CA GLY J 308 5.55 -24.12 40.67
C GLY J 308 4.62 -23.83 39.51
N SER J 309 5.20 -23.41 38.39
CA SER J 309 4.41 -23.00 37.25
C SER J 309 4.88 -23.79 36.02
N LEU J 310 4.34 -23.43 34.86
CA LEU J 310 4.95 -23.75 33.57
C LEU J 310 5.93 -22.67 33.16
N TYR J 311 6.30 -21.80 34.10
CA TYR J 311 7.41 -20.87 33.91
C TYR J 311 8.51 -21.12 34.94
N GLU J 312 8.11 -21.21 36.21
CA GLU J 312 9.08 -21.11 37.30
C GLU J 312 9.84 -22.42 37.46
N MET J 313 9.12 -23.51 37.73
CA MET J 313 9.74 -24.83 37.79
C MET J 313 10.27 -25.27 36.44
N VAL J 314 9.64 -24.81 35.34
CA VAL J 314 10.22 -24.96 34.01
C VAL J 314 11.61 -24.34 33.94
N SER J 315 11.75 -23.09 34.37
CA SER J 315 13.05 -22.44 34.26
C SER J 315 14.05 -23.00 35.25
N ARG J 316 13.57 -23.58 36.35
CA ARG J 316 14.44 -24.38 37.22
C ARG J 316 15.01 -25.58 36.46
N VAL J 317 14.12 -26.32 35.78
CA VAL J 317 14.54 -27.44 34.93
C VAL J 317 15.47 -26.96 33.83
N MET J 318 15.20 -25.79 33.26
CA MET J 318 15.99 -25.29 32.13
C MET J 318 17.38 -24.87 32.58
N LYS J 319 17.48 -24.22 33.74
CA LYS J 319 18.77 -23.92 34.32
C LYS J 319 19.55 -25.18 34.63
N ALA J 320 18.84 -26.23 35.07
CA ALA J 320 19.51 -27.52 35.30
C ALA J 320 20.01 -28.14 34.00
N LEU J 321 19.23 -28.04 32.92
CA LEU J 321 19.59 -28.73 31.69
C LEU J 321 20.67 -27.99 30.92
N VAL J 322 20.68 -26.65 30.98
CA VAL J 322 21.79 -25.90 30.41
C VAL J 322 23.01 -25.95 31.33
N ASN J 323 22.81 -26.21 32.63
CA ASN J 323 23.83 -26.17 33.68
C ASN J 323 24.59 -24.85 33.65
N ARG J 324 23.79 -23.79 33.57
CA ARG J 324 24.31 -22.45 33.31
C ARG J 324 23.32 -21.46 33.88
N LYS J 325 23.84 -20.33 34.36
CA LYS J 325 23.04 -19.40 35.15
C LYS J 325 22.16 -18.54 34.25
N ILE J 326 21.62 -17.47 34.82
CA ILE J 326 20.62 -16.64 34.17
C ILE J 326 21.26 -15.32 33.79
N THR J 327 21.16 -14.96 32.50
CA THR J 327 21.24 -13.55 32.16
C THR J 327 19.97 -12.88 32.66
N VAL J 328 20.12 -12.11 33.74
CA VAL J 328 19.00 -11.53 34.49
C VAL J 328 18.25 -10.54 33.60
N PRO J 329 16.93 -10.60 33.52
CA PRO J 329 16.18 -9.61 32.73
C PRO J 329 16.27 -8.22 33.33
N GLY J 330 15.74 -7.26 32.57
CA GLY J 330 15.68 -5.91 33.07
C GLY J 330 14.68 -5.79 34.20
N ASN J 331 15.21 -5.72 35.42
CA ASN J 331 14.39 -5.42 36.58
C ASN J 331 14.26 -3.92 36.78
N PHE J 332 14.98 -3.14 35.99
CA PHE J 332 14.80 -1.70 35.92
C PHE J 332 13.42 -1.39 35.36
N GLN J 333 12.56 -0.82 36.20
CA GLN J 333 11.24 -0.39 35.75
C GLN J 333 11.35 0.97 35.07
N GLY J 334 10.81 1.05 33.86
CA GLY J 334 10.80 2.30 33.13
C GLY J 334 9.87 3.32 33.77
N HIS J 335 8.56 3.05 33.72
CA HIS J 335 7.60 3.96 34.29
C HIS J 335 6.34 3.19 34.65
N SER J 336 5.71 3.59 35.76
CA SER J 336 4.44 3.05 36.27
C SER J 336 4.53 1.54 36.53
N GLY J 337 5.68 1.09 37.02
CA GLY J 337 5.87 -0.29 37.43
C GLY J 337 6.03 -1.28 36.29
N ALA J 338 5.99 -0.84 35.04
CA ALA J 338 6.15 -1.73 33.92
C ALA J 338 7.63 -2.09 33.74
N GLN J 339 7.88 -3.30 33.21
CA GLN J 339 9.24 -3.68 32.86
C GLN J 339 9.73 -2.85 31.68
N CYS J 340 8.96 -2.81 30.60
CA CYS J 340 9.14 -1.81 29.56
C CYS J 340 7.79 -1.51 28.93
N ILE J 341 7.82 -0.96 27.73
CA ILE J 341 6.60 -0.68 26.97
C ILE J 341 6.75 -1.37 25.62
N THR J 342 5.62 -1.63 24.97
CA THR J 342 5.68 -2.07 23.59
C THR J 342 6.14 -0.91 22.71
N CYS J 343 6.82 -1.24 21.63
CA CYS J 343 7.47 -0.25 20.78
C CYS J 343 7.58 -0.84 19.38
N SER J 344 7.78 0.05 18.41
CA SER J 344 7.86 -0.34 17.00
C SER J 344 9.31 -0.60 16.62
N TYR J 345 9.58 -1.82 16.19
CA TYR J 345 10.89 -2.22 15.73
C TYR J 345 10.72 -3.34 14.72
N LYS J 346 11.35 -3.18 13.55
CA LYS J 346 11.23 -4.09 12.42
C LYS J 346 9.78 -4.30 12.02
N ALA J 347 9.01 -3.19 12.05
CA ALA J 347 7.55 -3.18 11.87
C ALA J 347 6.86 -4.18 12.80
N SER J 348 7.24 -4.15 14.08
CA SER J 348 6.62 -5.03 15.07
C SER J 348 6.49 -4.28 16.38
N SER J 349 5.31 -4.31 16.97
CA SER J 349 5.09 -3.79 18.31
C SER J 349 5.43 -4.86 19.32
N GLY J 350 6.40 -4.58 20.19
CA GLY J 350 6.84 -5.59 21.13
C GLY J 350 7.56 -5.00 22.32
N LEU J 351 7.90 -5.87 23.25
CA LEU J 351 8.42 -5.48 24.54
C LEU J 351 9.95 -5.59 24.58
N LEU J 352 10.59 -4.44 24.80
CA LEU J 352 12.05 -4.33 24.82
C LEU J 352 12.53 -4.60 26.23
N TYR J 353 12.76 -5.87 26.55
CA TYR J 353 13.20 -6.19 27.91
C TYR J 353 14.71 -6.14 28.00
N PRO J 354 15.27 -5.34 28.90
CA PRO J 354 16.72 -5.34 29.09
C PRO J 354 17.20 -6.64 29.69
N LEU J 355 18.50 -6.88 29.57
CA LEU J 355 19.11 -8.08 30.11
C LEU J 355 20.38 -7.72 30.87
N GLU J 356 20.90 -8.71 31.61
CA GLU J 356 22.19 -8.55 32.27
C GLU J 356 23.32 -8.39 31.27
N ARG J 357 23.25 -9.12 30.16
CA ARG J 357 24.24 -9.04 29.10
C ARG J 357 23.59 -8.68 27.77
N GLY J 358 22.72 -7.69 27.77
CA GLY J 358 22.18 -7.20 26.52
C GLY J 358 20.73 -6.80 26.67
N PHE J 359 19.96 -7.19 25.66
CA PHE J 359 18.55 -6.86 25.53
C PHE J 359 17.87 -8.03 24.86
N ILE J 360 16.54 -8.05 24.91
CA ILE J 360 15.76 -9.09 24.25
C ILE J 360 14.45 -8.47 23.76
N TYR J 361 13.96 -8.95 22.62
CA TYR J 361 12.74 -8.41 22.03
C TYR J 361 11.60 -9.44 21.98
N VAL J 362 10.39 -8.95 21.70
CA VAL J 362 9.20 -9.78 21.61
C VAL J 362 8.09 -8.96 20.95
N HIS J 363 7.54 -9.46 19.85
CA HIS J 363 7.54 -10.89 19.53
C HIS J 363 8.03 -11.15 18.11
N LYS J 364 8.41 -10.09 17.40
CA LYS J 364 8.89 -10.23 16.03
C LYS J 364 10.13 -9.38 15.77
N PRO J 365 11.31 -10.04 15.71
CA PRO J 365 11.49 -11.41 16.19
C PRO J 365 12.23 -11.41 17.53
N PRO J 366 12.91 -12.52 17.84
CA PRO J 366 13.67 -12.65 19.09
C PRO J 366 15.05 -12.01 18.94
N VAL J 367 15.07 -10.68 18.90
CA VAL J 367 16.32 -9.95 18.75
C VAL J 367 17.11 -9.84 20.05
N HIS J 368 18.12 -10.70 20.19
CA HIS J 368 18.98 -10.70 21.37
C HIS J 368 20.17 -9.77 21.11
N ILE J 369 20.31 -8.75 21.94
CA ILE J 369 21.41 -7.80 21.88
C ILE J 369 22.36 -8.12 23.01
N ARG J 370 23.66 -8.05 22.75
CA ARG J 370 24.67 -8.22 23.79
C ARG J 370 25.16 -6.85 24.26
N PHE J 371 25.60 -6.80 25.52
CA PHE J 371 26.29 -5.61 26.00
C PHE J 371 27.73 -5.55 25.55
N ASP J 372 28.39 -6.72 25.42
CA ASP J 372 29.78 -6.72 24.98
C ASP J 372 29.92 -6.65 23.46
N GLU J 373 28.86 -6.30 22.72
CA GLU J 373 28.99 -5.93 21.33
C GLU J 373 28.70 -4.45 21.07
N ILE J 374 27.96 -3.78 21.94
CA ILE J 374 27.49 -2.42 21.66
C ILE J 374 28.66 -1.44 21.68
N SER J 375 28.96 -0.88 20.50
CA SER J 375 29.86 0.25 20.43
C SER J 375 29.25 1.45 21.12
N PHE J 376 28.05 1.85 20.70
CA PHE J 376 27.36 2.97 21.32
C PHE J 376 25.87 2.84 21.04
N VAL J 377 25.08 3.61 21.79
CA VAL J 377 23.70 3.88 21.42
C VAL J 377 23.70 5.24 20.76
N ASN J 378 22.69 5.49 19.94
CA ASN J 378 22.57 6.80 19.31
C ASN J 378 21.10 7.13 19.12
N PHE J 379 20.84 8.43 19.01
CA PHE J 379 19.50 8.95 19.25
C PHE J 379 18.93 9.50 17.96
N ALA J 380 17.63 9.29 17.76
CA ALA J 380 16.89 9.99 16.72
C ALA J 380 15.72 10.65 17.41
N ARG J 381 15.88 11.92 17.77
CA ARG J 381 14.96 12.57 18.68
C ARG J 381 13.72 13.05 17.95
N GLY J 382 12.58 12.44 18.27
CA GLY J 382 11.32 12.79 17.66
C GLY J 382 10.66 13.99 18.33
N THR J 383 9.38 14.21 18.02
CA THR J 383 8.73 15.42 18.50
C THR J 383 7.55 15.16 19.43
N THR J 384 6.56 14.38 18.98
CA THR J 384 5.29 14.31 19.69
C THR J 384 5.35 13.35 20.87
N THR J 385 4.57 13.68 21.91
CA THR J 385 4.49 12.90 23.14
C THR J 385 3.91 11.51 22.93
N THR J 386 3.16 11.31 21.84
CA THR J 386 2.69 9.98 21.45
C THR J 386 3.75 9.21 20.68
N ARG J 387 4.83 8.88 21.39
CA ARG J 387 5.88 7.94 20.99
C ARG J 387 6.61 8.33 19.71
N SER J 388 7.42 9.38 19.76
CA SER J 388 8.19 9.77 18.59
C SER J 388 9.70 9.65 18.75
N PHE J 389 10.22 9.57 19.98
CA PHE J 389 11.65 9.34 20.17
C PHE J 389 12.05 7.97 19.63
N ASP J 390 13.27 7.90 19.09
CA ASP J 390 13.76 6.69 18.47
C ASP J 390 15.15 6.40 19.03
N PHE J 391 15.39 5.15 19.37
CA PHE J 391 16.57 4.78 20.15
C PHE J 391 17.33 3.69 19.40
N GLU J 392 18.30 4.08 18.57
CA GLU J 392 19.07 3.11 17.81
C GLU J 392 20.34 2.75 18.56
N ILE J 393 20.93 1.63 18.18
CA ILE J 393 22.16 1.12 18.81
C ILE J 393 23.09 0.65 17.69
N GLU J 394 24.29 1.21 17.61
CA GLU J 394 25.31 0.63 16.74
C GLU J 394 26.25 -0.22 17.57
N THR J 395 26.34 -1.49 17.23
CA THR J 395 27.25 -2.40 17.91
C THR J 395 28.57 -2.46 17.16
N LYS J 396 29.57 -3.07 17.80
CA LYS J 396 30.92 -3.13 17.21
C LYS J 396 31.00 -4.07 16.02
N GLN J 397 30.08 -5.02 15.90
CA GLN J 397 30.01 -5.90 14.74
C GLN J 397 29.26 -5.29 13.58
N GLY J 398 28.82 -4.03 13.72
CA GLY J 398 28.02 -3.38 12.71
C GLY J 398 26.54 -3.65 12.80
N THR J 399 26.10 -4.51 13.71
CA THR J 399 24.69 -4.83 13.85
C THR J 399 23.97 -3.69 14.54
N GLN J 400 23.27 -2.86 13.76
CA GLN J 400 22.52 -1.74 14.29
C GLN J 400 21.11 -2.19 14.60
N TYR J 401 20.59 -1.77 15.75
CA TYR J 401 19.27 -2.13 16.22
C TYR J 401 18.53 -0.82 16.45
N THR J 402 17.70 -0.43 15.48
CA THR J 402 17.12 0.92 15.44
C THR J 402 15.68 0.85 15.93
N PHE J 403 15.51 1.06 17.23
CA PHE J 403 14.20 0.99 17.86
C PHE J 403 13.46 2.32 17.69
N SER J 404 12.22 2.22 17.26
CA SER J 404 11.45 3.39 16.89
C SER J 404 10.31 3.60 17.87
N SER J 405 9.79 4.84 17.87
CA SER J 405 8.58 5.27 18.56
C SER J 405 8.59 5.04 20.07
N ILE J 406 9.43 5.76 20.80
CA ILE J 406 9.52 5.62 22.24
C ILE J 406 8.94 6.88 22.87
N GLU J 407 8.38 6.75 24.08
CA GLU J 407 7.79 7.82 24.90
C GLU J 407 8.84 8.75 25.51
N ARG J 408 8.46 9.50 26.55
CA ARG J 408 9.35 10.45 27.19
C ARG J 408 9.70 10.11 28.62
N GLU J 409 8.68 9.85 29.47
CA GLU J 409 8.90 9.45 30.85
C GLU J 409 9.54 8.08 30.97
N GLU J 410 9.50 7.29 29.89
CA GLU J 410 10.10 5.97 29.79
C GLU J 410 11.47 6.02 29.16
N TYR J 411 11.62 6.86 28.13
CA TYR J 411 12.89 7.02 27.43
C TYR J 411 13.91 7.73 28.31
N GLY J 412 13.45 8.62 29.19
CA GLY J 412 14.35 9.28 30.12
C GLY J 412 14.90 8.33 31.17
N LYS J 413 14.16 7.29 31.50
CA LYS J 413 14.66 6.26 32.39
C LYS J 413 15.54 5.26 31.66
N LEU J 414 15.16 4.92 30.42
CA LEU J 414 16.02 4.15 29.52
C LEU J 414 17.38 4.81 29.33
N PHE J 415 17.41 6.14 29.23
CA PHE J 415 18.64 6.92 29.15
C PHE J 415 19.53 6.69 30.37
N ASP J 416 18.95 6.78 31.57
CA ASP J 416 19.69 6.58 32.81
C ASP J 416 20.18 5.14 32.94
N PHE J 417 19.39 4.18 32.46
CA PHE J 417 19.80 2.79 32.57
C PHE J 417 20.88 2.44 31.56
N VAL J 418 20.86 3.08 30.38
CA VAL J 418 21.93 2.93 29.40
C VAL J 418 23.23 3.54 29.91
N ASN J 419 23.15 4.73 30.52
CA ASN J 419 24.34 5.31 31.13
C ASN J 419 24.80 4.55 32.36
N ALA J 420 23.89 3.82 33.03
CA ALA J 420 24.30 2.89 34.06
C ALA J 420 25.05 1.70 33.49
N LYS J 421 24.71 1.26 32.29
CA LYS J 421 25.43 0.20 31.59
C LYS J 421 26.59 0.74 30.77
N LYS J 422 26.75 2.08 30.74
CA LYS J 422 27.85 2.79 30.09
C LYS J 422 27.92 2.50 28.60
N LEU J 423 26.75 2.39 27.97
CA LEU J 423 26.65 2.23 26.53
C LEU J 423 26.67 3.63 25.93
N ASN J 424 27.67 3.90 25.09
CA ASN J 424 28.04 5.27 24.73
C ASN J 424 26.96 5.90 23.86
N ILE J 425 26.98 7.23 23.76
CA ILE J 425 25.90 8.00 23.16
C ILE J 425 26.45 8.85 22.03
N LYS J 426 25.90 8.67 20.83
CA LYS J 426 26.12 9.57 19.71
C LYS J 426 24.80 10.29 19.46
N ASN J 427 24.87 11.48 18.86
CA ASN J 427 23.66 12.19 18.49
C ASN J 427 23.64 12.53 17.01
#